data_5W4H
# 
_entry.id   5W4H 
# 
_audit_conform.dict_name       mmcif_pdbx.dic 
_audit_conform.dict_version    5.379 
_audit_conform.dict_location   http://mmcif.pdb.org/dictionaries/ascii/mmcif_pdbx.dic 
# 
loop_
_database_2.database_id 
_database_2.database_code 
_database_2.pdbx_database_accession 
_database_2.pdbx_DOI 
PDB   5W4H         pdb_00005w4h 10.2210/pdb5w4h/pdb 
WWPDB D_1000228393 ?            ?                   
# 
_pdbx_database_status.status_code                     REL 
_pdbx_database_status.status_code_sf                  REL 
_pdbx_database_status.status_code_mr                  ? 
_pdbx_database_status.entry_id                        5W4H 
_pdbx_database_status.recvd_initial_deposition_date   2017-06-11 
_pdbx_database_status.SG_entry                        N 
_pdbx_database_status.deposit_site                    RCSB 
_pdbx_database_status.process_site                    RCSB 
_pdbx_database_status.status_code_cs                  ? 
_pdbx_database_status.methods_development_category    ? 
_pdbx_database_status.pdb_format_compatible           Y 
_pdbx_database_status.status_code_nmr_data            ? 
# 
loop_
_audit_author.name 
_audit_author.pdbx_ordinal 
_audit_author.identifier_ORCID 
'Kreutzer, A.G.' 1 ?                   
'Spencer, R.K.'  2 ?                   
'Nowick, J.S.'   3 0000-0002-2273-1029 
# 
_citation.abstract                  ? 
_citation.abstract_id_CAS           ? 
_citation.book_id_ISBN              ? 
_citation.book_publisher            ? 
_citation.book_publisher_city       ? 
_citation.book_title                ? 
_citation.coordinate_linkage        ? 
_citation.country                   US 
_citation.database_id_Medline       ? 
_citation.details                   ? 
_citation.id                        primary 
_citation.journal_abbrev            Biochemistry 
_citation.journal_id_ASTM           BICHAW 
_citation.journal_id_CSD            0033 
_citation.journal_id_ISSN           1520-4995 
_citation.journal_full              ? 
_citation.journal_issue             ? 
_citation.journal_volume            56 
_citation.language                  ? 
_citation.page_first                6061 
_citation.page_last                 6071 
_citation.title                     'A Hexamer of a Peptide Derived from A beta 16-36.' 
_citation.year                      2017 
_citation.database_id_CSD           ? 
_citation.pdbx_database_id_DOI      10.1021/acs.biochem.7b00831 
_citation.pdbx_database_id_PubMed   29028351 
_citation.unpublished_flag          ? 
# 
loop_
_citation_author.citation_id 
_citation_author.name 
_citation_author.ordinal 
_citation_author.identifier_ORCID 
primary 'Kreutzer, A.G.' 1 ? 
primary 'Spencer, R.K.'  2 ? 
primary 'McKnelly, K.J.' 3 ? 
primary 'Yoo, S.'        4 ? 
primary 'Hamza, I.L.'    5 ? 
primary 'Salveson, P.J.' 6 ? 
primary 'Nowick, J.S.'   7 ? 
# 
_cell.angle_alpha                  90.00 
_cell.angle_alpha_esd              ? 
_cell.angle_beta                   90.00 
_cell.angle_beta_esd               ? 
_cell.angle_gamma                  90.00 
_cell.angle_gamma_esd              ? 
_cell.entry_id                     5W4H 
_cell.details                      ? 
_cell.formula_units_Z              ? 
_cell.length_a                     67.540 
_cell.length_a_esd                 ? 
_cell.length_b                     67.540 
_cell.length_b_esd                 ? 
_cell.length_c                     67.540 
_cell.length_c_esd                 ? 
_cell.volume                       ? 
_cell.volume_esd                   ? 
_cell.Z_PDB                        72 
_cell.reciprocal_angle_alpha       ? 
_cell.reciprocal_angle_beta        ? 
_cell.reciprocal_angle_gamma       ? 
_cell.reciprocal_angle_alpha_esd   ? 
_cell.reciprocal_angle_beta_esd    ? 
_cell.reciprocal_angle_gamma_esd   ? 
_cell.reciprocal_length_a          ? 
_cell.reciprocal_length_b          ? 
_cell.reciprocal_length_c          ? 
_cell.reciprocal_length_a_esd      ? 
_cell.reciprocal_length_b_esd      ? 
_cell.reciprocal_length_c_esd      ? 
_cell.pdbx_unique_axis             ? 
# 
_symmetry.entry_id                         5W4H 
_symmetry.cell_setting                     ? 
_symmetry.Int_Tables_number                207 
_symmetry.space_group_name_Hall            ? 
_symmetry.space_group_name_H-M             'P 4 3 2' 
_symmetry.pdbx_full_space_group_name_H-M   ? 
# 
loop_
_entity.id 
_entity.type 
_entity.src_method 
_entity.pdbx_description 
_entity.formula_weight 
_entity.pdbx_number_of_molecules 
_entity.pdbx_ec 
_entity.pdbx_mutation 
_entity.pdbx_fragment 
_entity.details 
1 polymer syn 'A-beta 17_36 peptide: ORN-LYS-LEU-VAL-MEA-PHE-ALA-GLU-ORN-ALA-ILE-ILE-GLY-LEU-MET-VAL' 1794.271 3  ? ? ? ? 
2 water   nat water                                                                                   18.015   33 ? ? ? ? 
# 
_entity_poly.entity_id                      1 
_entity_poly.type                           'polypeptide(L)' 
_entity_poly.nstd_linkage                   no 
_entity_poly.nstd_monomer                   yes 
_entity_poly.pdbx_seq_one_letter_code       '(ORN)KLV(MEA)FAE(ORN)AIIGLMV' 
_entity_poly.pdbx_seq_one_letter_code_can   AKLVFFAEAAIIGLMV 
_entity_poly.pdbx_strand_id                 A,B,C 
_entity_poly.pdbx_target_identifier         ? 
# 
loop_
_entity_poly_seq.entity_id 
_entity_poly_seq.num 
_entity_poly_seq.mon_id 
_entity_poly_seq.hetero 
1 1  ORN n 
1 2  LYS n 
1 3  LEU n 
1 4  VAL n 
1 5  MEA n 
1 6  PHE n 
1 7  ALA n 
1 8  GLU n 
1 9  ORN n 
1 10 ALA n 
1 11 ILE n 
1 12 ILE n 
1 13 GLY n 
1 14 LEU n 
1 15 MET n 
1 16 VAL n 
# 
_pdbx_entity_src_syn.entity_id              1 
_pdbx_entity_src_syn.pdbx_src_id            1 
_pdbx_entity_src_syn.pdbx_alt_source_flag   sample 
_pdbx_entity_src_syn.pdbx_beg_seq_num       1 
_pdbx_entity_src_syn.pdbx_end_seq_num       16 
_pdbx_entity_src_syn.organism_scientific    'Homo sapiens' 
_pdbx_entity_src_syn.organism_common_name   ? 
_pdbx_entity_src_syn.ncbi_taxonomy_id       9606 
_pdbx_entity_src_syn.details                ? 
# 
_struct_ref.id                         1 
_struct_ref.db_name                    PDB 
_struct_ref.db_code                    5W4H 
_struct_ref.pdbx_db_accession          5W4H 
_struct_ref.pdbx_db_isoform            ? 
_struct_ref.entity_id                  1 
_struct_ref.pdbx_seq_one_letter_code   ? 
_struct_ref.pdbx_align_begin           1 
# 
loop_
_struct_ref_seq.align_id 
_struct_ref_seq.ref_id 
_struct_ref_seq.pdbx_PDB_id_code 
_struct_ref_seq.pdbx_strand_id 
_struct_ref_seq.seq_align_beg 
_struct_ref_seq.pdbx_seq_align_beg_ins_code 
_struct_ref_seq.seq_align_end 
_struct_ref_seq.pdbx_seq_align_end_ins_code 
_struct_ref_seq.pdbx_db_accession 
_struct_ref_seq.db_align_beg 
_struct_ref_seq.pdbx_db_align_beg_ins_code 
_struct_ref_seq.db_align_end 
_struct_ref_seq.pdbx_db_align_end_ins_code 
_struct_ref_seq.pdbx_auth_seq_align_beg 
_struct_ref_seq.pdbx_auth_seq_align_end 
1 1 5W4H A 1 ? 16 ? 5W4H 1 ? 16 ? 1 16 
2 1 5W4H B 1 ? 16 ? 5W4H 1 ? 16 ? 1 16 
3 1 5W4H C 1 ? 16 ? 5W4H 1 ? 16 ? 1 16 
# 
loop_
_chem_comp.id 
_chem_comp.type 
_chem_comp.mon_nstd_flag 
_chem_comp.name 
_chem_comp.pdbx_synonyms 
_chem_comp.formula 
_chem_comp.formula_weight 
ALA 'L-peptide linking' y ALANINE               ? 'C3 H7 N O2'     89.093  
GLU 'L-peptide linking' y 'GLUTAMIC ACID'       ? 'C5 H9 N O4'     147.129 
GLY 'peptide linking'   y GLYCINE               ? 'C2 H5 N O2'     75.067  
HOH non-polymer         . WATER                 ? 'H2 O'           18.015  
ILE 'L-peptide linking' y ISOLEUCINE            ? 'C6 H13 N O2'    131.173 
LEU 'L-peptide linking' y LEUCINE               ? 'C6 H13 N O2'    131.173 
LYS 'L-peptide linking' y LYSINE                ? 'C6 H15 N2 O2 1' 147.195 
MEA 'L-peptide linking' n N-METHYLPHENYLALANINE ? 'C10 H13 N O2'   179.216 
MET 'L-peptide linking' y METHIONINE            ? 'C5 H11 N O2 S'  149.211 
ORN 'L-peptide linking' n L-ornithine           ? 'C5 H12 N2 O2'   132.161 
PHE 'L-peptide linking' y PHENYLALANINE         ? 'C9 H11 N O2'    165.189 
VAL 'L-peptide linking' y VALINE                ? 'C5 H11 N O2'    117.146 
# 
_exptl.absorpt_coefficient_mu     ? 
_exptl.absorpt_correction_T_max   ? 
_exptl.absorpt_correction_T_min   ? 
_exptl.absorpt_correction_type    ? 
_exptl.absorpt_process_details    ? 
_exptl.entry_id                   5W4H 
_exptl.crystals_number            1 
_exptl.details                    ? 
_exptl.method                     'X-RAY DIFFRACTION' 
_exptl.method_details             ? 
# 
_exptl_crystal.colour                      ? 
_exptl_crystal.density_diffrn              ? 
_exptl_crystal.density_Matthews            2.38 
_exptl_crystal.density_method              ? 
_exptl_crystal.density_percent_sol         48.42 
_exptl_crystal.description                 ? 
_exptl_crystal.F_000                       ? 
_exptl_crystal.id                          1 
_exptl_crystal.preparation                 ? 
_exptl_crystal.size_max                    ? 
_exptl_crystal.size_mid                    ? 
_exptl_crystal.size_min                    ? 
_exptl_crystal.size_rad                    ? 
_exptl_crystal.colour_lustre               ? 
_exptl_crystal.colour_modifier             ? 
_exptl_crystal.colour_primary              ? 
_exptl_crystal.density_meas                ? 
_exptl_crystal.density_meas_esd            ? 
_exptl_crystal.density_meas_gt             ? 
_exptl_crystal.density_meas_lt             ? 
_exptl_crystal.density_meas_temp           ? 
_exptl_crystal.density_meas_temp_esd       ? 
_exptl_crystal.density_meas_temp_gt        ? 
_exptl_crystal.density_meas_temp_lt        ? 
_exptl_crystal.pdbx_crystal_image_url      ? 
_exptl_crystal.pdbx_crystal_image_format   ? 
_exptl_crystal.pdbx_mosaicity              ? 
_exptl_crystal.pdbx_mosaicity_esd          ? 
# 
_exptl_crystal_grow.apparatus       ? 
_exptl_crystal_grow.atmosphere      ? 
_exptl_crystal_grow.crystal_id      1 
_exptl_crystal_grow.details         ? 
_exptl_crystal_grow.method          'VAPOR DIFFUSION, HANGING DROP' 
_exptl_crystal_grow.method_ref      ? 
_exptl_crystal_grow.pH              7.5 
_exptl_crystal_grow.pressure        ? 
_exptl_crystal_grow.pressure_esd    ? 
_exptl_crystal_grow.seeding         ? 
_exptl_crystal_grow.seeding_ref     ? 
_exptl_crystal_grow.temp            296.15 
_exptl_crystal_grow.temp_details    ? 
_exptl_crystal_grow.temp_esd        ? 
_exptl_crystal_grow.time            ? 
_exptl_crystal_grow.pdbx_details    '0.1 M HEPES buffer (pH 7.0), 0.25 M magnesium chloride, 34% isopropanol' 
_exptl_crystal_grow.pdbx_pH_range   7.0-8.5 
# 
_diffrn.ambient_environment    ? 
_diffrn.ambient_temp           100 
_diffrn.ambient_temp_details   ? 
_diffrn.ambient_temp_esd       ? 
_diffrn.crystal_id             1 
_diffrn.crystal_support        ? 
_diffrn.crystal_treatment      ? 
_diffrn.details                ? 
_diffrn.id                     1 
_diffrn.ambient_pressure       ? 
_diffrn.ambient_pressure_esd   ? 
_diffrn.ambient_pressure_gt    ? 
_diffrn.ambient_pressure_lt    ? 
_diffrn.ambient_temp_gt        ? 
_diffrn.ambient_temp_lt        ? 
# 
_diffrn_detector.details                      ? 
_diffrn_detector.detector                     CCD 
_diffrn_detector.diffrn_id                    1 
_diffrn_detector.type                         'ADSC QUANTUM 315r' 
_diffrn_detector.area_resol_mean              ? 
_diffrn_detector.dtime                        ? 
_diffrn_detector.pdbx_frames_total            ? 
_diffrn_detector.pdbx_collection_time_total   ? 
_diffrn_detector.pdbx_collection_date         2015-05-02 
# 
_diffrn_radiation.collimation                      ? 
_diffrn_radiation.diffrn_id                        1 
_diffrn_radiation.filter_edge                      ? 
_diffrn_radiation.inhomogeneity                    ? 
_diffrn_radiation.monochromator                    'Si(111)' 
_diffrn_radiation.polarisn_norm                    ? 
_diffrn_radiation.polarisn_ratio                   ? 
_diffrn_radiation.probe                            ? 
_diffrn_radiation.type                             ? 
_diffrn_radiation.xray_symbol                      ? 
_diffrn_radiation.wavelength_id                    1 
_diffrn_radiation.pdbx_monochromatic_or_laue_m_l   M 
_diffrn_radiation.pdbx_wavelength_list             ? 
_diffrn_radiation.pdbx_wavelength                  ? 
_diffrn_radiation.pdbx_diffrn_protocol             'SINGLE WAVELENGTH' 
_diffrn_radiation.pdbx_analyzer                    ? 
_diffrn_radiation.pdbx_scattering_type             x-ray 
# 
_diffrn_radiation_wavelength.id           1 
_diffrn_radiation_wavelength.wavelength   0.998 
_diffrn_radiation_wavelength.wt           1.0 
# 
_diffrn_source.current                     ? 
_diffrn_source.details                     ? 
_diffrn_source.diffrn_id                   1 
_diffrn_source.power                       ? 
_diffrn_source.size                        ? 
_diffrn_source.source                      SYNCHROTRON 
_diffrn_source.target                      ? 
_diffrn_source.type                        'ALS BEAMLINE 8.2.1' 
_diffrn_source.voltage                     ? 
_diffrn_source.take-off_angle              ? 
_diffrn_source.pdbx_wavelength_list        0.998 
_diffrn_source.pdbx_wavelength             ? 
_diffrn_source.pdbx_synchrotron_beamline   8.2.1 
_diffrn_source.pdbx_synchrotron_site       ALS 
# 
_reflns.B_iso_Wilson_estimate            ? 
_reflns.entry_id                         5W4H 
_reflns.data_reduction_details           ? 
_reflns.data_reduction_method            ? 
_reflns.d_resolution_high                1.718 
_reflns.d_resolution_low                 67.54 
_reflns.details                          ? 
_reflns.limit_h_max                      ? 
_reflns.limit_h_min                      ? 
_reflns.limit_k_max                      ? 
_reflns.limit_k_min                      ? 
_reflns.limit_l_max                      ? 
_reflns.limit_l_min                      ? 
_reflns.number_all                       ? 
_reflns.number_obs                       6026 
_reflns.observed_criterion               ? 
_reflns.observed_criterion_F_max         ? 
_reflns.observed_criterion_F_min         ? 
_reflns.observed_criterion_I_max         ? 
_reflns.observed_criterion_I_min         ? 
_reflns.observed_criterion_sigma_F       ? 
_reflns.observed_criterion_sigma_I       ? 
_reflns.percent_possible_obs             99.34 
_reflns.R_free_details                   ? 
_reflns.Rmerge_F_all                     ? 
_reflns.Rmerge_F_obs                     ? 
_reflns.Friedel_coverage                 ? 
_reflns.number_gt                        ? 
_reflns.threshold_expression             ? 
_reflns.pdbx_redundancy                  9.5 
_reflns.pdbx_Rmerge_I_obs                0.009274 
_reflns.pdbx_Rmerge_I_all                ? 
_reflns.pdbx_Rsym_value                  ? 
_reflns.pdbx_netI_over_av_sigmaI         ? 
_reflns.pdbx_netI_over_sigmaI            19.79 
_reflns.pdbx_res_netI_over_av_sigmaI_2   ? 
_reflns.pdbx_res_netI_over_sigmaI_2      ? 
_reflns.pdbx_chi_squared                 ? 
_reflns.pdbx_scaling_rejects             ? 
_reflns.pdbx_d_res_high_opt              ? 
_reflns.pdbx_d_res_low_opt               ? 
_reflns.pdbx_d_res_opt_method            ? 
_reflns.phase_calculation_details        ? 
_reflns.pdbx_Rrim_I_all                  ? 
_reflns.pdbx_Rpim_I_all                  ? 
_reflns.pdbx_d_opt                       ? 
_reflns.pdbx_number_measured_all         ? 
_reflns.pdbx_diffrn_id                   1 
_reflns.pdbx_ordinal                     1 
_reflns.pdbx_CC_half                     ? 
_reflns.pdbx_R_split                     ? 
# 
_reflns_shell.d_res_high                  1.718 
_reflns_shell.d_res_low                   1.78 
_reflns_shell.meanI_over_sigI_all         ? 
_reflns_shell.meanI_over_sigI_obs         ? 
_reflns_shell.number_measured_all         ? 
_reflns_shell.number_measured_obs         ? 
_reflns_shell.number_possible             ? 
_reflns_shell.number_unique_all           ? 
_reflns_shell.number_unique_obs           580 
_reflns_shell.percent_possible_all        97.97 
_reflns_shell.percent_possible_obs        ? 
_reflns_shell.Rmerge_F_all                ? 
_reflns_shell.Rmerge_F_obs                ? 
_reflns_shell.Rmerge_I_all                ? 
_reflns_shell.Rmerge_I_obs                0.2266 
_reflns_shell.meanI_over_sigI_gt          ? 
_reflns_shell.meanI_over_uI_all           ? 
_reflns_shell.meanI_over_uI_gt            ? 
_reflns_shell.number_measured_gt          ? 
_reflns_shell.number_unique_gt            ? 
_reflns_shell.percent_possible_gt         ? 
_reflns_shell.Rmerge_F_gt                 ? 
_reflns_shell.Rmerge_I_gt                 ? 
_reflns_shell.pdbx_redundancy             6.3 
_reflns_shell.pdbx_Rsym_value             ? 
_reflns_shell.pdbx_chi_squared            ? 
_reflns_shell.pdbx_netI_over_sigmaI_all   ? 
_reflns_shell.pdbx_netI_over_sigmaI_obs   ? 
_reflns_shell.pdbx_Rrim_I_all             ? 
_reflns_shell.pdbx_Rpim_I_all             ? 
_reflns_shell.pdbx_rejects                ? 
_reflns_shell.pdbx_ordinal                1 
_reflns_shell.pdbx_diffrn_id              1 
_reflns_shell.pdbx_CC_half                ? 
_reflns_shell.pdbx_R_split                ? 
# 
_refine.aniso_B[1][1]                            ? 
_refine.aniso_B[1][2]                            ? 
_refine.aniso_B[1][3]                            ? 
_refine.aniso_B[2][2]                            ? 
_refine.aniso_B[2][3]                            ? 
_refine.aniso_B[3][3]                            ? 
_refine.B_iso_max                                ? 
_refine.B_iso_mean                               ? 
_refine.B_iso_min                                ? 
_refine.correlation_coeff_Fo_to_Fc               ? 
_refine.correlation_coeff_Fo_to_Fc_free          ? 
_refine.details                                  ? 
_refine.diff_density_max                         ? 
_refine.diff_density_max_esd                     ? 
_refine.diff_density_min                         ? 
_refine.diff_density_min_esd                     ? 
_refine.diff_density_rms                         ? 
_refine.diff_density_rms_esd                     ? 
_refine.entry_id                                 5W4H 
_refine.pdbx_refine_id                           'X-RAY DIFFRACTION' 
_refine.ls_abs_structure_details                 ? 
_refine.ls_abs_structure_Flack                   ? 
_refine.ls_abs_structure_Flack_esd               ? 
_refine.ls_abs_structure_Rogers                  ? 
_refine.ls_abs_structure_Rogers_esd              ? 
_refine.ls_d_res_high                            1.718 
_refine.ls_d_res_low                             67.540 
_refine.ls_extinction_coef                       ? 
_refine.ls_extinction_coef_esd                   ? 
_refine.ls_extinction_expression                 ? 
_refine.ls_extinction_method                     ? 
_refine.ls_goodness_of_fit_all                   ? 
_refine.ls_goodness_of_fit_all_esd               ? 
_refine.ls_goodness_of_fit_obs                   ? 
_refine.ls_goodness_of_fit_obs_esd               ? 
_refine.ls_hydrogen_treatment                    ? 
_refine.ls_matrix_type                           ? 
_refine.ls_number_constraints                    ? 
_refine.ls_number_parameters                     ? 
_refine.ls_number_reflns_all                     ? 
_refine.ls_number_reflns_obs                     6025 
_refine.ls_number_reflns_R_free                  603 
_refine.ls_number_reflns_R_work                  ? 
_refine.ls_number_restraints                     ? 
_refine.ls_percent_reflns_obs                    99.24 
_refine.ls_percent_reflns_R_free                 10.01 
_refine.ls_R_factor_all                          ? 
_refine.ls_R_factor_obs                          0.2058 
_refine.ls_R_factor_R_free                       0.2371 
_refine.ls_R_factor_R_free_error                 ? 
_refine.ls_R_factor_R_free_error_details         ? 
_refine.ls_R_factor_R_work                       0.2023 
_refine.ls_R_Fsqd_factor_obs                     ? 
_refine.ls_R_I_factor_obs                        ? 
_refine.ls_redundancy_reflns_all                 ? 
_refine.ls_redundancy_reflns_obs                 ? 
_refine.ls_restrained_S_all                      ? 
_refine.ls_restrained_S_obs                      ? 
_refine.ls_shift_over_esd_max                    ? 
_refine.ls_shift_over_esd_mean                   ? 
_refine.ls_structure_factor_coef                 ? 
_refine.ls_weighting_details                     ? 
_refine.ls_weighting_scheme                      ? 
_refine.ls_wR_factor_all                         ? 
_refine.ls_wR_factor_obs                         ? 
_refine.ls_wR_factor_R_free                      ? 
_refine.ls_wR_factor_R_work                      ? 
_refine.occupancy_max                            ? 
_refine.occupancy_min                            ? 
_refine.solvent_model_details                    ? 
_refine.solvent_model_param_bsol                 ? 
_refine.solvent_model_param_ksol                 ? 
_refine.ls_R_factor_gt                           ? 
_refine.ls_goodness_of_fit_gt                    ? 
_refine.ls_goodness_of_fit_ref                   ? 
_refine.ls_shift_over_su_max                     ? 
_refine.ls_shift_over_su_max_lt                  ? 
_refine.ls_shift_over_su_mean                    ? 
_refine.ls_shift_over_su_mean_lt                 ? 
_refine.pdbx_ls_sigma_I                          ? 
_refine.pdbx_ls_sigma_F                          1.34 
_refine.pdbx_ls_sigma_Fsqd                       ? 
_refine.pdbx_data_cutoff_high_absF               ? 
_refine.pdbx_data_cutoff_high_rms_absF           ? 
_refine.pdbx_data_cutoff_low_absF                ? 
_refine.pdbx_isotropic_thermal_model             ? 
_refine.pdbx_ls_cross_valid_method               'FREE R-VALUE' 
_refine.pdbx_method_to_determine_struct          'MOLECULAR REPLACEMENT' 
_refine.pdbx_starting_model                      5W4I 
_refine.pdbx_stereochemistry_target_values       ? 
_refine.pdbx_R_Free_selection_details            ? 
_refine.pdbx_stereochem_target_val_spec_case     ? 
_refine.pdbx_overall_ESU_R                       ? 
_refine.pdbx_overall_ESU_R_Free                  ? 
_refine.pdbx_solvent_vdw_probe_radii             1.11 
_refine.pdbx_solvent_ion_probe_radii             ? 
_refine.pdbx_solvent_shrinkage_radii             0.90 
_refine.pdbx_real_space_R                        ? 
_refine.pdbx_density_correlation                 ? 
_refine.pdbx_pd_number_of_powder_patterns        ? 
_refine.pdbx_pd_number_of_points                 ? 
_refine.pdbx_pd_meas_number_of_points            ? 
_refine.pdbx_pd_proc_ls_prof_R_factor            ? 
_refine.pdbx_pd_proc_ls_prof_wR_factor           ? 
_refine.pdbx_pd_Marquardt_correlation_coeff      ? 
_refine.pdbx_pd_Fsqrd_R_factor                   ? 
_refine.pdbx_pd_ls_matrix_band_width             ? 
_refine.pdbx_overall_phase_error                 28.15 
_refine.pdbx_overall_SU_R_free_Cruickshank_DPI   ? 
_refine.pdbx_overall_SU_R_free_Blow_DPI          ? 
_refine.pdbx_overall_SU_R_Blow_DPI               ? 
_refine.pdbx_TLS_residual_ADP_flag               ? 
_refine.pdbx_diffrn_id                           1 
_refine.overall_SU_B                             ? 
_refine.overall_SU_ML                            0.23 
_refine.overall_SU_R_Cruickshank_DPI             ? 
_refine.overall_SU_R_free                        ? 
_refine.overall_FOM_free_R_set                   ? 
_refine.overall_FOM_work_R_set                   ? 
_refine.pdbx_average_fsc_overall                 ? 
_refine.pdbx_average_fsc_work                    ? 
_refine.pdbx_average_fsc_free                    ? 
# 
_refine_hist.pdbx_refine_id                   'X-RAY DIFFRACTION' 
_refine_hist.cycle_id                         LAST 
_refine_hist.pdbx_number_atoms_protein        375 
_refine_hist.pdbx_number_atoms_nucleic_acid   0 
_refine_hist.pdbx_number_atoms_ligand         0 
_refine_hist.number_atoms_solvent             33 
_refine_hist.number_atoms_total               408 
_refine_hist.d_res_high                       1.718 
_refine_hist.d_res_low                        67.540 
# 
loop_
_refine_ls_restr.pdbx_refine_id 
_refine_ls_restr.criterion 
_refine_ls_restr.dev_ideal 
_refine_ls_restr.dev_ideal_target 
_refine_ls_restr.number 
_refine_ls_restr.rejects 
_refine_ls_restr.type 
_refine_ls_restr.weight 
_refine_ls_restr.pdbx_restraint_function 
'X-RAY DIFFRACTION' ? 0.015  ? 381 ? f_bond_d           ? ? 
'X-RAY DIFFRACTION' ? 1.826  ? 501 ? f_angle_d          ? ? 
'X-RAY DIFFRACTION' ? 29.113 ? 243 ? f_dihedral_angle_d ? ? 
'X-RAY DIFFRACTION' ? 0.085  ? 63  ? f_chiral_restr     ? ? 
'X-RAY DIFFRACTION' ? 0.011  ? 57  ? f_plane_restr      ? ? 
# 
loop_
_refine_ls_shell.pdbx_refine_id 
_refine_ls_shell.d_res_high 
_refine_ls_shell.d_res_low 
_refine_ls_shell.number_reflns_all 
_refine_ls_shell.number_reflns_obs 
_refine_ls_shell.number_reflns_R_free 
_refine_ls_shell.number_reflns_R_work 
_refine_ls_shell.percent_reflns_obs 
_refine_ls_shell.percent_reflns_R_free 
_refine_ls_shell.R_factor_all 
_refine_ls_shell.R_factor_obs 
_refine_ls_shell.R_factor_R_free 
_refine_ls_shell.R_factor_R_free_error 
_refine_ls_shell.R_factor_R_work 
_refine_ls_shell.redundancy_reflns_all 
_refine_ls_shell.redundancy_reflns_obs 
_refine_ls_shell.wR_factor_all 
_refine_ls_shell.wR_factor_obs 
_refine_ls_shell.wR_factor_R_free 
_refine_ls_shell.wR_factor_R_work 
_refine_ls_shell.pdbx_total_number_of_bins_used 
_refine_ls_shell.pdbx_phase_error 
_refine_ls_shell.pdbx_fsc_work 
_refine_ls_shell.pdbx_fsc_free 
'X-RAY DIFFRACTION' 1.7177 1.8906  . . 144 1297 99.00  . . . 0.3375 . 0.2691 . . . . . . . . . . 
'X-RAY DIFFRACTION' 1.8906 2.1642  . . 148 1327 100.00 . . . 0.2518 . 0.2018 . . . . . . . . . . 
'X-RAY DIFFRACTION' 2.1642 2.7267  . . 150 1349 100.00 . . . 0.2339 . 0.2290 . . . . . . . . . . 
'X-RAY DIFFRACTION' 2.7267 67.5920 . . 161 1449 99.00  . . . 0.2267 . 0.1889 . . . . . . . . . . 
# 
_struct.entry_id                     5W4H 
_struct.title                        
;X-ray crystallographic structure of a beta-hairpin peptide mimic derived from Abeta 16-36. Synchrotron data set. (ORN)KLV(MEA)FAE(ORN)AIIGLMV.
;
_struct.pdbx_model_details           ? 
_struct.pdbx_formula_weight          ? 
_struct.pdbx_formula_weight_method   ? 
_struct.pdbx_model_type_details      ? 
_struct.pdbx_CASP_flag               N 
# 
_struct_keywords.entry_id        5W4H 
_struct_keywords.text            
;amyloid, oligomer, Alzheimer's, trimer, PROTEIN FIBRIL, DE NOVO PROTEIN
;
_struct_keywords.pdbx_keywords   'DE NOVO PROTEIN' 
# 
loop_
_struct_asym.id 
_struct_asym.pdbx_blank_PDB_chainid_flag 
_struct_asym.pdbx_modified 
_struct_asym.entity_id 
_struct_asym.details 
A N N 1 ? 
B N N 1 ? 
C N N 1 ? 
D N N 2 ? 
E N N 2 ? 
F N N 2 ? 
# 
loop_
_struct_conn.id 
_struct_conn.conn_type_id 
_struct_conn.pdbx_leaving_atom_flag 
_struct_conn.pdbx_PDB_id 
_struct_conn.ptnr1_label_asym_id 
_struct_conn.ptnr1_label_comp_id 
_struct_conn.ptnr1_label_seq_id 
_struct_conn.ptnr1_label_atom_id 
_struct_conn.pdbx_ptnr1_label_alt_id 
_struct_conn.pdbx_ptnr1_PDB_ins_code 
_struct_conn.pdbx_ptnr1_standard_comp_id 
_struct_conn.ptnr1_symmetry 
_struct_conn.ptnr2_label_asym_id 
_struct_conn.ptnr2_label_comp_id 
_struct_conn.ptnr2_label_seq_id 
_struct_conn.ptnr2_label_atom_id 
_struct_conn.pdbx_ptnr2_label_alt_id 
_struct_conn.pdbx_ptnr2_PDB_ins_code 
_struct_conn.ptnr1_auth_asym_id 
_struct_conn.ptnr1_auth_comp_id 
_struct_conn.ptnr1_auth_seq_id 
_struct_conn.ptnr2_auth_asym_id 
_struct_conn.ptnr2_auth_comp_id 
_struct_conn.ptnr2_auth_seq_id 
_struct_conn.ptnr2_symmetry 
_struct_conn.pdbx_ptnr3_label_atom_id 
_struct_conn.pdbx_ptnr3_label_seq_id 
_struct_conn.pdbx_ptnr3_label_comp_id 
_struct_conn.pdbx_ptnr3_label_asym_id 
_struct_conn.pdbx_ptnr3_label_alt_id 
_struct_conn.pdbx_ptnr3_PDB_ins_code 
_struct_conn.details 
_struct_conn.pdbx_dist_value 
_struct_conn.pdbx_value_order 
_struct_conn.pdbx_role 
covale1  covale both ? A ORN 1 C  ? ? ? 1_555 A LYS 2  N  ? ? A ORN 1 A LYS 2  1_555 ? ? ? ? ? ? ? 1.368 ? ? 
covale2  covale both ? A ORN 1 NE ? ? ? 1_555 A VAL 16 C  ? ? A ORN 1 A VAL 16 1_555 ? ? ? ? ? ? ? 1.377 ? ? 
covale3  covale both ? A VAL 4 C  ? ? ? 1_555 A MEA 5  N  ? ? A VAL 4 A MEA 5  1_555 ? ? ? ? ? ? ? 1.332 ? ? 
covale4  covale both ? A MEA 5 C  ? ? ? 1_555 A PHE 6  N  ? ? A MEA 5 A PHE 6  1_555 ? ? ? ? ? ? ? 1.335 ? ? 
covale5  covale both ? A GLU 8 C  ? ? ? 1_555 A ORN 9  NE ? ? A GLU 8 A ORN 9  1_555 ? ? ? ? ? ? ? 1.371 ? ? 
covale6  covale both ? A ORN 9 C  ? ? ? 1_555 A ALA 10 N  ? ? A ORN 9 A ALA 10 1_555 ? ? ? ? ? ? ? 1.367 ? ? 
covale7  covale both ? B ORN 1 C  ? ? ? 1_555 B LYS 2  N  ? ? B ORN 1 B LYS 2  1_555 ? ? ? ? ? ? ? 1.370 ? ? 
covale8  covale both ? B ORN 1 NE ? ? ? 1_555 B VAL 16 C  ? ? B ORN 1 B VAL 16 1_555 ? ? ? ? ? ? ? 1.369 ? ? 
covale9  covale both ? B VAL 4 C  ? ? ? 1_555 B MEA 5  N  ? ? B VAL 4 B MEA 5  1_555 ? ? ? ? ? ? ? 1.337 ? ? 
covale10 covale both ? B MEA 5 C  ? ? ? 1_555 B PHE 6  N  ? ? B MEA 5 B PHE 6  1_555 ? ? ? ? ? ? ? 1.328 ? ? 
covale11 covale both ? B GLU 8 C  ? ? ? 1_555 B ORN 9  NE ? ? B GLU 8 B ORN 9  1_555 ? ? ? ? ? ? ? 1.378 ? ? 
covale12 covale both ? B ORN 9 C  ? ? ? 1_555 B ALA 10 N  ? ? B ORN 9 B ALA 10 1_555 ? ? ? ? ? ? ? 1.367 ? ? 
covale13 covale both ? C ORN 1 C  ? ? ? 1_555 C LYS 2  N  ? ? C ORN 1 C LYS 2  1_555 ? ? ? ? ? ? ? 1.378 ? ? 
covale14 covale both ? C ORN 1 NE ? ? ? 1_555 C VAL 16 C  ? ? C ORN 1 C VAL 16 1_555 ? ? ? ? ? ? ? 1.376 ? ? 
covale15 covale both ? C VAL 4 C  ? ? ? 1_555 C MEA 5  N  ? ? C VAL 4 C MEA 5  1_555 ? ? ? ? ? ? ? 1.336 ? ? 
covale16 covale both ? C MEA 5 C  ? ? ? 1_555 C PHE 6  N  ? ? C MEA 5 C PHE 6  1_555 ? ? ? ? ? ? ? 1.341 ? ? 
covale17 covale both ? C GLU 8 C  ? ? ? 1_555 C ORN 9  NE ? ? C GLU 8 C ORN 9  1_555 ? ? ? ? ? ? ? 1.378 ? ? 
covale18 covale both ? C ORN 9 C  ? ? ? 1_555 C ALA 10 N  ? ? C ORN 9 C ALA 10 1_555 ? ? ? ? ? ? ? 1.370 ? ? 
# 
_struct_conn_type.id          covale 
_struct_conn_type.criteria    ? 
_struct_conn_type.reference   ? 
# 
loop_
_struct_sheet.id 
_struct_sheet.type 
_struct_sheet.number_strands 
_struct_sheet.details 
AA1 ? 5 ? 
AA2 ? 4 ? 
# 
loop_
_struct_sheet_order.sheet_id 
_struct_sheet_order.range_id_1 
_struct_sheet_order.range_id_2 
_struct_sheet_order.offset 
_struct_sheet_order.sense 
AA1 1 2 ? anti-parallel 
AA1 2 3 ? anti-parallel 
AA1 3 4 ? anti-parallel 
AA2 1 2 ? anti-parallel 
AA2 2 3 ? anti-parallel 
AA2 3 4 ? anti-parallel 
# 
loop_
_struct_sheet_range.sheet_id 
_struct_sheet_range.id 
_struct_sheet_range.beg_label_comp_id 
_struct_sheet_range.beg_label_asym_id 
_struct_sheet_range.beg_label_seq_id 
_struct_sheet_range.pdbx_beg_PDB_ins_code 
_struct_sheet_range.end_label_comp_id 
_struct_sheet_range.end_label_asym_id 
_struct_sheet_range.end_label_seq_id 
_struct_sheet_range.pdbx_end_PDB_ins_code 
_struct_sheet_range.beg_auth_comp_id 
_struct_sheet_range.beg_auth_asym_id 
_struct_sheet_range.beg_auth_seq_id 
_struct_sheet_range.end_auth_comp_id 
_struct_sheet_range.end_auth_asym_id 
_struct_sheet_range.end_auth_seq_id 
AA1 1 ILE B 11 ? VAL B 16 ? ILE B 11 VAL B 16 
AA1 2 LYS B 2  ? ALA B 7  ? LYS B 2  ALA B 7  
AA1 3 LYS C 2  ? ALA C 7  ? LYS C 2  ALA C 7  
AA1 4 ILE C 11 ? VAL C 16 ? ILE C 11 VAL C 16 
AA1 5 ILE A 11 ? VAL A 16 ? ILE A 11 VAL A 16 
AA2 1 ILE B 11 ? VAL B 16 ? ILE B 11 VAL B 16 
AA2 2 LYS B 2  ? ALA B 7  ? LYS B 2  ALA B 7  
AA2 3 LYS A 2  ? ALA A 7  ? LYS A 2  ALA A 7  
AA2 4 ILE A 11 ? VAL A 16 ? ILE A 11 VAL A 16 
# 
loop_
_pdbx_struct_sheet_hbond.sheet_id 
_pdbx_struct_sheet_hbond.range_id_1 
_pdbx_struct_sheet_hbond.range_id_2 
_pdbx_struct_sheet_hbond.range_1_label_atom_id 
_pdbx_struct_sheet_hbond.range_1_label_comp_id 
_pdbx_struct_sheet_hbond.range_1_label_asym_id 
_pdbx_struct_sheet_hbond.range_1_label_seq_id 
_pdbx_struct_sheet_hbond.range_1_PDB_ins_code 
_pdbx_struct_sheet_hbond.range_1_auth_atom_id 
_pdbx_struct_sheet_hbond.range_1_auth_comp_id 
_pdbx_struct_sheet_hbond.range_1_auth_asym_id 
_pdbx_struct_sheet_hbond.range_1_auth_seq_id 
_pdbx_struct_sheet_hbond.range_2_label_atom_id 
_pdbx_struct_sheet_hbond.range_2_label_comp_id 
_pdbx_struct_sheet_hbond.range_2_label_asym_id 
_pdbx_struct_sheet_hbond.range_2_label_seq_id 
_pdbx_struct_sheet_hbond.range_2_PDB_ins_code 
_pdbx_struct_sheet_hbond.range_2_auth_atom_id 
_pdbx_struct_sheet_hbond.range_2_auth_comp_id 
_pdbx_struct_sheet_hbond.range_2_auth_asym_id 
_pdbx_struct_sheet_hbond.range_2_auth_seq_id 
AA1 1 2 O LEU B 14 ? O LEU B 14 N VAL B 4  ? N VAL B 4  
AA1 2 3 N LEU B 3  ? N LEU B 3  O MEA C 5  ? O MEA C 5  
AA1 3 4 N VAL C 4  ? N VAL C 4  O LEU C 14 ? O LEU C 14 
AA2 1 2 O LEU B 14 ? O LEU B 14 N VAL B 4  ? N VAL B 4  
AA2 2 3 O MEA B 5  ? O MEA B 5  N LEU A 3  ? N LEU A 3  
AA2 3 4 N LYS A 2  ? N LYS A 2  O VAL A 16 ? O VAL A 16 
# 
_atom_sites.entry_id                    5W4H 
_atom_sites.fract_transf_matrix[1][1]   -0.01148511 
_atom_sites.fract_transf_matrix[1][2]   0.00674880 
_atom_sites.fract_transf_matrix[1][3]   -0.00646248 
_atom_sites.fract_transf_matrix[2][1]   -0.00787513 
_atom_sites.fract_transf_matrix[2][2]   -0.01250273 
_atom_sites.fract_transf_matrix[2][3]   0.00093900 
_atom_sites.fract_transf_matrix[3][1]   -0.00502914 
_atom_sites.fract_transf_matrix[3][2]   0.00416570 
_atom_sites.fract_transf_matrix[3][3]   0.01328805 
_atom_sites.fract_transf_vector[1]      0.156297 
_atom_sites.fract_transf_vector[2]      0.261089 
_atom_sites.fract_transf_vector[3]      0.501033 
# 
loop_
_atom_type.symbol 
C 
H 
N 
O 
S 
# 
loop_
_atom_site.group_PDB 
_atom_site.id 
_atom_site.type_symbol 
_atom_site.label_atom_id 
_atom_site.label_alt_id 
_atom_site.label_comp_id 
_atom_site.label_asym_id 
_atom_site.label_entity_id 
_atom_site.label_seq_id 
_atom_site.pdbx_PDB_ins_code 
_atom_site.Cartn_x 
_atom_site.Cartn_y 
_atom_site.Cartn_z 
_atom_site.occupancy 
_atom_site.B_iso_or_equiv 
_atom_site.pdbx_formal_charge 
_atom_site.auth_seq_id 
_atom_site.auth_comp_id 
_atom_site.auth_asym_id 
_atom_site.auth_atom_id 
_atom_site.pdbx_PDB_model_num 
HETATM 1   N N    . ORN A 1 1  ? 6.167   2.458   11.399  1.00 42.06  ? 1   ORN A N    1 
HETATM 2   C CA   . ORN A 1 1  ? 5.205   1.361   11.285  1.00 39.64  ? 1   ORN A CA   1 
HETATM 3   C CB   . ORN A 1 1  ? 3.898   1.748   11.975  1.00 33.52  ? 1   ORN A CB   1 
HETATM 4   C CG   . ORN A 1 1  ? 3.956   1.685   13.509  1.00 37.57  ? 1   ORN A CG   1 
HETATM 5   C CD   . ORN A 1 1  ? 3.822   0.260   14.081  1.00 42.86  ? 1   ORN A CD   1 
HETATM 6   N NE   . ORN A 1 1  ? 2.597   -0.329  13.650  1.00 40.36  ? 1   ORN A NE   1 
HETATM 7   C C    . ORN A 1 1  ? 4.874   1.043   9.818   1.00 32.80  ? 1   ORN A C    1 
HETATM 8   O O    . ORN A 1 1  ? 5.024   1.855   8.915   1.00 33.74  ? 1   ORN A O    1 
HETATM 9   H H1   . ORN A 1 1  ? 6.579   2.541   12.332  1.00 50.47  ? 1   ORN A H1   1 
HETATM 10  H H2   . ORN A 1 1  ? 6.961   2.369   10.760  1.00 50.47  ? 1   ORN A H2   1 
HETATM 11  H H3   . ORN A 1 1  ? 5.760   3.375   11.198  1.00 50.47  ? 1   ORN A H3   1 
HETATM 12  H HA   . ORN A 1 1  ? 5.684   0.481   11.727  1.00 47.57  ? 1   ORN A HA   1 
HETATM 13  H HB2  . ORN A 1 1  ? 3.106   1.062   11.646  1.00 40.22  ? 1   ORN A HB2  1 
HETATM 14  H HB3  . ORN A 1 1  ? 3.649   2.780   11.689  1.00 40.22  ? 1   ORN A HB3  1 
HETATM 15  H HG2  . ORN A 1 1  ? 4.911   2.110   13.839  1.00 45.09  ? 1   ORN A HG2  1 
HETATM 16  H HG3  . ORN A 1 1  ? 3.143   2.296   13.914  1.00 45.09  ? 1   ORN A HG3  1 
HETATM 17  H HD2  . ORN A 1 1  ? 4.660   -0.348  13.726  1.00 51.43  ? 1   ORN A HD2  1 
HETATM 18  H HD3  . ORN A 1 1  ? 3.817   0.319   15.174  1.00 51.43  ? 1   ORN A HD3  1 
HETATM 19  H HE1  . ORN A 1 1  ? 1.773   -0.075  14.193  1.00 48.44  ? 1   ORN A HE1  1 
ATOM   20  N N    . LYS A 1 2  ? 4.378   -0.212  9.591   1.00 29.11  ? 2   LYS A N    1 
ATOM   21  C CA   . LYS A 1 2  ? 3.955   -0.638  8.294   1.00 28.06  ? 2   LYS A CA   1 
ATOM   22  C C    . LYS A 1 2  ? 2.558   -0.091  8.072   1.00 30.70  ? 2   LYS A C    1 
ATOM   23  O O    . LYS A 1 2  ? 1.797   0.041   9.020   1.00 29.09  ? 2   LYS A O    1 
ATOM   24  C CB   . LYS A 1 2  ? 3.936   -2.173  8.199   1.00 31.28  ? 2   LYS A CB   1 
ATOM   25  C CG   . LYS A 1 2  ? 3.665   -2.751  6.831   1.00 40.59  ? 2   LYS A CG   1 
ATOM   26  C CD   . LYS A 1 2  ? 3.742   -4.271  6.911   1.00 46.86  ? 2   LYS A CD   1 
ATOM   27  C CE   . LYS A 1 2  ? 3.552   -4.943  5.563   1.00 64.80  ? 2   LYS A CE   1 
ATOM   28  N NZ   . LYS A 1 2  ? 4.095   -6.338  5.592   1.00 78.99  ? 2   LYS A NZ   1 
ATOM   29  H H    . LYS A 1 2  ? 4.233   -0.792  10.210  1.00 34.93  ? 2   LYS A H    1 
ATOM   30  H HA   . LYS A 1 2  ? 4.549   -0.284  7.615   1.00 33.67  ? 2   LYS A HA   1 
ATOM   31  H HB2  . LYS A 1 2  ? 4.800   -2.506  8.488   1.00 37.53  ? 2   LYS A HB2  1 
ATOM   32  H HB3  . LYS A 1 2  ? 3.247   -2.506  8.795   1.00 37.53  ? 2   LYS A HB3  1 
ATOM   33  H HG2  . LYS A 1 2  ? 2.775   -2.499  6.539   1.00 48.71  ? 2   LYS A HG2  1 
ATOM   34  H HG3  . LYS A 1 2  ? 4.335   -2.437  6.203   1.00 48.71  ? 2   LYS A HG3  1 
ATOM   35  H HD2  . LYS A 1 2  ? 4.614   -4.525  7.252   1.00 56.23  ? 2   LYS A HD2  1 
ATOM   36  H HD3  . LYS A 1 2  ? 3.047   -4.592  7.508   1.00 56.23  ? 2   LYS A HD3  1 
ATOM   37  H HE2  . LYS A 1 2  ? 2.605   -4.986  5.354   1.00 77.76  ? 2   LYS A HE2  1 
ATOM   38  H HE3  . LYS A 1 2  ? 4.027   -4.442  4.881   1.00 77.76  ? 2   LYS A HE3  1 
ATOM   39  H HZ1  . LYS A 1 2  ? 3.981   -6.726  4.799   1.00 94.79  ? 2   LYS A HZ1  1 
ATOM   40  H HZ2  . LYS A 1 2  ? 4.964   -6.322  5.783   1.00 94.79  ? 2   LYS A HZ2  1 
ATOM   41  H HZ3  . LYS A 1 2  ? 3.672   -6.816  6.212   1.00 94.79  ? 2   LYS A HZ3  1 
ATOM   42  N N    . LEU A 1 3  ? 2.216   0.191   6.822   1.00 27.82  ? 3   LEU A N    1 
ATOM   43  C CA   . LEU A 1 3  ? 0.858   0.589   6.457   1.00 26.84  ? 3   LEU A CA   1 
ATOM   44  C C    . LEU A 1 3  ? 0.194   -0.575  5.762   1.00 31.94  ? 3   LEU A C    1 
ATOM   45  O O    . LEU A 1 3  ? 0.746   -1.117  4.803   1.00 32.26  ? 3   LEU A O    1 
ATOM   46  C CB   . LEU A 1 3  ? 0.850   1.790   5.521   1.00 26.59  ? 3   LEU A CB   1 
ATOM   47  C CG   . LEU A 1 3  ? 1.253   3.071   6.159   1.00 29.73  ? 3   LEU A CG   1 
ATOM   48  C CD1  . LEU A 1 3  ? 1.538   3.989   5.008   1.00 38.70  ? 3   LEU A CD1  1 
ATOM   49  C CD2  . LEU A 1 3  ? 0.100   3.567   7.038   1.00 36.42  ? 3   LEU A CD2  1 
ATOM   50  H H    . LEU A 1 3  ? 2.759   0.160   6.156   1.00 33.38  ? 3   LEU A H    1 
ATOM   51  H HA   . LEU A 1 3  ? 0.351   0.809   7.255   1.00 32.20  ? 3   LEU A HA   1 
ATOM   52  H HB2  . LEU A 1 3  ? 1.466   1.619   4.792   1.00 31.90  ? 3   LEU A HB2  1 
ATOM   53  H HB3  . LEU A 1 3  ? -0.047  1.904   5.171   1.00 31.90  ? 3   LEU A HB3  1 
ATOM   54  H HG   . LEU A 1 3  ? 2.053   2.953   6.695   1.00 35.68  ? 3   LEU A HG   1 
ATOM   55  H HD11 . LEU A 1 3  ? 1.809   4.853   5.355   1.00 46.44  ? 3   LEU A HD11 1 
ATOM   56  H HD12 . LEU A 1 3  ? 2.250   3.610   4.471   1.00 46.44  ? 3   LEU A HD12 1 
ATOM   57  H HD13 . LEU A 1 3  ? 0.734   4.084   4.474   1.00 46.44  ? 3   LEU A HD13 1 
ATOM   58  H HD21 . LEU A 1 3  ? 0.359   4.403   7.455   1.00 43.70  ? 3   LEU A HD21 1 
ATOM   59  H HD22 . LEU A 1 3  ? -0.685  3.703   6.482   1.00 43.70  ? 3   LEU A HD22 1 
ATOM   60  H HD23 . LEU A 1 3  ? -0.088  2.902   7.717   1.00 43.70  ? 3   LEU A HD23 1 
ATOM   61  N N    . VAL A 1 4  ? -0.974  -0.974  6.265   1.00 24.58  ? 4   VAL A N    1 
ATOM   62  C CA   . VAL A 1 4  ? -1.754  -2.062  5.668   1.00 22.77  ? 4   VAL A CA   1 
ATOM   63  C C    . VAL A 1 4  ? -2.946  -1.423  4.987   1.00 21.10  ? 4   VAL A C    1 
ATOM   64  O O    . VAL A 1 4  ? -3.619  -0.615  5.596   1.00 23.04  ? 4   VAL A O    1 
ATOM   65  C CB   . VAL A 1 4  ? -2.171  -3.068  6.722   1.00 28.05  ? 4   VAL A CB   1 
ATOM   66  C CG1  . VAL A 1 4  ? -3.070  -4.124  6.140   1.00 35.80  ? 4   VAL A CG1  1 
ATOM   67  C CG2  . VAL A 1 4  ? -0.918  -3.711  7.343   1.00 38.74  ? 4   VAL A CG2  1 
ATOM   68  H H    . VAL A 1 4  ? -1.341  -0.628  6.961   1.00 29.50  ? 4   VAL A H    1 
ATOM   69  H HA   . VAL A 1 4  ? -1.220  -2.518  4.997   1.00 27.33  ? 4   VAL A HA   1 
ATOM   70  H HB   . VAL A 1 4  ? -2.657  -2.610  7.425   1.00 33.66  ? 4   VAL A HB   1 
ATOM   71  H HG11 . VAL A 1 4  ? -3.317  -4.749  6.840   1.00 42.96  ? 4   VAL A HG11 1 
ATOM   72  H HG12 . VAL A 1 4  ? -3.864  -3.700  5.780   1.00 42.96  ? 4   VAL A HG12 1 
ATOM   73  H HG13 . VAL A 1 4  ? -2.594  -4.589  5.434   1.00 42.96  ? 4   VAL A HG13 1 
ATOM   74  H HG21 . VAL A 1 4  ? -1.194  -4.353  8.016   1.00 46.49  ? 4   VAL A HG21 1 
ATOM   75  H HG22 . VAL A 1 4  ? -0.414  -4.158  6.645   1.00 46.49  ? 4   VAL A HG22 1 
ATOM   76  H HG23 . VAL A 1 4  ? -0.377  -3.017  7.749   1.00 46.49  ? 4   VAL A HG23 1 
HETATM 77  C C1   . MEA A 1 5  ? -2.628  -2.742  2.910   1.00 32.67  ? 5   MEA A C1   1 
HETATM 78  N N    . MEA A 1 5  ? -3.202  -1.708  3.711   1.00 22.28  ? 5   MEA A N    1 
HETATM 79  C CA   . MEA A 1 5  ? -4.300  -0.991  3.029   1.00 24.04  ? 5   MEA A CA   1 
HETATM 80  C C    . MEA A 1 5  ? -5.581  -1.836  2.761   1.00 22.27  ? 5   MEA A C    1 
HETATM 81  O O    . MEA A 1 5  ? -5.531  -3.016  2.400   1.00 26.13  ? 5   MEA A O    1 
HETATM 82  C CB   . MEA A 1 5  ? -3.948  -0.407  1.709   1.00 22.87  ? 5   MEA A CB   1 
HETATM 83  C CG   . MEA A 1 5  ? -3.038  0.833   1.844   1.00 24.12  ? 5   MEA A CG   1 
HETATM 84  C CD1  . MEA A 1 5  ? -1.656  0.665   1.856   1.00 36.94  ? 5   MEA A CD1  1 
HETATM 85  C CE1  . MEA A 1 5  ? -0.844  1.804   1.981   1.00 33.21  ? 5   MEA A CE1  1 
HETATM 86  C CZ   . MEA A 1 5  ? -1.410  3.067   2.095   1.00 35.58  ? 5   MEA A CZ   1 
HETATM 87  C CE2  . MEA A 1 5  ? -2.797  3.226   2.071   1.00 38.05  ? 5   MEA A CE2  1 
HETATM 88  C CD2  . MEA A 1 5  ? -3.612  2.113   1.937   1.00 28.52  ? 5   MEA A CD2  1 
HETATM 89  H HC1  . MEA A 1 5  ? -3.186  -3.564  2.980   1.00 39.20  ? 5   MEA A HC1  1 
HETATM 90  H HC2  . MEA A 1 5  ? -1.718  -2.935  3.227   1.00 39.20  ? 5   MEA A HC2  1 
HETATM 91  H HC3  . MEA A 1 5  ? -2.593  -2.445  1.958   1.00 39.20  ? 5   MEA A HC3  1 
HETATM 92  H HA   . MEA A 1 5  ? -4.565  -0.241  3.618   1.00 28.85  ? 5   MEA A HA   1 
HETATM 93  H HB1  . MEA A 1 5  ? -4.774  -0.149  1.238   1.00 27.44  ? 5   MEA A HB1  1 
HETATM 94  H HB2  . MEA A 1 5  ? -3.477  -1.092  1.177   1.00 27.44  ? 5   MEA A HB2  1 
HETATM 95  H HD1  . MEA A 1 5  ? -1.263  -0.220  1.786   1.00 44.33  ? 5   MEA A HD1  1 
HETATM 96  H HE1  . MEA A 1 5  ? 0.136   1.706   1.999   1.00 39.86  ? 5   MEA A HE1  1 
HETATM 97  H HZ   . MEA A 1 5  ? -0.823  3.864   2.177   1.00 42.69  ? 5   MEA A HZ   1 
HETATM 98  H HE2  . MEA A 1 5  ? -3.183  4.105   2.141   1.00 45.66  ? 5   MEA A HE2  1 
HETATM 99  H HD2  . MEA A 1 5  ? -4.538  2.436   1.954   1.00 34.22  ? 5   MEA A HD2  1 
ATOM   100 N N    . PHE A 1 6  ? -6.736  -1.176  2.861   1.00 24.52  ? 6   PHE A N    1 
ATOM   101 C CA   . PHE A 1 6  ? -8.031  -1.823  2.542   1.00 20.66  ? 6   PHE A CA   1 
ATOM   102 C C    . PHE A 1 6  ? -8.793  -0.847  1.670   1.00 25.57  ? 6   PHE A C    1 
ATOM   103 O O    . PHE A 1 6  ? -8.537  0.381   1.702   1.00 25.63  ? 6   PHE A O    1 
ATOM   104 C CB   . PHE A 1 6  ? -8.812  -2.133  3.815   1.00 24.17  ? 6   PHE A CB   1 
ATOM   105 C CG   . PHE A 1 6  ? -8.211  -3.173  4.662   1.00 26.45  ? 6   PHE A CG   1 
ATOM   106 C CD1  . PHE A 1 6  ? -7.228  -2.845  5.579   1.00 31.57  ? 6   PHE A CD1  1 
ATOM   107 C CD2  . PHE A 1 6  ? -8.682  -4.487  4.604   1.00 29.77  ? 6   PHE A CD2  1 
ATOM   108 C CE1  . PHE A 1 6  ? -6.692  -3.821  6.391   1.00 34.09  ? 6   PHE A CE1  1 
ATOM   109 C CE2  . PHE A 1 6  ? -8.159  -5.445  5.397   1.00 38.06  ? 6   PHE A CE2  1 
ATOM   110 C CZ   . PHE A 1 6  ? -7.152  -5.115  6.297   1.00 36.59  ? 6   PHE A CZ   1 
ATOM   111 H H    . PHE A 1 6  ? -6.806  -0.355  3.110   1.00 29.42  ? 6   PHE A H    1 
ATOM   112 H HA   . PHE A 1 6  ? -7.883  -2.644  2.048   1.00 24.80  ? 6   PHE A HA   1 
ATOM   113 H HB2  . PHE A 1 6  ? -8.875  -1.323  4.345   1.00 29.01  ? 6   PHE A HB2  1 
ATOM   114 H HB3  . PHE A 1 6  ? -9.701  -2.432  3.569   1.00 29.01  ? 6   PHE A HB3  1 
ATOM   115 H HD1  . PHE A 1 6  ? -6.916  -1.971  5.634   1.00 37.89  ? 6   PHE A HD1  1 
ATOM   116 H HD2  . PHE A 1 6  ? -9.351  -4.708  3.997   1.00 35.72  ? 6   PHE A HD2  1 
ATOM   117 H HE1  . PHE A 1 6  ? -6.019  -3.607  6.997   1.00 40.91  ? 6   PHE A HE1  1 
ATOM   118 H HE2  . PHE A 1 6  ? -8.467  -6.320  5.339   1.00 45.67  ? 6   PHE A HE2  1 
ATOM   119 H HZ   . PHE A 1 6  ? -6.792  -5.774  6.845   1.00 43.91  ? 6   PHE A HZ   1 
ATOM   120 N N    . ALA A 1 7  ? -9.699  -1.373  0.860   1.00 27.12  ? 7   ALA A N    1 
ATOM   121 C CA   . ALA A 1 7  ? -10.597 -0.543  0.071   1.00 27.05  ? 7   ALA A CA   1 
ATOM   122 C C    . ALA A 1 7  ? -12.007 -0.976  0.393   1.00 29.20  ? 7   ALA A C    1 
ATOM   123 O O    . ALA A 1 7  ? -12.296 -2.170  0.382   1.00 33.10  ? 7   ALA A O    1 
ATOM   124 C CB   . ALA A 1 7  ? -10.341 -0.680  -1.422  1.00 35.62  ? 7   ALA A CB   1 
ATOM   125 H H    . ALA A 1 7  ? -9.816  -2.218  0.748   1.00 32.54  ? 7   ALA A H    1 
ATOM   126 H HA   . ALA A 1 7  ? -10.490 0.389   0.323   1.00 32.46  ? 7   ALA A HA   1 
ATOM   127 H HB1  . ALA A 1 7  ? -10.961 -0.108  -1.903  1.00 42.74  ? 7   ALA A HB1  1 
ATOM   128 H HB2  . ALA A 1 7  ? -9.429  -0.410  -1.612  1.00 42.74  ? 7   ALA A HB2  1 
ATOM   129 H HB3  . ALA A 1 7  ? -10.473 -1.605  -1.681  1.00 42.74  ? 7   ALA A HB3  1 
ATOM   130 N N    . GLU A 1 8  ? -12.877 -0.014  0.681   1.00 29.71  ? 8   GLU A N    1 
ATOM   131 C CA   . GLU A 1 8  ? -14.281 -0.303  0.928   1.00 33.80  ? 8   GLU A CA   1 
ATOM   132 C C    . GLU A 1 8  ? -15.131 0.681   0.137   1.00 43.04  ? 8   GLU A C    1 
ATOM   133 O O    . GLU A 1 8  ? -15.257 1.861   0.505   1.00 40.43  ? 8   GLU A O    1 
ATOM   134 C CB   . GLU A 1 8  ? -14.605 -0.197  2.403   1.00 39.20  ? 8   GLU A CB   1 
ATOM   135 C CG   . GLU A 1 8  ? -13.775 -1.133  3.263   1.00 40.26  ? 8   GLU A CG   1 
ATOM   136 C CD   . GLU A 1 8  ? -14.062 -2.616  2.989   1.00 40.86  ? 8   GLU A CD   1 
ATOM   137 O OE1  . GLU A 1 8  ? -13.223 -3.453  3.418   1.00 41.35  ? 8   GLU A OE1  1 
ATOM   138 O OE2  . GLU A 1 8  ? -15.112 -2.927  2.362   1.00 38.38  ? 8   GLU A OE2  1 
ATOM   139 H H    . GLU A 1 8  ? -12.675 0.820   0.739   1.00 35.65  ? 8   GLU A H    1 
ATOM   140 H HA   . GLU A 1 8  ? -14.487 -1.202  0.628   1.00 40.56  ? 8   GLU A HA   1 
ATOM   141 H HB2  . GLU A 1 8  ? -14.434 0.711   2.699   1.00 47.04  ? 8   GLU A HB2  1 
ATOM   142 H HB3  . GLU A 1 8  ? -15.540 -0.419  2.536   1.00 47.04  ? 8   GLU A HB3  1 
ATOM   143 H HG2  . GLU A 1 8  ? -12.835 -0.974  3.088   1.00 48.32  ? 8   GLU A HG2  1 
ATOM   144 H HG3  . GLU A 1 8  ? -13.971 -0.960  4.198   1.00 48.32  ? 8   GLU A HG3  1 
HETATM 145 N N    . ORN A 1 9  ? -15.613 4.658   -3.201  1.00 43.38  ? 9   ORN A N    1 
HETATM 146 C CA   . ORN A 1 9  ? -15.083 3.849   -2.086  1.00 42.47  ? 9   ORN A CA   1 
HETATM 147 C CB   . ORN A 1 9  ? -14.559 2.502   -2.595  1.00 40.25  ? 9   ORN A CB   1 
HETATM 148 C CG   . ORN A 1 9  ? -15.668 1.575   -3.053  1.00 44.49  ? 9   ORN A CG   1 
HETATM 149 C CD   . ORN A 1 9  ? -16.509 1.047   -1.871  1.00 43.30  ? 9   ORN A CD   1 
HETATM 150 N NE   . ORN A 1 9  ? -15.699 0.187   -1.009  1.00 39.83  ? 9   ORN A NE   1 
HETATM 151 C C    . ORN A 1 9  ? -13.956 4.594   -1.402  1.00 42.71  ? 9   ORN A C    1 
HETATM 152 O O    . ORN A 1 9  ? -13.366 5.527   -1.953  1.00 46.91  ? 9   ORN A O    1 
HETATM 153 H H2   . ORN A 1 9  ? -15.000 4.671   -4.019  1.00 52.05  ? 9   ORN A H2   1 
HETATM 154 H H    . ORN A 1 9  ? -15.757 5.640   -2.955  1.00 52.05  ? 9   ORN A H    1 
HETATM 155 H HA   . ORN A 1 9  ? -15.903 3.744   -1.368  1.00 50.97  ? 9   ORN A HA   1 
HETATM 156 H HB2  . ORN A 1 9  ? -13.862 2.660   -3.430  1.00 48.31  ? 9   ORN A HB2  1 
HETATM 157 H HB3  . ORN A 1 9  ? -14.047 2.005   -1.760  1.00 48.31  ? 9   ORN A HB3  1 
HETATM 158 H HG2  . ORN A 1 9  ? -16.321 2.115   -3.748  1.00 53.39  ? 9   ORN A HG2  1 
HETATM 159 H HG3  . ORN A 1 9  ? -15.222 0.721   -3.576  1.00 53.39  ? 9   ORN A HG3  1 
HETATM 160 H HD2  . ORN A 1 9  ? -16.877 1.897   -1.288  1.00 51.96  ? 9   ORN A HD2  1 
HETATM 161 H HD3  . ORN A 1 9  ? -17.342 0.459   -2.268  1.00 51.96  ? 9   ORN A HD3  1 
HETATM 162 H HE1  . ORN A 1 9  ? -15.578 -0.776  -1.318  1.00 47.80  ? 9   ORN A HE1  1 
HETATM 163 H HN3  . ORN A 1 9  ? -16.518 4.328   -3.546  1.00 52.05  ? 9   ORN A HN3  1 
ATOM   164 N N    . ALA A 1 10 ? -13.674 4.195   -0.125  1.00 26.77  ? 10  ALA A N    1 
ATOM   165 C CA   . ALA A 1 10 ? -12.591 4.823   0.600   1.00 30.20  ? 10  ALA A CA   1 
ATOM   166 C C    . ALA A 1 10 ? -11.479 3.842   0.616   1.00 27.12  ? 10  ALA A C    1 
ATOM   167 O O    . ALA A 1 10 ? -11.705 2.646   0.749   1.00 28.39  ? 10  ALA A O    1 
ATOM   168 C CB   . ALA A 1 10 ? -12.996 5.190   2.004   1.00 38.57  ? 10  ALA A CB   1 
ATOM   169 H H    . ALA A 1 10 ? -14.056 3.543   0.287   1.00 32.12  ? 10  ALA A H    1 
ATOM   170 H HA   . ALA A 1 10 ? -12.300 5.624   0.136   1.00 36.24  ? 10  ALA A HA   1 
ATOM   171 H HB1  . ALA A 1 10 ? -12.241 5.607   2.451   1.00 46.28  ? 10  ALA A HB1  1 
ATOM   172 H HB2  . ALA A 1 10 ? -13.741 5.809   1.967   1.00 46.28  ? 10  ALA A HB2  1 
ATOM   173 H HB3  . ALA A 1 10 ? -13.257 4.384   2.478   1.00 46.28  ? 10  ALA A HB3  1 
ATOM   174 N N    . ILE A 1 11 ? -10.262 4.340   0.487   1.00 29.36  ? 11  ILE A N    1 
ATOM   175 C CA   . ILE A 1 11 ? -9.064  3.557   0.749   1.00 24.56  ? 11  ILE A CA   1 
ATOM   176 C C    . ILE A 1 11 ? -8.654  3.900   2.167   1.00 26.53  ? 11  ILE A C    1 
ATOM   177 O O    . ILE A 1 11 ? -8.653  5.076   2.557   1.00 28.27  ? 11  ILE A O    1 
ATOM   178 C CB   . ILE A 1 11 ? -7.926  3.881   -0.246  1.00 28.31  ? 11  ILE A CB   1 
ATOM   179 C CG1  . ILE A 1 11 ? -8.323  3.653   -1.718  1.00 39.62  ? 11  ILE A CG1  1 
ATOM   180 C CG2  . ILE A 1 11 ? -6.644  3.131   0.148   1.00 36.27  ? 11  ILE A CG2  1 
ATOM   181 C CD1  . ILE A 1 11 ? -9.370  2.598   -1.967  1.00 41.31  ? 11  ILE A CD1  1 
ATOM   182 H H    . ILE A 1 11 ? -10.097 5.149   0.244   1.00 35.24  ? 11  ILE A H    1 
ATOM   183 H HA   . ILE A 1 11 ? -9.269  2.610   0.699   1.00 29.47  ? 11  ILE A HA   1 
ATOM   184 H HB   . ILE A 1 11 ? -7.735  4.827   -0.154  1.00 33.97  ? 11  ILE A HB   1 
ATOM   185 H HG12 . ILE A 1 11 ? -8.666  4.489   -2.074  1.00 47.54  ? 11  ILE A HG12 1 
ATOM   186 H HG13 . ILE A 1 11 ? -7.529  3.396   -2.211  1.00 47.54  ? 11  ILE A HG13 1 
ATOM   187 H HG21 . ILE A 1 11 ? -5.944  3.347   -0.489  1.00 43.53  ? 11  ILE A HG21 1 
ATOM   188 H HG22 . ILE A 1 11 ? -6.379  3.407   1.038   1.00 43.53  ? 11  ILE A HG22 1 
ATOM   189 H HG23 . ILE A 1 11 ? -6.821  2.177   0.135   1.00 43.53  ? 11  ILE A HG23 1 
ATOM   190 H HD11 . ILE A 1 11 ? -9.541  2.542   -2.920  1.00 49.58  ? 11  ILE A HD11 1 
ATOM   191 H HD12 . ILE A 1 11 ? -9.043  1.747   -1.638  1.00 49.58  ? 11  ILE A HD12 1 
ATOM   192 H HD13 . ILE A 1 11 ? -10.184 2.844   -1.500  1.00 49.58  ? 11  ILE A HD13 1 
ATOM   193 N N    . ILE A 1 12 ? -8.331  2.887   2.955   1.00 23.91  ? 12  ILE A N    1 
ATOM   194 C CA   . ILE A 1 12 ? -7.921  3.128   4.334   1.00 26.68  ? 12  ILE A CA   1 
ATOM   195 C C    . ILE A 1 12 ? -6.589  2.445   4.552   1.00 24.19  ? 12  ILE A C    1 
ATOM   196 O O    . ILE A 1 12 ? -6.460  1.248   4.278   1.00 26.68  ? 12  ILE A O    1 
ATOM   197 C CB   . ILE A 1 12 ? -8.976  2.608   5.320   1.00 36.80  ? 12  ILE A CB   1 
ATOM   198 C CG1  . ILE A 1 12 ? -10.286 3.391   5.111   1.00 49.67  ? 12  ILE A CG1  1 
ATOM   199 C CG2  . ILE A 1 12 ? -8.471  2.746   6.738   1.00 36.93  ? 12  ILE A CG2  1 
ATOM   200 C CD1  . ILE A 1 12 ? -11.511 2.753   5.743   1.00 61.65  ? 12  ILE A CD1  1 
ATOM   201 H H    . ILE A 1 12 ? -8.341  2.059   2.722   1.00 28.70  ? 12  ILE A H    1 
ATOM   202 H HA   . ILE A 1 12 ? -7.807  4.080   4.476   1.00 32.01  ? 12  ILE A HA   1 
ATOM   203 H HB   . ILE A 1 12 ? -9.140  1.670   5.136   1.00 44.16  ? 12  ILE A HB   1 
ATOM   204 H HG12 . ILE A 1 12 ? -10.184 4.276   5.496   1.00 59.61  ? 12  ILE A HG12 1 
ATOM   205 H HG13 . ILE A 1 12 ? -10.454 3.468   4.159   1.00 59.61  ? 12  ILE A HG13 1 
ATOM   206 H HG21 . ILE A 1 12 ? -9.149  2.415   7.347   1.00 44.32  ? 12  ILE A HG21 1 
ATOM   207 H HG22 . ILE A 1 12 ? -7.656  2.228   6.834   1.00 44.32  ? 12  ILE A HG22 1 
ATOM   208 H HG23 . ILE A 1 12 ? -8.292  3.682   6.920   1.00 44.32  ? 12  ILE A HG23 1 
ATOM   209 H HD11 . ILE A 1 12 ? -12.285 3.310   5.564   1.00 73.98  ? 12  ILE A HD11 1 
ATOM   210 H HD12 . ILE A 1 12 ? -11.641 1.872   5.359   1.00 73.98  ? 12  ILE A HD12 1 
ATOM   211 H HD13 . ILE A 1 12 ? -11.370 2.681   6.700   1.00 73.98  ? 12  ILE A HD13 1 
ATOM   212 N N    . GLY A 1 13 ? -5.591  3.204   4.987   1.00 25.24  ? 13  GLY A N    1 
ATOM   213 C CA   . GLY A 1 13 ? -4.306  2.641   5.329   1.00 23.88  ? 13  GLY A CA   1 
ATOM   214 C C    . GLY A 1 13 ? -4.122  2.723   6.834   1.00 23.96  ? 13  GLY A C    1 
ATOM   215 O O    . GLY A 1 13 ? -4.182  3.811   7.431   1.00 28.66  ? 13  GLY A O    1 
ATOM   216 H H    . GLY A 1 13 ? -5.639  4.057   5.090   1.00 30.29  ? 13  GLY A H    1 
ATOM   217 H HA2  . GLY A 1 13 ? -4.263  1.712   5.052   1.00 28.66  ? 13  GLY A HA2  1 
ATOM   218 H HA3  . GLY A 1 13 ? -3.596  3.137   4.893   1.00 28.66  ? 13  GLY A HA3  1 
ATOM   219 N N    . LEU A 1 14 ? -3.943  1.571   7.478   1.00 23.15  ? 14  LEU A N    1 
ATOM   220 C CA   . LEU A 1 14 ? -3.770  1.551   8.915   1.00 24.68  ? 14  LEU A CA   1 
ATOM   221 C C    . LEU A 1 14 ? -2.335  1.189   9.261   1.00 26.50  ? 14  LEU A C    1 
ATOM   222 O O    . LEU A 1 14 ? -1.663  0.440   8.550   1.00 28.03  ? 14  LEU A O    1 
ATOM   223 C CB   . LEU A 1 14 ? -4.728  0.555   9.568   1.00 30.37  ? 14  LEU A CB   1 
ATOM   224 C CG   . LEU A 1 14 ? -6.215  0.871   9.334   1.00 28.57  ? 14  LEU A CG   1 
ATOM   225 C CD1  . LEU A 1 14 ? -7.057  -0.183  9.994   1.00 42.41  ? 14  LEU A CD1  1 
ATOM   226 C CD2  . LEU A 1 14 ? -6.605  2.224   9.884   1.00 33.15  ? 14  LEU A CD2  1 
ATOM   227 H H    . LEU A 1 14 ? -3.918  0.796   7.104   1.00 27.79  ? 14  LEU A H    1 
ATOM   228 H HA   . LEU A 1 14 ? -3.957  2.432   9.273   1.00 29.61  ? 14  LEU A HA   1 
ATOM   229 H HB2  . LEU A 1 14 ? -4.554  -0.328  9.206   1.00 36.44  ? 14  LEU A HB2  1 
ATOM   230 H HB3  . LEU A 1 14 ? -4.574  0.554   10.525  1.00 36.44  ? 14  LEU A HB3  1 
ATOM   231 H HG   . LEU A 1 14 ? -6.401  0.861   8.382   1.00 34.28  ? 14  LEU A HG   1 
ATOM   232 H HD11 . LEU A 1 14 ? -7.993  0.021   9.843   1.00 50.89  ? 14  LEU A HD11 1 
ATOM   233 H HD12 . LEU A 1 14 ? -6.840  -1.046  9.609   1.00 50.89  ? 14  LEU A HD12 1 
ATOM   234 H HD13 . LEU A 1 14 ? -6.868  -0.188  10.945  1.00 50.89  ? 14  LEU A HD13 1 
ATOM   235 H HD21 . LEU A 1 14 ? -7.548  2.374   9.712   1.00 39.78  ? 14  LEU A HD21 1 
ATOM   236 H HD22 . LEU A 1 14 ? -6.437  2.235   10.840  1.00 39.78  ? 14  LEU A HD22 1 
ATOM   237 H HD23 . LEU A 1 14 ? -6.075  2.908   9.446   1.00 39.78  ? 14  LEU A HD23 1 
ATOM   238 N N    . MET A 1 15 ? -1.876  1.725   10.376  1.00 27.02  ? 15  MET A N    1 
ATOM   239 C CA   . MET A 1 15 ? -0.517  1.500   10.781  1.00 32.88  ? 15  MET A CA   1 
ATOM   240 C C    . MET A 1 15 ? -0.357  0.303   11.726  1.00 37.11  ? 15  MET A C    1 
ATOM   241 O O    . MET A 1 15 ? -1.120  0.132   12.700  1.00 41.09  ? 15  MET A O    1 
ATOM   242 C CB   . MET A 1 15 ? -0.002  2.777   11.466  1.00 37.09  ? 15  MET A CB   1 
ATOM   243 C CG   . MET A 1 15 ? 0.040   3.968   10.528  1.00 64.79  ? 15  MET A CG   1 
ATOM   244 S SD   . MET A 1 15 ? 0.873   5.381   11.258  1.00 77.43  ? 15  MET A SD   1 
ATOM   245 C CE   . MET A 1 15 ? 0.442   6.655   10.060  1.00 100.92 ? 15  MET A CE   1 
ATOM   246 H H    . MET A 1 15 ? -2.332  2.220   10.911  1.00 32.43  ? 15  MET A H    1 
ATOM   247 H HA   . MET A 1 15 ? 0.023   1.348   9.990   1.00 39.45  ? 15  MET A HA   1 
ATOM   248 H HB2  . MET A 1 15 ? -0.590  2.998   12.206  1.00 44.50  ? 15  MET A HB2  1 
ATOM   249 H HB3  . MET A 1 15 ? 0.898   2.621   11.792  1.00 44.50  ? 15  MET A HB3  1 
ATOM   250 H HG2  . MET A 1 15 ? 0.517   3.720   9.721   1.00 77.75  ? 15  MET A HG2  1 
ATOM   251 H HG3  . MET A 1 15 ? -0.868  4.232   10.309  1.00 77.75  ? 15  MET A HG3  1 
ATOM   252 H HE1  . MET A 1 15 ? 0.838   7.496   10.339  1.00 121.10 ? 15  MET A HE1  1 
ATOM   253 H HE2  . MET A 1 15 ? 0.786   6.399   9.191   1.00 121.10 ? 15  MET A HE2  1 
ATOM   254 H HE3  . MET A 1 15 ? -0.523  6.740   10.024  1.00 121.10 ? 15  MET A HE3  1 
ATOM   255 N N    . VAL A 1 16 ? 0.658   -0.514  11.434  1.00 31.41  ? 16  VAL A N    1 
ATOM   256 C CA   . VAL A 1 16 ? 1.136   -1.664  12.215  1.00 32.74  ? 16  VAL A CA   1 
ATOM   257 C C    . VAL A 1 16 ? 2.533   -1.186  12.575  1.00 37.59  ? 16  VAL A C    1 
ATOM   258 O O    . VAL A 1 16 ? 3.511   -1.466  11.873  1.00 43.85  ? 16  VAL A O    1 
ATOM   259 C CB   . VAL A 1 16 ? 1.108   -2.983  11.454  1.00 37.46  ? 16  VAL A CB   1 
ATOM   260 C CG1  . VAL A 1 16 ? 1.610   -4.096  12.303  1.00 47.20  ? 16  VAL A CG1  1 
ATOM   261 C CG2  . VAL A 1 16 ? -0.301  -3.284  11.004  1.00 43.28  ? 16  VAL A CG2  1 
ATOM   262 H H    . VAL A 1 16 ? 1.169   -0.301  10.777  1.00 37.69  ? 16  VAL A H    1 
ATOM   263 H HA   . VAL A 1 16 ? 0.613   -1.756  13.028  1.00 39.29  ? 16  VAL A HA   1 
ATOM   264 H HB   . VAL A 1 16 ? 1.674   -2.915  10.669  1.00 44.95  ? 16  VAL A HB   1 
ATOM   265 H HG11 . VAL A 1 16 ? 1.581   -4.920  11.793  1.00 56.64  ? 16  VAL A HG11 1 
ATOM   266 H HG12 . VAL A 1 16 ? 2.523   -3.903  12.569  1.00 56.64  ? 16  VAL A HG12 1 
ATOM   267 H HG13 . VAL A 1 16 ? 1.046   -4.173  13.088  1.00 56.64  ? 16  VAL A HG13 1 
ATOM   268 H HG21 . VAL A 1 16 ? -0.304  -4.125  10.520  1.00 51.94  ? 16  VAL A HG21 1 
ATOM   269 H HG22 . VAL A 1 16 ? -0.874  -3.348  11.783  1.00 51.94  ? 16  VAL A HG22 1 
ATOM   270 H HG23 . VAL A 1 16 ? -0.607  -2.568  10.425  1.00 51.94  ? 16  VAL A HG23 1 
HETATM 271 N N    . ORN B 1 1  ? 7.407   -5.386  -9.448  1.00 35.13  ? 1   ORN B N    1 
HETATM 272 C CA   . ORN B 1 1  ? 7.632   -5.844  -8.053  1.00 34.48  ? 1   ORN B CA   1 
HETATM 273 C CB   . ORN B 1 1  ? 8.887   -5.229  -7.518  1.00 42.46  ? 1   ORN B CB   1 
HETATM 274 C CG   . ORN B 1 1  ? 10.165  -5.876  -7.989  1.00 46.26  ? 1   ORN B CG   1 
HETATM 275 C CD   . ORN B 1 1  ? 10.737  -6.926  -7.010  1.00 47.12  ? 1   ORN B CD   1 
HETATM 276 N NE   . ORN B 1 1  ? 10.833  -6.407  -5.655  1.00 38.53  ? 1   ORN B NE   1 
HETATM 277 C C    . ORN B 1 1  ? 6.479   -5.384  -7.110  1.00 36.61  ? 1   ORN B C    1 
HETATM 278 O O    . ORN B 1 1  ? 5.813   -4.377  -7.325  1.00 35.92  ? 1   ORN B O    1 
HETATM 279 H H1   . ORN B 1 1  ? 8.017   -5.846  -10.129 1.00 42.15  ? 1   ORN B H1   1 
HETATM 280 H H2   . ORN B 1 1  ? 6.455   -5.556  -9.780  1.00 42.15  ? 1   ORN B H2   1 
HETATM 281 H H3   . ORN B 1 1  ? 7.563   -4.383  -9.575  1.00 42.15  ? 1   ORN B H3   1 
HETATM 282 H HA   . ORN B 1 1  ? 7.651   -6.938  -8.074  1.00 41.38  ? 1   ORN B HA   1 
HETATM 283 H HB2  . ORN B 1 1  ? 8.875   -5.299  -6.421  1.00 50.95  ? 1   ORN B HB2  1 
HETATM 284 H HB3  . ORN B 1 1  ? 8.914   -4.175  -7.826  1.00 50.95  ? 1   ORN B HB3  1 
HETATM 285 H HG2  . ORN B 1 1  ? 10.919  -5.097  -8.144  1.00 55.51  ? 1   ORN B HG2  1 
HETATM 286 H HG3  . ORN B 1 1  ? 9.970   -6.366  -8.951  1.00 55.51  ? 1   ORN B HG3  1 
HETATM 287 H HD2  . ORN B 1 1  ? 11.741  -7.202  -7.345  1.00 56.55  ? 1   ORN B HD2  1 
HETATM 288 H HD3  . ORN B 1 1  ? 10.079  -7.801  -7.008  1.00 56.55  ? 1   ORN B HD3  1 
HETATM 289 H HE1  . ORN B 1 1  ? 11.609  -5.777  -5.467  1.00 46.23  ? 1   ORN B HE1  1 
ATOM   290 N N    . LYS B 1 2  ? 6.325   -6.128  -5.971  1.00 29.91  ? 2   LYS B N    1 
ATOM   291 C CA   . LYS B 1 2  ? 5.333   -5.776  -4.971  1.00 29.87  ? 2   LYS B CA   1 
ATOM   292 C C    . LYS B 1 2  ? 5.838   -4.521  -4.302  1.00 30.51  ? 2   LYS B C    1 
ATOM   293 O O    . LYS B 1 2  ? 7.035   -4.272  -4.337  1.00 33.02  ? 2   LYS B O    1 
ATOM   294 C CB   . LYS B 1 2  ? 5.153   -6.920  -3.957  1.00 41.97  ? 2   LYS B CB   1 
ATOM   295 C CG   . LYS B 1 2  ? 3.969   -6.709  -3.021  1.00 47.72  ? 2   LYS B CG   1 
ATOM   296 C CD   . LYS B 1 2  ? 3.344   -8.045  -2.535  1.00 63.07  ? 2   LYS B CD   1 
ATOM   297 C CE   . LYS B 1 2  ? 2.503   -8.737  -3.637  1.00 74.57  ? 2   LYS B CE   1 
ATOM   298 N NZ   . LYS B 1 2  ? 1.538   -9.786  -3.135  1.00 72.24  ? 2   LYS B NZ   1 
ATOM   299 H H    . LYS B 1 2  ? 6.797   -6.818  -5.771  1.00 35.90  ? 2   LYS B H    1 
ATOM   300 H HA   . LYS B 1 2  ? 4.481   -5.591  -5.396  1.00 35.85  ? 2   LYS B HA   1 
ATOM   301 H HB2  . LYS B 1 2  ? 5.008   -7.748  -4.440  1.00 50.37  ? 2   LYS B HB2  1 
ATOM   302 H HB3  . LYS B 1 2  ? 5.954   -6.989  -3.415  1.00 50.37  ? 2   LYS B HB3  1 
ATOM   303 H HG2  . LYS B 1 2  ? 4.267   -6.216  -2.240  1.00 57.26  ? 2   LYS B HG2  1 
ATOM   304 H HG3  . LYS B 1 2  ? 3.281   -6.209  -3.487  1.00 57.26  ? 2   LYS B HG3  1 
ATOM   305 H HD2  . LYS B 1 2  ? 4.054   -8.651  -2.273  1.00 75.69  ? 2   LYS B HD2  1 
ATOM   306 H HD3  . LYS B 1 2  ? 2.762   -7.867  -1.779  1.00 75.69  ? 2   LYS B HD3  1 
ATOM   307 H HE2  . LYS B 1 2  ? 1.984   -8.060  -4.101  1.00 89.48  ? 2   LYS B HE2  1 
ATOM   308 H HE3  . LYS B 1 2  ? 3.106   -9.168  -4.261  1.00 89.48  ? 2   LYS B HE3  1 
ATOM   309 H HZ1  . LYS B 1 2  ? 1.091   -10.139 -3.819  1.00 86.68  ? 2   LYS B HZ1  1 
ATOM   310 H HZ2  . LYS B 1 2  ? 1.984   -10.432 -2.716  1.00 86.68  ? 2   LYS B HZ2  1 
ATOM   311 H HZ3  . LYS B 1 2  ? 0.958   -9.420  -2.569  1.00 86.68  ? 2   LYS B HZ3  1 
ATOM   312 N N    . LEU B 1 3  ? 4.939   -3.742  -3.706  1.00 29.66  ? 3   LEU B N    1 
ATOM   313 C CA   . LEU B 1 3  ? 5.313   -2.506  -3.027  1.00 31.71  ? 3   LEU B CA   1 
ATOM   314 C C    . LEU B 1 3  ? 4.860   -2.597  -1.586  1.00 33.28  ? 3   LEU B C    1 
ATOM   315 O O    . LEU B 1 3  ? 3.687   -2.899  -1.339  1.00 33.91  ? 3   LEU B O    1 
ATOM   316 C CB   . LEU B 1 3  ? 4.648   -1.296  -3.662  1.00 32.48  ? 3   LEU B CB   1 
ATOM   317 C CG   . LEU B 1 3  ? 5.331   -0.462  -4.707  1.00 41.24  ? 3   LEU B CG   1 
ATOM   318 C CD1  . LEU B 1 3  ? 4.303   0.591   -5.070  1.00 40.73  ? 3   LEU B CD1  1 
ATOM   319 C CD2  . LEU B 1 3  ? 6.612   0.164   -4.175  1.00 50.24  ? 3   LEU B CD2  1 
ATOM   320 H H    . LEU B 1 3  ? 4.097   -3.911  -3.682  1.00 35.59  ? 3   LEU B H    1 
ATOM   321 H HA   . LEU B 1 3  ? 6.276   -2.389  -3.050  1.00 38.05  ? 3   LEU B HA   1 
ATOM   322 H HB2  . LEU B 1 3  ? 3.824   -1.608  -4.066  1.00 38.97  ? 3   LEU B HB2  1 
ATOM   323 H HB3  . LEU B 1 3  ? 4.422   -0.688  -2.941  1.00 38.97  ? 3   LEU B HB3  1 
ATOM   324 H HG   . LEU B 1 3  ? 5.533   -0.999  -5.489  1.00 49.48  ? 3   LEU B HG   1 
ATOM   325 H HD11 . LEU B 1 3  ? 4.676   1.175   -5.750  1.00 48.88  ? 3   LEU B HD11 1 
ATOM   326 H HD12 . LEU B 1 3  ? 3.509   0.151   -5.413  1.00 48.88  ? 3   LEU B HD12 1 
ATOM   327 H HD13 . LEU B 1 3  ? 4.082   1.103   -4.277  1.00 48.88  ? 3   LEU B HD13 1 
ATOM   328 H HD21 . LEU B 1 3  ? 7.019   0.693   -4.879  1.00 60.28  ? 3   LEU B HD21 1 
ATOM   329 H HD22 . LEU B 1 3  ? 6.394   0.730   -3.418  1.00 60.28  ? 3   LEU B HD22 1 
ATOM   330 H HD23 . LEU B 1 3  ? 7.216   -0.543  -3.899  1.00 60.28  ? 3   LEU B HD23 1 
ATOM   331 N N    . VAL B 1 4  ? 5.766   -2.310  -0.651  1.00 26.21  ? 4   VAL B N    1 
ATOM   332 C CA   . VAL B 1 4  ? 5.402   -2.254  0.773   1.00 27.97  ? 4   VAL B CA   1 
ATOM   333 C C    . VAL B 1 4  ? 5.486   -0.823  1.323   1.00 29.57  ? 4   VAL B C    1 
ATOM   334 O O    . VAL B 1 4  ? 6.502   -0.163  1.097   1.00 31.90  ? 4   VAL B O    1 
ATOM   335 C CB   . VAL B 1 4  ? 6.311   -3.189  1.551   1.00 31.30  ? 4   VAL B CB   1 
ATOM   336 C CG1  . VAL B 1 4  ? 5.898   -3.273  3.001   1.00 41.66  ? 4   VAL B CG1  1 
ATOM   337 C CG2  . VAL B 1 4  ? 6.291   -4.570  0.912   1.00 38.66  ? 4   VAL B CG2  1 
ATOM   338 H H    . VAL B 1 4  ? 6.595   -2.145  -0.811  1.00 31.46  ? 4   VAL B H    1 
ATOM   339 H HA   . VAL B 1 4  ? 4.489   -2.564  0.878   1.00 33.56  ? 4   VAL B HA   1 
ATOM   340 H HB   . VAL B 1 4  ? 7.220   -2.852  1.515   1.00 37.57  ? 4   VAL B HB   1 
ATOM   341 H HG11 . VAL B 1 4  ? 6.498   -3.876  3.466   1.00 50.00  ? 4   VAL B HG11 1 
ATOM   342 H HG12 . VAL B 1 4  ? 5.946   -2.387  3.395   1.00 50.00  ? 4   VAL B HG12 1 
ATOM   343 H HG13 . VAL B 1 4  ? 4.989   -3.607  3.050   1.00 50.00  ? 4   VAL B HG13 1 
ATOM   344 H HG21 . VAL B 1 4  ? 6.875   -5.159  1.416   1.00 46.39  ? 4   VAL B HG21 1 
ATOM   345 H HG22 . VAL B 1 4  ? 5.383   -4.911  0.928   1.00 46.39  ? 4   VAL B HG22 1 
ATOM   346 H HG23 . VAL B 1 4  ? 6.603   -4.499  -0.004  1.00 46.39  ? 4   VAL B HG23 1 
HETATM 347 C C1   . MEA B 1 5  ? 3.410   -1.129  2.656   1.00 37.09  ? 5   MEA B C1   1 
HETATM 348 N N    . MEA B 1 5  ? 4.489   -0.361  2.084   1.00 31.19  ? 5   MEA B N    1 
HETATM 349 C CA   . MEA B 1 5  ? 4.536   1.007   2.600   1.00 28.25  ? 5   MEA B CA   1 
HETATM 350 C C    . MEA B 1 5  ? 4.755   1.050   4.128   1.00 29.48  ? 5   MEA B C    1 
HETATM 351 O O    . MEA B 1 5  ? 4.313   0.155   4.889   1.00 34.48  ? 5   MEA B O    1 
HETATM 352 C CB   . MEA B 1 5  ? 3.342   1.843   2.350   1.00 35.53  ? 5   MEA B CB   1 
HETATM 353 C CG   . MEA B 1 5  ? 3.159   2.182   0.865   1.00 31.10  ? 5   MEA B CG   1 
HETATM 354 C CD1  . MEA B 1 5  ? 2.459   1.330   0.013   1.00 42.93  ? 5   MEA B CD1  1 
HETATM 355 C CE1  . MEA B 1 5  ? 2.296   1.672   -1.328  1.00 44.60  ? 5   MEA B CE1  1 
HETATM 356 C CZ   . MEA B 1 5  ? 2.848   2.859   -1.812  1.00 38.43  ? 5   MEA B CZ   1 
HETATM 357 C CE2  . MEA B 1 5  ? 3.581   3.688   -0.958  1.00 36.98  ? 5   MEA B CE2  1 
HETATM 358 C CD2  . MEA B 1 5  ? 3.731   3.360   0.368   1.00 30.50  ? 5   MEA B CD2  1 
HETATM 359 H HC1  . MEA B 1 5  ? 3.690   -1.487  3.540   1.00 44.50  ? 5   MEA B HC1  1 
HETATM 360 H HC2  . MEA B 1 5  ? 3.186   -1.875  2.055   1.00 44.50  ? 5   MEA B HC2  1 
HETATM 361 H HC3  . MEA B 1 5  ? 2.610   -0.544  2.772   1.00 44.50  ? 5   MEA B HC3  1 
HETATM 362 H HA   . MEA B 1 5  ? 5.309   1.457   2.175   1.00 33.89  ? 5   MEA B HA   1 
HETATM 363 H HB1  . MEA B 1 5  ? 3.422   2.680   2.863   1.00 42.63  ? 5   MEA B HB1  1 
HETATM 364 H HB2  . MEA B 1 5  ? 2.546   1.352   2.665   1.00 42.63  ? 5   MEA B HB2  1 
HETATM 365 H HD1  . MEA B 1 5  ? 2.058   0.516   0.360   1.00 51.51  ? 5   MEA B HD1  1 
HETATM 366 H HE1  . MEA B 1 5  ? 1.793   1.080   -1.934  1.00 53.52  ? 5   MEA B HE1  1 
HETATM 367 H HZ   . MEA B 1 5  ? 2.755   3.094   -2.772  1.00 46.12  ? 5   MEA B HZ   1 
HETATM 368 H HE2  . MEA B 1 5  ? 3.963   4.505   -1.297  1.00 44.37  ? 5   MEA B HE2  1 
HETATM 369 H HD2  . MEA B 1 5  ? 4.253   4.079   0.781   1.00 36.60  ? 5   MEA B HD2  1 
ATOM   370 N N    . PHE B 1 6  ? 5.487   2.075   4.550   1.00 31.21  ? 6   PHE B N    1 
ATOM   371 C CA   . PHE B 1 6  ? 5.795   2.310   5.960   1.00 33.09  ? 6   PHE B CA   1 
ATOM   372 C C    . PHE B 1 6  ? 5.526   3.768   6.235   1.00 34.67  ? 6   PHE B C    1 
ATOM   373 O O    . PHE B 1 6  ? 5.730   4.603   5.362   1.00 34.84  ? 6   PHE B O    1 
ATOM   374 C CB   . PHE B 1 6  ? 7.262   2.011   6.305   1.00 34.64  ? 6   PHE B CB   1 
ATOM   375 C CG   . PHE B 1 6  ? 7.639   0.619   6.040   1.00 33.52  ? 6   PHE B CG   1 
ATOM   376 C CD1  . PHE B 1 6  ? 7.935   0.222   4.764   1.00 32.18  ? 6   PHE B CD1  1 
ATOM   377 C CD2  . PHE B 1 6  ? 7.644   -0.301  7.055   1.00 34.06  ? 6   PHE B CD2  1 
ATOM   378 C CE1  . PHE B 1 6  ? 8.245   -1.085  4.513   1.00 31.37  ? 6   PHE B CE1  1 
ATOM   379 C CE2  . PHE B 1 6  ? 7.945   -1.580  6.812   1.00 33.25  ? 6   PHE B CE2  1 
ATOM   380 C CZ   . PHE B 1 6  ? 8.255   -1.980  5.550   1.00 31.89  ? 6   PHE B CZ   1 
ATOM   381 H H    . PHE B 1 6  ? 5.826   2.665   4.024   1.00 37.45  ? 6   PHE B H    1 
ATOM   382 H HA   . PHE B 1 6  ? 5.219   1.769   6.523   1.00 39.71  ? 6   PHE B HA   1 
ATOM   383 H HB2  . PHE B 1 6  ? 7.834   2.584   5.771   1.00 41.57  ? 6   PHE B HB2  1 
ATOM   384 H HB3  . PHE B 1 6  ? 7.407   2.186   7.248   1.00 41.57  ? 6   PHE B HB3  1 
ATOM   385 H HD1  . PHE B 1 6  ? 7.922   0.839   4.069   1.00 38.62  ? 6   PHE B HD1  1 
ATOM   386 H HD2  . PHE B 1 6  ? 7.431   -0.034  7.920   1.00 40.87  ? 6   PHE B HD2  1 
ATOM   387 H HE1  . PHE B 1 6  ? 8.459   -1.361  3.651   1.00 37.65  ? 6   PHE B HE1  1 
ATOM   388 H HE2  . PHE B 1 6  ? 7.957   -2.194  7.509   1.00 39.90  ? 6   PHE B HE2  1 
ATOM   389 H HZ   . PHE B 1 6  ? 8.472   -2.870  5.389   1.00 38.27  ? 6   PHE B HZ   1 
ATOM   390 N N    . ALA B 1 7  ? 5.154   4.076   7.470   1.00 36.23  ? 7   ALA B N    1 
ATOM   391 C CA   . ALA B 1 7  ? 4.973   5.454   7.905   1.00 39.92  ? 7   ALA B CA   1 
ATOM   392 C C    . ALA B 1 7  ? 5.821   5.688   9.136   1.00 42.20  ? 7   ALA B C    1 
ATOM   393 O O    . ALA B 1 7  ? 5.704   4.948   10.110  1.00 45.40  ? 7   ALA B O    1 
ATOM   394 C CB   . ALA B 1 7  ? 3.513   5.733   8.241   1.00 43.65  ? 7   ALA B CB   1 
ATOM   395 H H    . ALA B 1 7  ? 4.995   3.494   8.083   1.00 43.47  ? 7   ALA B H    1 
ATOM   396 H HA   . ALA B 1 7  ? 5.258   6.063   7.206   1.00 47.90  ? 7   ALA B HA   1 
ATOM   397 H HB1  . ALA B 1 7  ? 3.427   6.656   8.528   1.00 52.38  ? 7   ALA B HB1  1 
ATOM   398 H HB2  . ALA B 1 7  ? 2.973   5.579   7.450   1.00 52.38  ? 7   ALA B HB2  1 
ATOM   399 H HB3  . ALA B 1 7  ? 3.234   5.138   8.954   1.00 52.38  ? 7   ALA B HB3  1 
ATOM   400 N N    . GLU B 1 8  ? 6.647   6.719   9.123   1.00 66.68  ? 8   GLU B N    1 
ATOM   401 C CA   . GLU B 1 8  ? 7.179   7.178   10.397  1.00 80.81  ? 8   GLU B CA   1 
ATOM   402 C C    . GLU B 1 8  ? 7.373   8.682   10.357  1.00 74.28  ? 8   GLU B C    1 
ATOM   403 O O    . GLU B 1 8  ? 7.967   9.232   9.426   1.00 66.67  ? 8   GLU B O    1 
ATOM   404 C CB   . GLU B 1 8  ? 8.483   6.448   10.759  1.00 94.48  ? 8   GLU B CB   1 
ATOM   405 C CG   . GLU B 1 8  ? 8.717   6.308   12.294  1.00 101.06 ? 8   GLU B CG   1 
ATOM   406 C CD   . GLU B 1 8  ? 8.646   4.860   12.821  1.00 99.47  ? 8   GLU B CD   1 
ATOM   407 O OE1  . GLU B 1 8  ? 7.633   4.493   13.456  1.00 98.65  ? 8   GLU B OE1  1 
ATOM   408 O OE2  . GLU B 1 8  ? 9.613   4.093   12.615  1.00 105.12 ? 8   GLU B OE2  1 
ATOM   409 H H    . GLU B 1 8  ? 6.906   7.155   8.428   1.00 80.01  ? 8   GLU B H    1 
ATOM   410 H HA   . GLU B 1 8  ? 6.530   6.984   11.091  1.00 96.97  ? 8   GLU B HA   1 
ATOM   411 H HB2  . GLU B 1 8  ? 8.457   5.555   10.381  1.00 113.37 ? 8   GLU B HB2  1 
ATOM   412 H HB3  . GLU B 1 8  ? 9.231   6.941   10.389  1.00 113.37 ? 8   GLU B HB3  1 
ATOM   413 H HG2  . GLU B 1 8  ? 9.597   6.656   12.506  1.00 121.27 ? 8   GLU B HG2  1 
ATOM   414 H HG3  . GLU B 1 8  ? 8.041   6.824   12.760  1.00 121.27 ? 8   GLU B HG3  1 
HETATM 415 N N    . ORN B 1 9  ? 5.513   13.927  9.359   1.00 65.84  ? 9   ORN B N    1 
HETATM 416 C CA   . ORN B 1 9  ? 6.079   12.574  9.025   1.00 63.29  ? 9   ORN B CA   1 
HETATM 417 C CB   . ORN B 1 9  ? 5.301   11.471  9.747   1.00 60.27  ? 9   ORN B CB   1 
HETATM 418 C CG   . ORN B 1 9  ? 5.544   11.433  11.240  1.00 65.12  ? 9   ORN B CG   1 
HETATM 419 C CD   . ORN B 1 9  ? 6.882   10.787  11.543  1.00 68.87  ? 9   ORN B CD   1 
HETATM 420 N NE   . ORN B 1 9  ? 6.800   9.359   11.412  1.00 65.54  ? 9   ORN B NE   1 
HETATM 421 C C    . ORN B 1 9  ? 6.061   12.312  7.495   1.00 50.34  ? 9   ORN B C    1 
HETATM 422 O O    . ORN B 1 9  ? 5.720   13.171  6.690   1.00 59.94  ? 9   ORN B O    1 
HETATM 423 H H2   . ORN B 1 9  ? 4.493   13.964  9.296   1.00 79.01  ? 9   ORN B H2   1 
HETATM 424 H H    . ORN B 1 9  ? 5.849   14.669  8.742   1.00 79.01  ? 9   ORN B H    1 
HETATM 425 H HA   . ORN B 1 9  ? 7.127   12.610  9.337   1.00 75.95  ? 9   ORN B HA   1 
HETATM 426 H HB2  . ORN B 1 9  ? 5.598   10.496  9.337   1.00 72.32  ? 9   ORN B HB2  1 
HETATM 427 H HB3  . ORN B 1 9  ? 4.227   11.642  9.585   1.00 72.32  ? 9   ORN B HB3  1 
HETATM 428 H HG2  . ORN B 1 9  ? 5.528   12.454  11.640  1.00 78.14  ? 9   ORN B HG2  1 
HETATM 429 H HG3  . ORN B 1 9  ? 4.751   10.845  11.716  1.00 78.14  ? 9   ORN B HG3  1 
HETATM 430 H HD2  . ORN B 1 9  ? 7.629   11.168  10.840  1.00 82.64  ? 9   ORN B HD2  1 
HETATM 431 H HD3  . ORN B 1 9  ? 7.163   11.027  12.573  1.00 82.64  ? 9   ORN B HD3  1 
HETATM 432 H HE1  . ORN B 1 9  ? 6.311   8.878   12.163  1.00 78.65  ? 9   ORN B HE1  1 
HETATM 433 H HN3  . ORN B 1 9  ? 5.738   14.237  10.307  1.00 79.01  ? 9   ORN B HN3  1 
ATOM   434 N N    . ALA B 1 10 ? 6.465   11.071  7.084   1.00 50.75  ? 10  ALA B N    1 
ATOM   435 C CA   . ALA B 1 10 ? 6.464   10.757  5.665   1.00 45.97  ? 10  ALA B CA   1 
ATOM   436 C C    . ALA B 1 10 ? 6.179   9.296   5.464   1.00 45.45  ? 10  ALA B C    1 
ATOM   437 O O    . ALA B 1 10 ? 6.436   8.484   6.349   1.00 45.77  ? 10  ALA B O    1 
ATOM   438 C CB   . ALA B 1 10 ? 7.781   11.132  5.029   1.00 49.44  ? 10  ALA B CB   1 
ATOM   439 H H    . ALA B 1 10 ? 6.711   10.430  7.601   1.00 60.90  ? 10  ALA B H    1 
ATOM   440 H HA   . ALA B 1 10 ? 5.762   11.264  5.228   1.00 55.17  ? 10  ALA B HA   1 
ATOM   441 H HB1  . ALA B 1 10 ? 7.750   10.911  4.085   1.00 59.32  ? 10  ALA B HB1  1 
ATOM   442 H HB2  . ALA B 1 10 ? 7.925   12.085  5.141   1.00 59.32  ? 10  ALA B HB2  1 
ATOM   443 H HB3  . ALA B 1 10 ? 8.493   10.636  5.463   1.00 59.32  ? 10  ALA B HB3  1 
ATOM   444 N N    . ILE B 1 11 ? 5.619   8.956   4.313   1.00 39.89  ? 11  ILE B N    1 
ATOM   445 C CA   . ILE B 1 11 ? 5.357   7.567   3.952   1.00 37.17  ? 11  ILE B CA   1 
ATOM   446 C C    . ILE B 1 11 ? 6.447   7.137   2.996   1.00 36.84  ? 11  ILE B C    1 
ATOM   447 O O    . ILE B 1 11 ? 6.870   7.916   2.142   1.00 37.91  ? 11  ILE B O    1 
ATOM   448 C CB   . ILE B 1 11 ? 3.976   7.422   3.297   1.00 35.43  ? 11  ILE B CB   1 
ATOM   449 C CG1  . ILE B 1 11 ? 2.910   7.962   4.241   1.00 38.87  ? 11  ILE B CG1  1 
ATOM   450 C CG2  . ILE B 1 11 ? 3.733   5.987   2.906   1.00 33.09  ? 11  ILE B CG2  1 
ATOM   451 C CD1  . ILE B 1 11 ? 1.652   8.244   3.533   1.00 55.22  ? 11  ILE B CD1  1 
ATOM   452 H H    . ILE B 1 11 ? 5.376   9.521   3.712   1.00 47.87  ? 11  ILE B H    1 
ATOM   453 H HA   . ILE B 1 11 ? 5.392   7.008   4.743   1.00 44.60  ? 11  ILE B HA   1 
ATOM   454 H HB   . ILE B 1 11 ? 3.965   7.960   2.490   1.00 42.52  ? 11  ILE B HB   1 
ATOM   455 H HG12 . ILE B 1 11 ? 2.730   7.303   4.930   1.00 46.65  ? 11  ILE B HG12 1 
ATOM   456 H HG13 . ILE B 1 11 ? 3.226   8.788   4.641   1.00 46.65  ? 11  ILE B HG13 1 
ATOM   457 H HG21 . ILE B 1 11 ? 2.858   5.915   2.494   1.00 39.71  ? 11  ILE B HG21 1 
ATOM   458 H HG22 . ILE B 1 11 ? 4.419   5.711   2.277   1.00 39.71  ? 11  ILE B HG22 1 
ATOM   459 H HG23 . ILE B 1 11 ? 3.772   5.432   3.700   1.00 39.71  ? 11  ILE B HG23 1 
ATOM   460 H HD11 . ILE B 1 11 ? 1.002   8.585   4.167   1.00 66.27  ? 11  ILE B HD11 1 
ATOM   461 H HD12 . ILE B 1 11 ? 1.820   8.906   2.843   1.00 66.27  ? 11  ILE B HD12 1 
ATOM   462 H HD13 . ILE B 1 11 ? 1.325   7.424   3.131   1.00 66.27  ? 11  ILE B HD13 1 
ATOM   463 N N    . ILE B 1 12 ? 6.918   5.894   3.137   1.00 35.69  ? 12  ILE B N    1 
ATOM   464 C CA   . ILE B 1 12 ? 7.914   5.343   2.235   1.00 35.50  ? 12  ILE B CA   1 
ATOM   465 C C    . ILE B 1 12 ? 7.359   4.049   1.663   1.00 32.93  ? 12  ILE B C    1 
ATOM   466 O O    . ILE B 1 12 ? 6.809   3.229   2.405   1.00 31.87  ? 12  ILE B O    1 
ATOM   467 C CB   . ILE B 1 12 ? 9.249   5.106   2.958   1.00 44.27  ? 12  ILE B CB   1 
ATOM   468 C CG1  . ILE B 1 12 ? 9.841   6.452   3.344   1.00 67.28  ? 12  ILE B CG1  1 
ATOM   469 C CG2  . ILE B 1 12 ? 10.218  4.365   2.072   1.00 43.72  ? 12  ILE B CG2  1 
ATOM   470 C CD1  . ILE B 1 12 ? 10.242  6.549   4.786   1.00 83.63  ? 12  ILE B CD1  1 
ATOM   471 H H    . ILE B 1 12 ? 6.670   5.350   3.755   1.00 42.83  ? 12  ILE B H    1 
ATOM   472 H HA   . ILE B 1 12 ? 8.067   5.963   1.505   1.00 42.61  ? 12  ILE B HA   1 
ATOM   473 H HB   . ILE B 1 12 ? 9.088   4.585   3.762   1.00 53.13  ? 12  ILE B HB   1 
ATOM   474 H HG12 . ILE B 1 12 ? 10.631  6.612   2.806   1.00 80.73  ? 12  ILE B HG12 1 
ATOM   475 H HG13 . ILE B 1 12 ? 9.181   7.143   3.173   1.00 80.73  ? 12  ILE B HG13 1 
ATOM   476 H HG21 . ILE B 1 12 ? 11.048  4.230   2.557   1.00 52.46  ? 12  ILE B HG21 1 
ATOM   477 H HG22 . ILE B 1 12 ? 9.833   3.507   1.831   1.00 52.46  ? 12  ILE B HG22 1 
ATOM   478 H HG23 . ILE B 1 12 ? 10.382  4.892   1.275   1.00 52.46  ? 12  ILE B HG23 1 
ATOM   479 H HD11 . ILE B 1 12 ? 10.608  7.432   4.952   1.00 100.36 ? 12  ILE B HD11 1 
ATOM   480 H HD12 . ILE B 1 12 ? 9.459   6.405   5.341   1.00 100.36 ? 12  ILE B HD12 1 
ATOM   481 H HD13 . ILE B 1 12 ? 10.911  5.873   4.973   1.00 100.36 ? 12  ILE B HD13 1 
ATOM   482 N N    . GLY B 1 13 ? 7.467   3.892   0.344   1.00 32.30  ? 13  GLY B N    1 
ATOM   483 C CA   . GLY B 1 13 ? 7.071   2.650   -0.297  1.00 30.39  ? 13  GLY B CA   1 
ATOM   484 C C    . GLY B 1 13 ? 8.321   2.003   -0.844  1.00 30.98  ? 13  GLY B C    1 
ATOM   485 O O    . GLY B 1 13 ? 9.069   2.642   -1.589  1.00 32.45  ? 13  GLY B O    1 
ATOM   486 H H    . GLY B 1 13 ? 7.765   4.490   -0.197  1.00 38.76  ? 13  GLY B H    1 
ATOM   487 H HA2  . GLY B 1 13 ? 6.654   2.056   0.345   1.00 36.47  ? 13  GLY B HA2  1 
ATOM   488 H HA3  . GLY B 1 13 ? 6.453   2.826   -1.024  1.00 36.47  ? 13  GLY B HA3  1 
ATOM   489 N N    . LEU B 1 14 ? 8.589   0.752   -0.461  1.00 30.25  ? 14  LEU B N    1 
ATOM   490 C CA   . LEU B 1 14 ? 9.820   0.063   -0.836  1.00 31.19  ? 14  LEU B CA   1 
ATOM   491 C C    . LEU B 1 14 ? 9.441   -1.119  -1.701  1.00 29.73  ? 14  LEU B C    1 
ATOM   492 O O    . LEU B 1 14 ? 8.395   -1.732  -1.478  1.00 28.15  ? 14  LEU B O    1 
ATOM   493 C CB   . LEU B 1 14 ? 10.587  -0.421  0.371   1.00 32.27  ? 14  LEU B CB   1 
ATOM   494 C CG   . LEU B 1 14 ? 11.116  0.745   1.204   1.00 34.75  ? 14  LEU B CG   1 
ATOM   495 C CD1  . LEU B 1 14 ? 11.751  0.247   2.472   1.00 37.74  ? 14  LEU B CD1  1 
ATOM   496 C CD2  . LEU B 1 14 ? 12.134  1.530   0.393   1.00 38.94  ? 14  LEU B CD2  1 
ATOM   497 H H    . LEU B 1 14 ? 8.063   0.276   0.024   1.00 36.30  ? 14  LEU B H    1 
ATOM   498 H HA   . LEU B 1 14 ? 10.388  0.659   -1.350  1.00 37.43  ? 14  LEU B HA   1 
ATOM   499 H HB2  . LEU B 1 14 ? 10.001  -0.953  0.931   1.00 38.72  ? 14  LEU B HB2  1 
ATOM   500 H HB3  . LEU B 1 14 ? 11.344  -0.952  0.077   1.00 38.72  ? 14  LEU B HB3  1 
ATOM   501 H HG   . LEU B 1 14 ? 10.383  1.336   1.437   1.00 41.70  ? 14  LEU B HG   1 
ATOM   502 H HD11 . LEU B 1 14 ? 12.077  1.006   2.981   1.00 45.29  ? 14  LEU B HD11 1 
ATOM   503 H HD12 . LEU B 1 14 ? 11.087  -0.237  2.988   1.00 45.29  ? 14  LEU B HD12 1 
ATOM   504 H HD13 . LEU B 1 14 ? 12.488  -0.342  2.246   1.00 45.29  ? 14  LEU B HD13 1 
ATOM   505 H HD21 . LEU B 1 14 ? 12.462  2.268   0.930   1.00 46.73  ? 14  LEU B HD21 1 
ATOM   506 H HD22 . LEU B 1 14 ? 12.866  0.943   0.153   1.00 46.73  ? 14  LEU B HD22 1 
ATOM   507 H HD23 . LEU B 1 14 ? 11.704  1.870   -0.407  1.00 46.73  ? 14  LEU B HD23 1 
ATOM   508 N N    . MET B 1 15 ? 10.253  -1.380  -2.723  1.00 35.49  ? 15  MET B N    1 
ATOM   509 C CA   . MET B 1 15 ? 9.916   -2.418  -3.692  1.00 41.06  ? 15  MET B CA   1 
ATOM   510 C C    . MET B 1 15 ? 10.524  -3.736  -3.278  1.00 41.96  ? 15  MET B C    1 
ATOM   511 O O    . MET B 1 15 ? 11.614  -3.800  -2.731  1.00 34.01  ? 15  MET B O    1 
ATOM   512 C CB   . MET B 1 15 ? 10.409  -2.060  -5.100  1.00 40.58  ? 15  MET B CB   1 
ATOM   513 C CG   . MET B 1 15 ? 9.561   -0.994  -5.781  1.00 58.70  ? 15  MET B CG   1 
ATOM   514 S SD   . MET B 1 15 ? 10.407  -0.427  -7.255  1.00 80.22  ? 15  MET B SD   1 
ATOM   515 C CE   . MET B 1 15 ? 9.855   1.279   -7.318  1.00 105.51 ? 15  MET B CE   1 
ATOM   516 H H    . MET B 1 15 ? 10.996  -0.975  -2.877  1.00 42.58  ? 15  MET B H    1 
ATOM   517 H HA   . MET B 1 15 ? 8.951   -2.513  -3.729  1.00 49.27  ? 15  MET B HA   1 
ATOM   518 H HB2  . MET B 1 15 ? 11.317  -1.724  -5.039  1.00 48.70  ? 15  MET B HB2  1 
ATOM   519 H HB3  . MET B 1 15 ? 10.387  -2.857  -5.652  1.00 48.70  ? 15  MET B HB3  1 
ATOM   520 H HG2  . MET B 1 15 ? 8.706   -1.371  -6.038  1.00 70.45  ? 15  MET B HG2  1 
ATOM   521 H HG3  . MET B 1 15 ? 9.439   -0.240  -5.182  1.00 70.45  ? 15  MET B HG3  1 
ATOM   522 H HE1  . MET B 1 15 ? 10.251  1.711   -8.091  1.00 126.61 ? 15  MET B HE1  1 
ATOM   523 H HE2  . MET B 1 15 ? 8.887   1.295   -7.389  1.00 126.61 ? 15  MET B HE2  1 
ATOM   524 H HE3  . MET B 1 15 ? 10.134  1.731   -6.506  1.00 126.61 ? 15  MET B HE3  1 
ATOM   525 N N    . VAL B 1 16 ? 9.767   -4.783  -3.556  1.00 37.50  ? 16  VAL B N    1 
ATOM   526 C CA   . VAL B 1 16 ? 10.132  -6.166  -3.326  1.00 46.10  ? 16  VAL B CA   1 
ATOM   527 C C    . VAL B 1 16 ? 9.946   -6.812  -4.694  1.00 36.10  ? 16  VAL B C    1 
ATOM   528 O O    . VAL B 1 16 ? 8.986   -7.544  -4.934  1.00 48.86  ? 16  VAL B O    1 
ATOM   529 C CB   . VAL B 1 16 ? 9.280   -6.805  -2.223  1.00 36.56  ? 16  VAL B CB   1 
ATOM   530 C CG1  . VAL B 1 16 ? 9.662   -8.257  -2.047  1.00 45.27  ? 16  VAL B CG1  1 
ATOM   531 C CG2  . VAL B 1 16 ? 9.458   -6.027  -0.927  1.00 43.40  ? 16  VAL B CG2  1 
ATOM   532 H H    . VAL B 1 16 ? 9.017   -4.682  -3.964  1.00 45.00  ? 16  VAL B H    1 
ATOM   533 H HA   . VAL B 1 16 ? 11.067  -6.223  -3.074  1.00 55.32  ? 16  VAL B HA   1 
ATOM   534 H HB   . VAL B 1 16 ? 8.346   -6.764  -2.477  1.00 43.88  ? 16  VAL B HB   1 
ATOM   535 H HG11 . VAL B 1 16 ? 9.114   -8.644  -1.346  1.00 54.32  ? 16  VAL B HG11 1 
ATOM   536 H HG12 . VAL B 1 16 ? 9.513   -8.726  -2.882  1.00 54.32  ? 16  VAL B HG12 1 
ATOM   537 H HG13 . VAL B 1 16 ? 10.599  -8.309  -1.800  1.00 54.32  ? 16  VAL B HG13 1 
ATOM   538 H HG21 . VAL B 1 16 ? 8.917   -6.438  -0.236  1.00 52.08  ? 16  VAL B HG21 1 
ATOM   539 H HG22 . VAL B 1 16 ? 10.394  -6.049  -0.672  1.00 52.08  ? 16  VAL B HG22 1 
ATOM   540 H HG23 . VAL B 1 16 ? 9.175   -5.110  -1.068  1.00 52.08  ? 16  VAL B HG23 1 
HETATM 541 N N    . ORN C 1 1  ? -12.151 -4.912  0.996   1.00 31.69  ? 1   ORN C N    1 
HETATM 542 C CA   . ORN C 1 1  ? -11.100 -5.757  0.457   1.00 31.84  ? 1   ORN C CA   1 
HETATM 543 C CB   . ORN C 1 1  ? -11.126 -5.653  -1.086  1.00 29.86  ? 1   ORN C CB   1 
HETATM 544 C CG   . ORN C 1 1  ? -12.376 -6.290  -1.686  1.00 36.17  ? 1   ORN C CG   1 
HETATM 545 C CD   . ORN C 1 1  ? -12.300 -7.841  -1.560  1.00 33.73  ? 1   ORN C CD   1 
HETATM 546 N NE   . ORN C 1 1  ? -11.099 -8.324  -2.189  1.00 37.18  ? 1   ORN C NE   1 
HETATM 547 C C    . ORN C 1 1  ? -9.740  -5.295  0.851   1.00 29.60  ? 1   ORN C C    1 
HETATM 548 O O    . ORN C 1 1  ? -9.507  -4.104  1.073   1.00 28.51  ? 1   ORN C O    1 
HETATM 549 H H1   . ORN C 1 1  ? -12.035 -4.707  1.992   1.00 38.03  ? 1   ORN C H1   1 
HETATM 550 H H2   . ORN C 1 1  ? -12.209 -3.999  0.537   1.00 38.03  ? 1   ORN C H2   1 
HETATM 551 H H3   . ORN C 1 1  ? -13.084 -5.321  0.909   1.00 38.03  ? 1   ORN C H3   1 
HETATM 552 H HA   . ORN C 1 1  ? -11.264 -6.769  0.842   1.00 38.20  ? 1   ORN C HA   1 
HETATM 553 H HB2  . ORN C 1 1  ? -10.249 -6.170  -1.500  1.00 35.83  ? 1   ORN C HB2  1 
HETATM 554 H HB3  . ORN C 1 1  ? -11.118 -4.590  -1.366  1.00 35.83  ? 1   ORN C HB3  1 
HETATM 555 H HG2  . ORN C 1 1  ? -12.450 -6.018  -2.745  1.00 43.41  ? 1   ORN C HG2  1 
HETATM 556 H HG3  . ORN C 1 1  ? -13.261 -5.922  -1.153  1.00 43.41  ? 1   ORN C HG3  1 
HETATM 557 H HD2  . ORN C 1 1  ? -13.163 -8.279  -2.069  1.00 40.48  ? 1   ORN C HD2  1 
HETATM 558 H HD3  . ORN C 1 1  ? -12.289 -8.115  -0.501  1.00 40.48  ? 1   ORN C HD3  1 
HETATM 559 H HE1  . ORN C 1 1  ? -11.133 -8.374  -3.205  1.00 44.61  ? 1   ORN C HE1  1 
ATOM   560 N N    . LYS C 1 2  ? -8.756  -6.259  0.873   1.00 30.41  ? 2   LYS C N    1 
ATOM   561 C CA   . LYS C 1 2  ? -7.367  -5.868  1.106   1.00 29.72  ? 2   LYS C CA   1 
ATOM   562 C C    . LYS C 1 2  ? -6.884  -5.250  -0.184  1.00 28.03  ? 2   LYS C C    1 
ATOM   563 O O    . LYS C 1 2  ? -7.301  -5.670  -1.276  1.00 28.32  ? 2   LYS C O    1 
ATOM   564 C CB   . LYS C 1 2  ? -6.460  -7.044  1.462   1.00 37.05  ? 2   LYS C CB   1 
ATOM   565 C CG   . LYS C 1 2  ? -6.686  -7.574  2.860   1.00 56.56  ? 2   LYS C CG   1 
ATOM   566 C CD   . LYS C 1 2  ? -5.561  -8.501  3.337   1.00 67.00  ? 2   LYS C CD   1 
ATOM   567 C CE   . LYS C 1 2  ? -4.207  -7.804  3.371   1.00 75.16  ? 2   LYS C CE   1 
ATOM   568 N NZ   . LYS C 1 2  ? -4.305  -6.344  3.703   1.00 72.26  ? 2   LYS C NZ   1 
ATOM   569 H H    . LYS C 1 2  ? -8.868  -7.086  0.663   1.00 36.49  ? 2   LYS C H    1 
ATOM   570 H HA   . LYS C 1 2  ? -7.321  -5.206  1.813   1.00 35.67  ? 2   LYS C HA   1 
ATOM   571 H HB2  . LYS C 1 2  ? -6.625  -7.769  0.839   1.00 44.46  ? 2   LYS C HB2  1 
ATOM   572 H HB3  . LYS C 1 2  ? -5.535  -6.759  1.398   1.00 44.46  ? 2   LYS C HB3  1 
ATOM   573 H HG2  . LYS C 1 2  ? -6.739  -6.826  3.476   1.00 67.87  ? 2   LYS C HG2  1 
ATOM   574 H HG3  . LYS C 1 2  ? -7.515  -8.076  2.877   1.00 67.87  ? 2   LYS C HG3  1 
ATOM   575 H HD2  . LYS C 1 2  ? -5.763  -8.809  4.235   1.00 80.40  ? 2   LYS C HD2  1 
ATOM   576 H HD3  . LYS C 1 2  ? -5.495  -9.257  2.733   1.00 80.40  ? 2   LYS C HD3  1 
ATOM   577 H HE2  . LYS C 1 2  ? -3.651  -8.226  4.045   1.00 90.19  ? 2   LYS C HE2  1 
ATOM   578 H HE3  . LYS C 1 2  ? -3.789  -7.885  2.500   1.00 90.19  ? 2   LYS C HE3  1 
ATOM   579 H HZ1  . LYS C 1 2  ? -3.493  -5.979  3.711   1.00 86.72  ? 2   LYS C HZ1  1 
ATOM   580 H HZ2  . LYS C 1 2  ? -4.803  -5.927  3.094   1.00 86.72  ? 2   LYS C HZ2  1 
ATOM   581 H HZ3  . LYS C 1 2  ? -4.678  -6.239  4.504   1.00 86.72  ? 2   LYS C HZ3  1 
ATOM   582 N N    . LEU C 1 3  ? -5.972  -4.286  -0.096  1.00 26.93  ? 3   LEU C N    1 
ATOM   583 C CA   . LEU C 1 3  ? -5.391  -3.655  -1.262  1.00 25.63  ? 3   LEU C CA   1 
ATOM   584 C C    . LEU C 1 3  ? -3.922  -4.032  -1.318  1.00 28.78  ? 3   LEU C C    1 
ATOM   585 O O    . LEU C 1 3  ? -3.208  -3.904  -0.316  1.00 30.10  ? 3   LEU C O    1 
ATOM   586 C CB   . LEU C 1 3  ? -5.586  -2.135  -1.182  1.00 24.68  ? 3   LEU C CB   1 
ATOM   587 C CG   . LEU C 1 3  ? -5.274  -1.255  -2.355  1.00 33.51  ? 3   LEU C CG   1 
ATOM   588 C CD1  . LEU C 1 3  ? -5.981  -1.684  -3.633  1.00 34.88  ? 3   LEU C CD1  1 
ATOM   589 C CD2  . LEU C 1 3  ? -5.691  0.196   -1.993  1.00 32.42  ? 3   LEU C CD2  1 
ATOM   590 H H    . LEU C 1 3  ? -5.669  -3.979  0.647   1.00 32.32  ? 3   LEU C H    1 
ATOM   591 H HA   . LEU C 1 3  ? -5.828  -3.983  -2.063  1.00 30.76  ? 3   LEU C HA   1 
ATOM   592 H HB2  . LEU C 1 3  ? -6.518  -1.976  -0.964  1.00 29.62  ? 3   LEU C HB2  1 
ATOM   593 H HB3  . LEU C 1 3  ? -5.038  -1.814  -0.449  1.00 29.62  ? 3   LEU C HB3  1 
ATOM   594 H HG   . LEU C 1 3  ? -4.318  -1.266  -2.518  1.00 40.21  ? 3   LEU C HG   1 
ATOM   595 H HD11 . LEU C 1 3  ? -5.736  -1.075  -4.347  1.00 41.86  ? 3   LEU C HD11 1 
ATOM   596 H HD12 . LEU C 1 3  ? -5.706  -2.587  -3.858  1.00 41.86  ? 3   LEU C HD12 1 
ATOM   597 H HD13 . LEU C 1 3  ? -6.940  -1.656  -3.488  1.00 41.86  ? 3   LEU C HD13 1 
ATOM   598 H HD21 . LEU C 1 3  ? -5.495  0.776   -2.745  1.00 38.90  ? 3   LEU C HD21 1 
ATOM   599 H HD22 . LEU C 1 3  ? -6.642  0.212   -1.802  1.00 38.90  ? 3   LEU C HD22 1 
ATOM   600 H HD23 . LEU C 1 3  ? -5.192  0.482   -1.213  1.00 38.90  ? 3   LEU C HD23 1 
ATOM   601 N N    . VAL C 1 4  ? -3.499  -4.550  -2.465  1.00 26.31  ? 4   VAL C N    1 
ATOM   602 C CA   . VAL C 1 4  ? -2.132  -5.039  -2.664  1.00 26.41  ? 4   VAL C CA   1 
ATOM   603 C C    . VAL C 1 4  ? -1.466  -4.157  -3.715  1.00 29.11  ? 4   VAL C C    1 
ATOM   604 O O    . VAL C 1 4  ? -2.019  -4.064  -4.817  1.00 28.48  ? 4   VAL C O    1 
ATOM   605 C CB   . VAL C 1 4  ? -2.109  -6.480  -3.139  1.00 32.99  ? 4   VAL C CB   1 
ATOM   606 C CG1  . VAL C 1 4  ? -0.675  -6.950  -3.237  1.00 38.79  ? 4   VAL C CG1  1 
ATOM   607 C CG2  . VAL C 1 4  ? -2.961  -7.377  -2.194  1.00 39.55  ? 4   VAL C CG2  1 
ATOM   608 H H    . VAL C 1 4  ? -3.996  -4.632  -3.163  1.00 31.58  ? 4   VAL C H    1 
ATOM   609 H HA   . VAL C 1 4  ? -1.632  -4.973  -1.835  1.00 31.69  ? 4   VAL C HA   1 
ATOM   610 H HB   . VAL C 1 4  ? -2.499  -6.525  -4.026  1.00 39.58  ? 4   VAL C HB   1 
ATOM   611 H HG11 . VAL C 1 4  ? -0.665  -7.871  -3.540  1.00 46.54  ? 4   VAL C HG11 1 
ATOM   612 H HG12 . VAL C 1 4  ? -0.201  -6.387  -3.869  1.00 46.54  ? 4   VAL C HG12 1 
ATOM   613 H HG13 . VAL C 1 4  ? -0.262  -6.885  -2.361  1.00 46.54  ? 4   VAL C HG13 1 
ATOM   614 H HG21 . VAL C 1 4  ? -2.932  -8.291  -2.516  1.00 47.45  ? 4   VAL C HG21 1 
ATOM   615 H HG22 . VAL C 1 4  ? -2.592  -7.329  -1.297  1.00 47.45  ? 4   VAL C HG22 1 
ATOM   616 H HG23 . VAL C 1 4  ? -3.876  -7.054  -2.194  1.00 47.45  ? 4   VAL C HG23 1 
HETATM 617 C C1   . MEA C 1 5  ? 0.613   -3.960  -2.386  1.00 41.06  ? 5   MEA C C1   1 
HETATM 618 N N    . MEA C 1 5  ? -0.294  -3.575  -3.443  1.00 30.29  ? 5   MEA C N    1 
HETATM 619 C CA   . MEA C 1 5  ? 0.328   -2.652  -4.410  1.00 28.82  ? 5   MEA C CA   1 
HETATM 620 C C    . MEA C 1 5  ? 1.539   -3.256  -5.177  1.00 29.78  ? 5   MEA C C    1 
HETATM 621 O O    . MEA C 1 5  ? 2.338   -4.015  -4.585  1.00 29.14  ? 5   MEA C O    1 
HETATM 622 C CB   . MEA C 1 5  ? 0.801   -1.369  -3.861  1.00 34.27  ? 5   MEA C CB   1 
HETATM 623 C CG   . MEA C 1 5  ? -0.315  -0.376  -3.552  1.00 30.13  ? 5   MEA C CG   1 
HETATM 624 C CD1  . MEA C 1 5  ? -0.678  -0.150  -2.236  1.00 39.10  ? 5   MEA C CD1  1 
HETATM 625 C CE1  . MEA C 1 5  ? -1.675  0.777   -1.950  1.00 38.84  ? 5   MEA C CE1  1 
HETATM 626 C CZ   . MEA C 1 5  ? -2.281  1.465   -2.985  1.00 32.49  ? 5   MEA C CZ   1 
HETATM 627 C CE2  . MEA C 1 5  ? -1.910  1.223   -4.317  1.00 29.01  ? 5   MEA C CE2  1 
HETATM 628 C CD2  . MEA C 1 5  ? -0.915  0.321   -4.600  1.00 28.34  ? 5   MEA C CD2  1 
HETATM 629 H HC1  . MEA C 1 5  ? 0.091   -4.260  -1.594  1.00 49.27  ? 5   MEA C HC1  1 
HETATM 630 H HC2  . MEA C 1 5  ? 1.172   -3.190  -2.138  1.00 49.27  ? 5   MEA C HC2  1 
HETATM 631 H HC3  . MEA C 1 5  ? 1.195   -4.707  -2.702  1.00 49.27  ? 5   MEA C HC3  1 
HETATM 632 H HA   . MEA C 1 5  ? -0.364  -2.439  -5.086  1.00 34.58  ? 5   MEA C HA   1 
HETATM 633 H HB1  . MEA C 1 5  ? 1.410   -0.959  -4.517  1.00 41.12  ? 5   MEA C HB1  1 
HETATM 634 H HB2  . MEA C 1 5  ? 1.306   -1.548  -3.033  1.00 41.12  ? 5   MEA C HB2  1 
HETATM 635 H HD1  . MEA C 1 5  ? -0.237  -0.633  -1.517  1.00 46.92  ? 5   MEA C HD1  1 
HETATM 636 H HE1  . MEA C 1 5  ? -1.949  0.943   -1.019  1.00 46.61  ? 5   MEA C HE1  1 
HETATM 637 H HZ   . MEA C 1 5  ? -3.004  2.117   -2.785  1.00 38.99  ? 5   MEA C HZ   1 
HETATM 638 H HE2  . MEA C 1 5  ? -2.337  1.708   -5.031  1.00 34.81  ? 5   MEA C HE2  1 
HETATM 639 H HD2  . MEA C 1 5  ? -0.805  0.307   -5.573  1.00 34.00  ? 5   MEA C HD2  1 
ATOM   640 N N    . PHE C 1 6  ? 1.637   -2.919  -6.471  1.00 26.17  ? 6   PHE C N    1 
ATOM   641 C CA   . PHE C 1 6  ? 2.699   -3.429  -7.342  1.00 31.29  ? 6   PHE C CA   1 
ATOM   642 C C    . PHE C 1 6  ? 3.271   -2.255  -8.078  1.00 31.66  ? 6   PHE C C    1 
ATOM   643 O O    . PHE C 1 6  ? 2.554   -1.311  -8.394  1.00 29.22  ? 6   PHE C O    1 
ATOM   644 C CB   . PHE C 1 6  ? 2.182   -4.452  -8.368  1.00 29.41  ? 6   PHE C CB   1 
ATOM   645 C CG   . PHE C 1 6  ? 1.726   -5.732  -7.777  1.00 34.57  ? 6   PHE C CG   1 
ATOM   646 C CD1  . PHE C 1 6  ? 0.462   -5.839  -7.241  1.00 31.51  ? 6   PHE C CD1  1 
ATOM   647 C CD2  . PHE C 1 6  ? 2.564   -6.843  -7.770  1.00 43.71  ? 6   PHE C CD2  1 
ATOM   648 C CE1  . PHE C 1 6  ? 0.033   -7.041  -6.685  1.00 32.52  ? 6   PHE C CE1  1 
ATOM   649 C CE2  . PHE C 1 6  ? 2.146   -8.031  -7.213  1.00 46.76  ? 6   PHE C CE2  1 
ATOM   650 C CZ   . PHE C 1 6  ? 0.885   -8.128  -6.669  1.00 43.35  ? 6   PHE C CZ   1 
ATOM   651 H H    . PHE C 1 6  ? 1.090   -2.389  -6.870  1.00 31.41  ? 6   PHE C H    1 
ATOM   652 H HA   . PHE C 1 6  ? 3.398   -3.840  -6.809  1.00 37.55  ? 6   PHE C HA   1 
ATOM   653 H HB2  . PHE C 1 6  ? 1.431   -4.063  -8.844  1.00 35.29  ? 6   PHE C HB2  1 
ATOM   654 H HB3  . PHE C 1 6  ? 2.896   -4.654  -8.994  1.00 35.29  ? 6   PHE C HB3  1 
ATOM   655 H HD1  . PHE C 1 6  ? -0.106  -5.103  -7.245  1.00 37.81  ? 6   PHE C HD1  1 
ATOM   656 H HD2  . PHE C 1 6  ? 3.420   -6.777  -8.128  1.00 52.45  ? 6   PHE C HD2  1 
ATOM   657 H HE1  . PHE C 1 6  ? -0.819  -7.109  -6.318  1.00 39.03  ? 6   PHE C HE1  1 
ATOM   658 H HE2  . PHE C 1 6  ? 2.713   -8.768  -7.207  1.00 56.12  ? 6   PHE C HE2  1 
ATOM   659 H HZ   . PHE C 1 6  ? 0.600   -8.935  -6.304  1.00 52.02  ? 6   PHE C HZ   1 
ATOM   660 N N    . ALA C 1 7  ? 4.564   -2.279  -8.366  1.00 27.96  ? 7   ALA C N    1 
ATOM   661 C CA   . ALA C 1 7  ? 5.154   -1.287  -9.240  1.00 28.22  ? 7   ALA C CA   1 
ATOM   662 C C    . ALA C 1 7  ? 5.490   -1.999  -10.530 1.00 31.85  ? 7   ALA C C    1 
ATOM   663 O O    . ALA C 1 7  ? 6.195   -3.008  -10.520 1.00 36.35  ? 7   ALA C O    1 
ATOM   664 C CB   . ALA C 1 7  ? 6.385   -0.640  -8.627  1.00 41.23  ? 7   ALA C CB   1 
ATOM   665 H H    . ALA C 1 7  ? 5.121   -2.860  -8.064  1.00 33.55  ? 7   ALA C H    1 
ATOM   666 H HA   . ALA C 1 7  ? 4.502   -0.594  -9.430  1.00 33.87  ? 7   ALA C HA   1 
ATOM   667 H HB1  . ALA C 1 7  ? 6.742   0.013   -9.250  1.00 49.47  ? 7   ALA C HB1  1 
ATOM   668 H HB2  . ALA C 1 7  ? 6.134   -0.205  -7.798  1.00 49.47  ? 7   ALA C HB2  1 
ATOM   669 H HB3  . ALA C 1 7  ? 7.049   -1.327  -8.453  1.00 49.47  ? 7   ALA C HB3  1 
ATOM   670 N N    . GLU C 1 8  ? 4.926   -1.510  -11.628 1.00 29.76  ? 8   GLU C N    1 
ATOM   671 C CA   . GLU C 1 8  ? 5.060   -2.181  -12.912 1.00 46.45  ? 8   GLU C CA   1 
ATOM   672 C C    . GLU C 1 8  ? 5.593   -1.169  -13.925 1.00 41.21  ? 8   GLU C C    1 
ATOM   673 O O    . GLU C 1 8  ? 4.823   -0.463  -14.603 1.00 37.80  ? 8   GLU C O    1 
ATOM   674 C CB   . GLU C 1 8  ? 3.706   -2.788  -13.354 1.00 58.52  ? 8   GLU C CB   1 
ATOM   675 C CG   . GLU C 1 8  ? 3.737   -3.538  -14.702 1.00 69.38  ? 8   GLU C CG   1 
ATOM   676 C CD   . GLU C 1 8  ? 4.734   -4.684  -14.713 1.00 75.05  ? 8   GLU C CD   1 
ATOM   677 O OE1  . GLU C 1 8  ? 4.776   -5.425  -13.708 1.00 64.83  ? 8   GLU C OE1  1 
ATOM   678 O OE2  . GLU C 1 8  ? 5.480   -4.830  -15.710 1.00 78.00  ? 8   GLU C OE2  1 
ATOM   679 H H    . GLU C 1 8  ? 4.458   -0.789  -11.654 1.00 35.71  ? 8   GLU C H    1 
ATOM   680 H HA   . GLU C 1 8  ? 5.706   -2.900  -12.833 1.00 55.74  ? 8   GLU C HA   1 
ATOM   681 H HB2  . GLU C 1 8  ? 3.415   -3.418  -12.675 1.00 70.23  ? 8   GLU C HB2  1 
ATOM   682 H HB3  . GLU C 1 8  ? 3.056   -2.072  -13.432 1.00 70.23  ? 8   GLU C HB3  1 
ATOM   683 H HG2  . GLU C 1 8  ? 2.857   -3.905  -14.880 1.00 83.26  ? 8   GLU C HG2  1 
ATOM   684 H HG3  . GLU C 1 8  ? 3.988   -2.917  -15.404 1.00 83.26  ? 8   GLU C HG3  1 
HETATM 685 N N    . ORN C 1 9  ? 7.010   3.790   -15.543 1.00 50.76  ? 9   ORN C N    1 
HETATM 686 C CA   . ORN C 1 9  ? 6.325   2.723   -14.800 1.00 45.12  ? 9   ORN C CA   1 
HETATM 687 C CB   . ORN C 1 9  ? 7.231   2.088   -13.741 1.00 48.38  ? 9   ORN C CB   1 
HETATM 688 C CG   . ORN C 1 9  ? 8.245   1.058   -14.260 1.00 51.05  ? 9   ORN C CG   1 
HETATM 689 C CD   . ORN C 1 9  ? 7.599   -0.170  -14.960 1.00 55.10  ? 9   ORN C CD   1 
HETATM 690 N NE   . ORN C 1 9  ? 6.966   -1.089  -14.015 1.00 49.18  ? 9   ORN C NE   1 
HETATM 691 C C    . ORN C 1 9  ? 5.125   3.285   -14.100 1.00 40.06  ? 9   ORN C C    1 
HETATM 692 O O    . ORN C 1 9  ? 4.950   4.500   -13.993 1.00 45.71  ? 9   ORN C O    1 
HETATM 693 H H2   . ORN C 1 9  ? 7.535   4.429   -14.939 1.00 60.91  ? 9   ORN C H2   1 
HETATM 694 H H    . ORN C 1 9  ? 6.373   4.385   -16.077 1.00 60.91  ? 9   ORN C H    1 
HETATM 695 H HA   . ORN C 1 9  ? 5.974   2.006   -15.548 1.00 54.14  ? 9   ORN C HA   1 
HETATM 696 H HB2  . ORN C 1 9  ? 6.596   1.574   -13.007 1.00 58.06  ? 9   ORN C HB2  1 
HETATM 697 H HB3  . ORN C 1 9  ? 7.796   2.894   -13.252 1.00 58.06  ? 9   ORN C HB3  1 
HETATM 698 H HG2  . ORN C 1 9  ? 8.837   0.697   -13.411 1.00 61.26  ? 9   ORN C HG2  1 
HETATM 699 H HG3  . ORN C 1 9  ? 8.919   1.552   -14.969 1.00 61.26  ? 9   ORN C HG3  1 
HETATM 700 H HD2  . ORN C 1 9  ? 6.840   0.189   -15.662 1.00 66.12  ? 9   ORN C HD2  1 
HETATM 701 H HD3  . ORN C 1 9  ? 8.384   -0.714  -15.493 1.00 66.12  ? 9   ORN C HD3  1 
HETATM 702 H HE1  . ORN C 1 9  ? 7.593   -1.669  -13.462 1.00 59.02  ? 9   ORN C HE1  1 
HETATM 703 H HN3  . ORN C 1 9  ? 7.690   3.439   -16.221 1.00 60.91  ? 9   ORN C HN3  1 
ATOM   704 N N    . ALA C 1 10 ? 4.255   2.341   -13.620 1.00 36.74  ? 10  ALA C N    1 
ATOM   705 C CA   . ALA C 1 10 ? 3.019   2.705   -12.913 1.00 30.82  ? 10  ALA C CA   1 
ATOM   706 C C    . ALA C 1 10 ? 2.915   1.907   -11.665 1.00 31.01  ? 10  ALA C C    1 
ATOM   707 O O    . ALA C 1 10 ? 3.525   0.862   -11.531 1.00 30.15  ? 10  ALA C O    1 
ATOM   708 C CB   . ALA C 1 10 ? 1.815   2.462   -13.749 1.00 32.41  ? 10  ALA C CB   1 
ATOM   709 H H    . ALA C 1 10 ? 4.372   1.493   -13.697 1.00 44.08  ? 10  ALA C H    1 
ATOM   710 H HA   . ALA C 1 10 ? 3.045   3.646   -12.676 1.00 36.98  ? 10  ALA C HA   1 
ATOM   711 H HB1  . ALA C 1 10 ? 1.025   2.714   -13.245 1.00 38.89  ? 10  ALA C HB1  1 
ATOM   712 H HB2  . ALA C 1 10 ? 1.879   2.996   -14.556 1.00 38.89  ? 10  ALA C HB2  1 
ATOM   713 H HB3  . ALA C 1 10 ? 1.775   1.520   -13.977 1.00 38.89  ? 10  ALA C HB3  1 
ATOM   714 N N    . ILE C 1 11 ? 2.100   2.394   -10.745 1.00 28.91  ? 11  ILE C N    1 
ATOM   715 C CA   . ILE C 1 11 ? 1.746   1.659   -9.537  1.00 23.93  ? 11  ILE C CA   1 
ATOM   716 C C    . ILE C 1 11 ? 0.355   1.100   -9.775  1.00 27.08  ? 11  ILE C C    1 
ATOM   717 O O    . ILE C 1 11 ? -0.532  1.817   -10.247 1.00 29.93  ? 11  ILE C O    1 
ATOM   718 C CB   . ILE C 1 11 ? 1.769   2.585   -8.317  1.00 28.09  ? 11  ILE C CB   1 
ATOM   719 C CG1  . ILE C 1 11 ? 3.177   3.131   -8.124  1.00 38.29  ? 11  ILE C CG1  1 
ATOM   720 C CG2  . ILE C 1 11 ? 1.227   1.889   -7.065  1.00 36.32  ? 11  ILE C CG2  1 
ATOM   721 C CD1  . ILE C 1 11 ? 3.213   4.236   -7.127  1.00 60.73  ? 11  ILE C CD1  1 
ATOM   722 H H    . ILE C 1 11 ? 1.728   3.168   -10.796 1.00 34.70  ? 11  ILE C H    1 
ATOM   723 H HA   . ILE C 1 11 ? 2.366   0.927   -9.396  1.00 28.72  ? 11  ILE C HA   1 
ATOM   724 H HB   . ILE C 1 11 ? 1.187   3.336   -8.508  1.00 33.70  ? 11  ILE C HB   1 
ATOM   725 H HG12 . ILE C 1 11 ? 3.755   2.419   -7.807  1.00 45.95  ? 11  ILE C HG12 1 
ATOM   726 H HG13 . ILE C 1 11 ? 3.504   3.476   -8.969  1.00 45.95  ? 11  ILE C HG13 1 
ATOM   727 H HG21 . ILE C 1 11 ? 1.261   2.510   -6.321  1.00 43.58  ? 11  ILE C HG21 1 
ATOM   728 H HG22 . ILE C 1 11 ? 0.311   1.615   -7.228  1.00 43.58  ? 11  ILE C HG22 1 
ATOM   729 H HG23 . ILE C 1 11 ? 1.776   1.113   -6.873  1.00 43.58  ? 11  ILE C HG23 1 
ATOM   730 H HD11 . ILE C 1 11 ? 4.125   4.551   -7.039  1.00 72.88  ? 11  ILE C HD11 1 
ATOM   731 H HD12 . ILE C 1 11 ? 2.643   4.958   -7.437  1.00 72.88  ? 11  ILE C HD12 1 
ATOM   732 H HD13 . ILE C 1 11 ? 2.892   3.903   -6.275  1.00 72.88  ? 11  ILE C HD13 1 
ATOM   733 N N    . ILE C 1 12 ? 0.164   -0.170  -9.469  1.00 24.80  ? 12  ILE C N    1 
ATOM   734 C CA   . ILE C 1 12 ? -1.121  -0.830  -9.623  1.00 24.58  ? 12  ILE C CA   1 
ATOM   735 C C    . ILE C 1 12 ? -1.521  -1.380  -8.268  1.00 34.05  ? 12  ILE C C    1 
ATOM   736 O O    . ILE C 1 12 ? -0.770  -2.158  -7.668  1.00 31.75  ? 12  ILE C O    1 
ATOM   737 C CB   . ILE C 1 12 ? -1.034  -1.942  -10.678 1.00 28.99  ? 12  ILE C CB   1 
ATOM   738 C CG1  . ILE C 1 12 ? -0.427  -1.359  -11.936 1.00 39.07  ? 12  ILE C CG1  1 
ATOM   739 C CG2  . ILE C 1 12 ? -2.425  -2.516  -10.983 1.00 33.39  ? 12  ILE C CG2  1 
ATOM   740 C CD1  . ILE C 1 12 ? -0.143  -2.425  -12.995 1.00 50.60  ? 12  ILE C CD1  1 
ATOM   741 H H    . ILE C 1 12 ? 0.781   -0.687  -9.163  1.00 29.75  ? 12  ILE C H    1 
ATOM   742 H HA   . ILE C 1 12 ? -1.788  -0.184  -9.906  1.00 29.50  ? 12  ILE C HA   1 
ATOM   743 H HB   . ILE C 1 12 ? -0.462  -2.652  -10.345 1.00 34.79  ? 12  ILE C HB   1 
ATOM   744 H HG12 . ILE C 1 12 ? -1.043  -0.714  -12.317 1.00 46.88  ? 12  ILE C HG12 1 
ATOM   745 H HG13 . ILE C 1 12 ? 0.413   -0.927  -11.713 1.00 46.88  ? 12  ILE C HG13 1 
ATOM   746 H HG21 . ILE C 1 12 ? -2.337  -3.215  -11.651 1.00 40.07  ? 12  ILE C HG21 1 
ATOM   747 H HG22 . ILE C 1 12 ? -2.801  -2.883  -10.168 1.00 40.07  ? 12  ILE C HG22 1 
ATOM   748 H HG23 . ILE C 1 12 ? -2.992  -1.806  -11.321 1.00 40.07  ? 12  ILE C HG23 1 
ATOM   749 H HD11 . ILE C 1 12 ? 0.244   -1.999  -13.776 1.00 60.72  ? 12  ILE C HD11 1 
ATOM   750 H HD12 . ILE C 1 12 ? 0.479   -3.074  -12.630 1.00 60.72  ? 12  ILE C HD12 1 
ATOM   751 H HD13 . ILE C 1 12 ? -0.976  -2.862  -13.234 1.00 60.72  ? 12  ILE C HD13 1 
ATOM   752 N N    . GLY C 1 13 ? -2.696  -0.984  -7.786  1.00 25.70  ? 13  GLY C N    1 
ATOM   753 C CA   . GLY C 1 13 ? -3.207  -1.536  -6.558  1.00 25.71  ? 13  GLY C CA   1 
ATOM   754 C C    . GLY C 1 13 ? -4.337  -2.460  -6.936  1.00 28.41  ? 13  GLY C C    1 
ATOM   755 O O    . GLY C 1 13 ? -5.263  -2.066  -7.652  1.00 30.29  ? 13  GLY C O    1 
ATOM   756 H H    . GLY C 1 13 ? -3.207  -0.398  -8.154  1.00 30.84  ? 13  GLY C H    1 
ATOM   757 H HA2  . GLY C 1 13 ? -2.516  -2.039  -6.097  1.00 30.86  ? 13  GLY C HA2  1 
ATOM   758 H HA3  . GLY C 1 13 ? -3.539  -0.833  -5.980  1.00 30.86  ? 13  GLY C HA3  1 
ATOM   759 N N    . LEU C 1 14 ? -4.235  -3.708  -6.524  1.00 25.35  ? 14  LEU C N    1 
ATOM   760 C CA   . LEU C 1 14 ? -5.209  -4.719  -6.880  1.00 26.93  ? 14  LEU C CA   1 
ATOM   761 C C    . LEU C 1 14 ? -5.854  -5.206  -5.592  1.00 33.75  ? 14  LEU C C    1 
ATOM   762 O O    . LEU C 1 14 ? -5.241  -5.134  -4.522  1.00 28.97  ? 14  LEU C O    1 
ATOM   763 C CB   . LEU C 1 14 ? -4.543  -5.868  -7.636  1.00 28.75  ? 14  LEU C CB   1 
ATOM   764 C CG   . LEU C 1 14 ? -3.877  -5.418  -8.924  1.00 32.26  ? 14  LEU C CG   1 
ATOM   765 C CD1  . LEU C 1 14 ? -3.051  -6.529  -9.522  1.00 39.03  ? 14  LEU C CD1  1 
ATOM   766 C CD2  . LEU C 1 14 ? -4.948  -4.967  -9.932  1.00 29.72  ? 14  LEU C CD2  1 
ATOM   767 H H    . LEU C 1 14 ? -3.597  -4.000  -6.027  1.00 30.42  ? 14  LEU C H    1 
ATOM   768 H HA   . LEU C 1 14 ? -5.895  -4.329  -7.444  1.00 32.31  ? 14  LEU C HA   1 
ATOM   769 H HB2  . LEU C 1 14 ? -3.864  -6.266  -7.070  1.00 34.50  ? 14  LEU C HB2  1 
ATOM   770 H HB3  . LEU C 1 14 ? -5.217  -6.528  -7.862  1.00 34.50  ? 14  LEU C HB3  1 
ATOM   771 H HG   . LEU C 1 14 ? -3.292  -4.666  -8.740  1.00 38.71  ? 14  LEU C HG   1 
ATOM   772 H HD11 . LEU C 1 14 ? -2.639  -6.210  -10.341 1.00 46.84  ? 14  LEU C HD11 1 
ATOM   773 H HD12 . LEU C 1 14 ? -2.366  -6.789  -8.887  1.00 46.84  ? 14  LEU C HD12 1 
ATOM   774 H HD13 . LEU C 1 14 ? -3.630  -7.284  -9.714  1.00 46.84  ? 14  LEU C HD13 1 
ATOM   775 H HD21 . LEU C 1 14 ? -4.511  -4.683  -10.751 1.00 35.67  ? 14  LEU C HD21 1 
ATOM   776 H HD22 . LEU C 1 14 ? -5.543  -5.711  -10.116 1.00 35.67  ? 14  LEU C HD22 1 
ATOM   777 H HD23 . LEU C 1 14 ? -5.449  -4.229  -9.551  1.00 35.67  ? 14  LEU C HD23 1 
ATOM   778 N N    . MET C 1 15 ? -7.096  -5.678  -5.683  1.00 31.98  ? 15  MET C N    1 
ATOM   779 C CA   . MET C 1 15 ? -7.851  -5.965  -4.478  1.00 31.45  ? 15  MET C CA   1 
ATOM   780 C C    . MET C 1 15 ? -8.143  -7.449  -4.244  1.00 41.17  ? 15  MET C C    1 
ATOM   781 O O    . MET C 1 15 ? -8.150  -8.239  -5.174  1.00 39.80  ? 15  MET C O    1 
ATOM   782 C CB   . MET C 1 15 ? -9.177  -5.191  -4.537  1.00 32.49  ? 15  MET C CB   1 
ATOM   783 C CG   . MET C 1 15 ? -9.029  -3.655  -4.412  1.00 42.00  ? 15  MET C CG   1 
ATOM   784 S SD   . MET C 1 15 ? -10.650 -2.818  -4.438  1.00 48.14  ? 15  MET C SD   1 
ATOM   785 C CE   . MET C 1 15 ? -10.086 -1.130  -4.700  1.00 64.84  ? 15  MET C CE   1 
ATOM   786 H H    . MET C 1 15 ? -7.513  -5.835  -6.419  1.00 38.37  ? 15  MET C H    1 
ATOM   787 H HA   . MET C 1 15 ? -7.352  -5.629  -3.718  1.00 37.74  ? 15  MET C HA   1 
ATOM   788 H HB2  . MET C 1 15 ? -9.608  -5.377  -5.386  1.00 38.99  ? 15  MET C HB2  1 
ATOM   789 H HB3  . MET C 1 15 ? -9.745  -5.492  -3.810  1.00 38.99  ? 15  MET C HB3  1 
ATOM   790 H HG2  . MET C 1 15 ? -8.591  -3.444  -3.572  1.00 50.40  ? 15  MET C HG2  1 
ATOM   791 H HG3  . MET C 1 15 ? -8.504  -3.323  -5.157  1.00 50.40  ? 15  MET C HG3  1 
ATOM   792 H HE1  . MET C 1 15 ? -10.856 -0.543  -4.737  1.00 77.80  ? 15  MET C HE1  1 
ATOM   793 H HE2  . MET C 1 15 ? -9.509  -0.873  -3.962  1.00 77.80  ? 15  MET C HE2  1 
ATOM   794 H HE3  . MET C 1 15 ? -9.595  -1.088  -5.534  1.00 77.80  ? 15  MET C HE3  1 
ATOM   795 N N    . VAL C 1 16 ? -8.379  -7.820  -2.987  1.00 37.06  ? 16  VAL C N    1 
ATOM   796 C CA   . VAL C 1 16 ? -8.809  -9.081  -2.367  1.00 43.75  ? 16  VAL C CA   1 
ATOM   797 C C    . VAL C 1 16 ? -9.967  -8.661  -1.482  1.00 39.68  ? 16  VAL C C    1 
ATOM   798 O O    . VAL C 1 16 ? -9.868  -8.579  -0.254  1.00 38.00  ? 16  VAL C O    1 
ATOM   799 C CB   . VAL C 1 16 ? -7.708  -9.785  -1.615  1.00 40.56  ? 16  VAL C CB   1 
ATOM   800 C CG1  . VAL C 1 16 ? -8.138  -11.189 -1.284  1.00 54.24  ? 16  VAL C CG1  1 
ATOM   801 C CG2  . VAL C 1 16 ? -6.455  -9.815  -2.477  1.00 41.56  ? 16  VAL C CG2  1 
ATOM   802 H H    . VAL C 1 16 ? -8.386  -7.147  -2.452  1.00 44.47  ? 16  VAL C H    1 
ATOM   803 H HA   . VAL C 1 16 ? -9.146  -9.681  -3.051  1.00 52.50  ? 16  VAL C HA   1 
ATOM   804 H HB   . VAL C 1 16 ? -7.514  -9.311  -0.791  1.00 48.67  ? 16  VAL C HB   1 
ATOM   805 H HG11 . VAL C 1 16 ? -7.423  -11.631 -0.801  1.00 65.09  ? 16  VAL C HG11 1 
ATOM   806 H HG12 . VAL C 1 16 ? -8.936  -11.152 -0.734  1.00 65.09  ? 16  VAL C HG12 1 
ATOM   807 H HG13 . VAL C 1 16 ? -8.324  -11.664 -2.108  1.00 65.09  ? 16  VAL C HG13 1 
ATOM   808 H HG21 . VAL C 1 16 ? -5.748  -10.267 -1.991  1.00 49.88  ? 16  VAL C HG21 1 
ATOM   809 H HG22 . VAL C 1 16 ? -6.649  -10.292 -3.299  1.00 49.88  ? 16  VAL C HG22 1 
ATOM   810 H HG23 . VAL C 1 16 ? -6.188  -8.904  -2.677  1.00 49.88  ? 16  VAL C HG23 1 
HETATM 811 O O    . HOH D 2 .  ? -15.216 -4.363  0.412   1.00 53.24  ? 101 HOH A O    1 
HETATM 812 O O    . HOH D 2 .  ? 1.150   -3.647  3.853   1.00 42.43  ? 102 HOH A O    1 
HETATM 813 O O    . HOH D 2 .  ? 6.857   -6.144  5.352   1.00 48.78  ? 103 HOH A O    1 
HETATM 814 O O    . HOH D 2 .  ? -18.414 4.304   -3.310  1.00 81.24  ? 104 HOH A O    1 
HETATM 815 O O    . HOH D 2 .  ? -3.922  -0.565  13.023  1.00 56.35  ? 105 HOH A O    1 
HETATM 816 O O    . HOH D 2 .  ? 6.599   -7.528  6.929   1.00 61.51  ? 106 HOH A O    1 
HETATM 817 O O    . HOH D 2 .  ? -14.685 -2.890  -2.010  1.00 53.41  ? 107 HOH A O    1 
HETATM 818 O O    . HOH D 2 .  ? 1.959   -6.540  8.415   1.00 70.61  ? 108 HOH A O    1 
HETATM 819 O O    . HOH D 2 .  ? 5.629   -7.502  8.838   1.00 57.42  ? 109 HOH A O    1 
HETATM 820 O O    . HOH D 2 .  ? 2.343   -2.567  17.341  0.50 46.58  ? 110 HOH A O    1 
HETATM 821 O O    . HOH D 2 .  ? -19.570 1.526   -3.899  1.00 99.87  ? 111 HOH A O    1 
HETATM 822 O O    . HOH E 2 .  ? 5.751   14.788  5.364   1.00 37.83  ? 101 HOH B O    1 
HETATM 823 O O    . HOH E 2 .  ? 8.370   -9.845  -5.679  1.00 44.28  ? 102 HOH B O    1 
HETATM 824 O O    . HOH E 2 .  ? 8.819   -6.047  -11.421 1.00 47.21  ? 103 HOH B O    1 
HETATM 825 O O    . HOH E 2 .  ? 13.575  -2.388  -1.622  1.00 42.92  ? 104 HOH B O    1 
HETATM 826 O O    . HOH E 2 .  ? 10.262  3.957   9.982   1.00 53.73  ? 105 HOH B O    1 
HETATM 827 O O    . HOH E 2 .  ? 2.335   -4.832  0.119   1.00 43.55  ? 106 HOH B O    1 
HETATM 828 O O    . HOH E 2 .  ? 13.143  -4.332  -5.766  1.00 39.02  ? 107 HOH B O    1 
HETATM 829 O O    . HOH E 2 .  ? 10.731  -11.285 -6.671  0.50 45.88  ? 108 HOH B O    1 
HETATM 830 O O    . HOH E 2 .  ? 4.532   -8.531  0.137   1.00 61.17  ? 109 HOH B O    1 
HETATM 831 O O    . HOH E 2 .  ? 3.319   -14.156 -4.833  1.00 54.93  ? 110 HOH B O    1 
HETATM 832 O O    . HOH F 2 .  ? 4.615   -5.404  -11.488 1.00 52.96  ? 101 HOH C O    1 
HETATM 833 O O    . HOH F 2 .  ? 3.491   6.202   -15.009 1.00 36.52  ? 102 HOH C O    1 
HETATM 834 O O    . HOH F 2 .  ? -2.675  -6.078  1.777   1.00 68.74  ? 103 HOH C O    1 
HETATM 835 O O    . HOH F 2 .  ? -1.311  -5.168  0.922   1.00 51.37  ? 104 HOH C O    1 
HETATM 836 O O    . HOH F 2 .  ? 4.028   0.253   -17.342 1.00 88.56  ? 105 HOH C O    1 
HETATM 837 O O    . HOH F 2 .  ? 7.881   -3.840  -17.201 1.00 93.12  ? 106 HOH C O    1 
HETATM 838 O O    . HOH F 2 .  ? -12.296 -7.675  -5.031  1.00 45.77  ? 107 HOH C O    1 
HETATM 839 O O    . HOH F 2 .  ? 5.976   -2.840  -18.135 1.00 66.35  ? 108 HOH C O    1 
HETATM 840 O O    . HOH F 2 .  ? 8.427   -4.313  -13.928 1.00 83.55  ? 109 HOH C O    1 
HETATM 841 O O    . HOH F 2 .  ? 0.393   -3.916  1.456   1.00 51.64  ? 110 HOH C O    1 
HETATM 842 O O    . HOH F 2 .  ? -0.095  -5.614  4.417   1.00 53.49  ? 111 HOH C O    1 
HETATM 843 O O    . HOH F 2 .  ? 4.936   -1.013  -19.201 0.33 79.02  ? 112 HOH C O    1 
# 
loop_
_atom_site_anisotrop.id 
_atom_site_anisotrop.type_symbol 
_atom_site_anisotrop.pdbx_label_atom_id 
_atom_site_anisotrop.pdbx_label_alt_id 
_atom_site_anisotrop.pdbx_label_comp_id 
_atom_site_anisotrop.pdbx_label_asym_id 
_atom_site_anisotrop.pdbx_label_seq_id 
_atom_site_anisotrop.pdbx_PDB_ins_code 
_atom_site_anisotrop.U[1][1] 
_atom_site_anisotrop.U[2][2] 
_atom_site_anisotrop.U[3][3] 
_atom_site_anisotrop.U[1][2] 
_atom_site_anisotrop.U[1][3] 
_atom_site_anisotrop.U[2][3] 
_atom_site_anisotrop.pdbx_auth_seq_id 
_atom_site_anisotrop.pdbx_auth_comp_id 
_atom_site_anisotrop.pdbx_auth_asym_id 
_atom_site_anisotrop.pdbx_auth_atom_id 
1   N N   . ORN A 1  ? 0.5176 0.6464 0.4343 0.0037  -0.0701 -0.0444 1  ORN A N   
2   C CA  . ORN A 1  ? 0.4956 0.5869 0.4238 0.0152  -0.0842 -0.0214 1  ORN A CA  
3   C CB  . ORN A 1  ? 0.4380 0.5130 0.3225 -0.0044 -0.0709 -0.0034 1  ORN A CB  
4   C CG  . ORN A 1  ? 0.4908 0.5893 0.3474 -0.0267 -0.0852 0.0211  1  ORN A CG  
5   C CD  . ORN A 1  ? 0.5600 0.6424 0.4261 -0.0269 -0.1237 0.0592  1  ORN A CD  
6   N NE  . ORN A 1  ? 0.5415 0.5885 0.4037 -0.0266 -0.1197 0.0701  1  ORN A NE  
7   C C   . ORN A 1  ? 0.4092 0.4755 0.3614 0.0300  -0.0734 -0.0401 1  ORN A C   
8   O O   . ORN A 1  ? 0.4223 0.4928 0.3667 0.0241  -0.0510 -0.0659 1  ORN A O   
20  N N   . LYS A 2  ? 0.3643 0.4005 0.3411 0.0445  -0.0927 -0.0245 2  LYS A N   
21  C CA  . LYS A 2  ? 0.3525 0.3650 0.3487 0.0543  -0.0835 -0.0405 2  LYS A CA  
22  C C   . LYS A 2  ? 0.4073 0.3943 0.3647 0.0397  -0.0628 -0.0301 2  LYS A C   
23  O O   . LYS A 2  ? 0.3977 0.3801 0.3275 0.0281  -0.0638 -0.0071 2  LYS A O   
24  C CB  . LYS A 2  ? 0.3889 0.3739 0.4257 0.0741  -0.1136 -0.0295 2  LYS A CB  
25  C CG  . LYS A 2  ? 0.5045 0.4700 0.5680 0.0839  -0.1050 -0.0531 2  LYS A CG  
26  C CD  . LYS A 2  ? 0.5807 0.5123 0.6874 0.1048  -0.1397 -0.0436 2  LYS A CD  
27  C CE  . LYS A 2  ? 0.8029 0.7177 0.9414 0.1140  -0.1310 -0.0740 2  LYS A CE  
28  N NZ  . LYS A 2  ? 0.9709 0.8596 1.1710 0.1424  -0.1679 -0.0811 2  LYS A NZ  
42  N N   . LEU A 3  ? 0.3746 0.3501 0.3323 0.0380  -0.0458 -0.0486 3  LEU A N   
43  C CA  . LEU A 3  ? 0.3787 0.3298 0.3111 0.0288  -0.0326 -0.0391 3  LEU A CA  
44  C C   . LEU A 3  ? 0.4459 0.3713 0.3966 0.0350  -0.0403 -0.0325 3  LEU A C   
45  O O   . LEU A 3  ? 0.4414 0.3662 0.4178 0.0411  -0.0416 -0.0527 3  LEU A O   
46  C CB  . LEU A 3  ? 0.3825 0.3318 0.2959 0.0171  -0.0144 -0.0579 3  LEU A CB  
47  C CG  . LEU A 3  ? 0.4266 0.3882 0.3150 0.0073  -0.0061 -0.0639 3  LEU A CG  
48  C CD1 . LEU A 3  ? 0.5490 0.5011 0.4202 -0.0081 0.0032  -0.0814 3  LEU A CD1 
49  C CD2 . LEU A 3  ? 0.5199 0.4725 0.3913 0.0062  -0.0018 -0.0499 3  LEU A CD2 
61  N N   . VAL A 4  ? 0.3623 0.2719 0.2999 0.0299  -0.0444 -0.0082 4  VAL A N   
62  C CA  . VAL A 4  ? 0.3451 0.2274 0.2928 0.0302  -0.0517 0.0009  4  VAL A CA  
63  C C   . VAL A 4  ? 0.3303 0.2099 0.2615 0.0204  -0.0351 0.0001  4  VAL A C   
64  O O   . VAL A 4  ? 0.3559 0.2494 0.2701 0.0146  -0.0267 0.0062  4  VAL A O   
65  C CB  . VAL A 4  ? 0.4184 0.2865 0.3608 0.0250  -0.0726 0.0310  4  VAL A CB  
66  C CG1 . VAL A 4  ? 0.5259 0.3624 0.4718 0.0198  -0.0797 0.0414  4  VAL A CG1 
67  C CG2 . VAL A 4  ? 0.5473 0.4125 0.5120 0.0374  -0.0986 0.0348  4  VAL A CG2 
77  C C1  . MEA A 5  ? 0.4753 0.3279 0.4381 0.0227  -0.0377 -0.0252 5  MEA A C1  
78  N N   . MEA A 5  ? 0.3472 0.2133 0.2861 0.0180  -0.0311 -0.0106 5  MEA A N   
79  C CA  . MEA A 5  ? 0.3747 0.2394 0.2993 0.0085  -0.0212 -0.0085 5  MEA A CA  
80  C C   . MEA A 5  ? 0.3555 0.2097 0.2810 0.0010  -0.0248 0.0066  5  MEA A C   
81  O O   . MEA A 5  ? 0.4071 0.2431 0.3425 -0.0010 -0.0323 0.0078  5  MEA A O   
82  C CB  . MEA A 5  ? 0.3627 0.2242 0.2821 -0.0004 -0.0148 -0.0263 5  MEA A CB  
83  C CG  . MEA A 5  ? 0.3794 0.2512 0.2858 -0.0026 -0.0095 -0.0388 5  MEA A CG  
84  C CD1 . MEA A 5  ? 0.5334 0.4212 0.4492 -0.0013 -0.0078 -0.0580 5  MEA A CD1 
85  C CE1 . MEA A 5  ? 0.4879 0.3873 0.3867 -0.0094 -0.0024 -0.0690 5  MEA A CE1 
86  C CZ  . MEA A 5  ? 0.5317 0.4153 0.4048 -0.0164 -0.0017 -0.0602 5  MEA A CZ  
87  C CE2 . MEA A 5  ? 0.5695 0.4346 0.4418 -0.0117 -0.0060 -0.0436 5  MEA A CE2 
88  C CD2 . MEA A 5  ? 0.4432 0.3082 0.3321 -0.0060 -0.0086 -0.0332 5  MEA A CD2 
100 N N   . PHE A 6  ? 0.3819 0.2489 0.3009 -0.0031 -0.0200 0.0143  6  PHE A N   
101 C CA  . PHE A 6  ? 0.3321 0.2005 0.2526 -0.0134 -0.0221 0.0262  6  PHE A CA  
102 C C   . PHE A 6  ? 0.3909 0.2665 0.3141 -0.0143 -0.0205 0.0220  6  PHE A C   
103 O O   . PHE A 6  ? 0.3911 0.2687 0.3138 -0.0062 -0.0195 0.0140  6  PHE A O   
104 C CB  . PHE A 6  ? 0.3701 0.2617 0.2865 -0.0200 -0.0218 0.0400  6  PHE A CB  
105 C CG  . PHE A 6  ? 0.4070 0.2836 0.3145 -0.0259 -0.0324 0.0535  6  PHE A CG  
106 C CD1 . PHE A 6  ? 0.4715 0.3532 0.3749 -0.0192 -0.0351 0.0527  6  PHE A CD1 
107 C CD2 . PHE A 6  ? 0.4583 0.3133 0.3595 -0.0412 -0.0438 0.0699  6  PHE A CD2 
108 C CE1 . PHE A 6  ? 0.5115 0.3763 0.4074 -0.0257 -0.0530 0.0704  6  PHE A CE1 
109 C CE2 . PHE A 6  ? 0.5745 0.4049 0.4667 -0.0479 -0.0620 0.0872  6  PHE A CE2 
110 C CZ  . PHE A 6  ? 0.5548 0.3901 0.4455 -0.0393 -0.0686 0.0889  6  PHE A CZ  
120 N N   . ALA A 7  ? 0.4100 0.2849 0.3354 -0.0256 -0.0239 0.0288  7  ALA A N   
121 C CA  . ALA A 7  ? 0.4042 0.2877 0.3358 -0.0273 -0.0299 0.0305  7  ALA A CA  
122 C C   . ALA A 7  ? 0.4164 0.3308 0.3623 -0.0318 -0.0304 0.0390  7  ALA A C   
123 O O   . ALA A 7  ? 0.4688 0.3814 0.4075 -0.0468 -0.0287 0.0468  7  ALA A O   
124 C CB  . ALA A 7  ? 0.5241 0.3867 0.4424 -0.0444 -0.0355 0.0293  7  ALA A CB  
130 N N   . GLU A 8  ? 0.4052 0.3490 0.3743 -0.0195 -0.0337 0.0345  8  GLU A N   
131 C CA  . GLU A 8  ? 0.4346 0.4238 0.4256 -0.0241 -0.0334 0.0358  8  GLU A CA  
132 C C   . GLU A 8  ? 0.5378 0.5391 0.5585 -0.0120 -0.0502 0.0335  8  GLU A C   
133 O O   . GLU A 8  ? 0.4930 0.5027 0.5406 0.0111  -0.0562 0.0201  8  GLU A O   
134 C CB  . GLU A 8  ? 0.4845 0.5179 0.4872 -0.0203 -0.0200 0.0243  8  GLU A CB  
135 C CG  . GLU A 8  ? 0.5139 0.5317 0.4843 -0.0353 -0.0116 0.0333  8  GLU A CG  
136 C CD  . GLU A 8  ? 0.5331 0.5369 0.4825 -0.0616 -0.0149 0.0518  8  GLU A CD  
137 O OE1 . GLU A 8  ? 0.5584 0.5287 0.4838 -0.0705 -0.0179 0.0628  8  GLU A OE1 
138 O OE2 . GLU A 8  ? 0.4918 0.5161 0.4506 -0.0730 -0.0176 0.0550  8  GLU A OE2 
145 N N   . ORN A 9  ? 0.5664 0.4627 0.6189 0.0137  -0.1571 0.0622  9  ORN A N   
146 C CA  . ORN A 9  ? 0.5501 0.4706 0.5932 0.0151  -0.1188 0.0454  9  ORN A CA  
147 C CB  . ORN A 9  ? 0.5378 0.4526 0.5391 -0.0164 -0.1018 0.0552  9  ORN A CB  
148 C CG  . ORN A 9  ? 0.5762 0.5258 0.5885 -0.0312 -0.1035 0.0640  9  ORN A CG  
149 C CD  . ORN A 9  ? 0.5323 0.5377 0.5753 -0.0207 -0.0862 0.0515  9  ORN A CD  
150 N NE  . ORN A 9  ? 0.4998 0.4976 0.5160 -0.0288 -0.0617 0.0470  9  ORN A NE  
151 C C   . ORN A 9  ? 0.5682 0.4583 0.5964 0.0260  -0.1104 0.0332  9  ORN A C   
152 O O   . ORN A 9  ? 0.6432 0.4859 0.6530 0.0230  -0.1295 0.0399  9  ORN A O   
164 N N   . ALA A 10 ? 0.3552 0.2742 0.3877 0.0344  -0.0829 0.0162  10 ALA A N   
165 C CA  . ALA A 10 ? 0.4110 0.3084 0.4280 0.0416  -0.0731 0.0040  10 ALA A CA  
166 C C   . ALA A 10 ? 0.3888 0.2754 0.3664 0.0220  -0.0560 0.0103  10 ALA A C   
167 O O   . ALA A 10 ? 0.3991 0.3064 0.3731 0.0114  -0.0453 0.0160  10 ALA A O   
168 C CB  . ALA A 10 ? 0.4924 0.4317 0.5414 0.0615  -0.0581 -0.0210 10 ALA A CB  
174 N N   . ILE A 11 ? 0.4370 0.2911 0.3875 0.0166  -0.0556 0.0078  11 ILE A N   
175 C CA  . ILE A 11 ? 0.3848 0.2373 0.3111 0.0058  -0.0399 0.0052  11 ILE A CA  
176 C C   . ILE A 11 ? 0.4023 0.2719 0.3338 0.0191  -0.0275 -0.0073 11 ILE A C   
177 O O   . ILE A 11 ? 0.4248 0.2870 0.3624 0.0298  -0.0309 -0.0181 11 ILE A O   
178 C CB  . ILE A 11 ? 0.4529 0.2748 0.3481 -0.0133 -0.0447 0.0046  11 ILE A CB  
179 C CG1 . ILE A 11 ? 0.6049 0.4134 0.4870 -0.0359 -0.0576 0.0159  11 ILE A CG1 
180 C CG2 . ILE A 11 ? 0.5538 0.3852 0.4391 -0.0173 -0.0292 -0.0062 11 ILE A CG2 
181 C CD1 . ILE A 11 ? 0.6145 0.4422 0.5131 -0.0370 -0.0568 0.0242  11 ILE A CD1 
193 N N   . ILE A 12 ? 0.3635 0.2532 0.2919 0.0162  -0.0160 -0.0053 12 ILE A N   
194 C CA  . ILE A 12 ? 0.3920 0.3028 0.3187 0.0210  -0.0059 -0.0139 12 ILE A CA  
195 C C   . ILE A 12 ? 0.3687 0.2714 0.2789 0.0149  -0.0046 -0.0102 12 ILE A C   
196 O O   . ILE A 12 ? 0.4020 0.2992 0.3125 0.0095  -0.0085 0.0000  12 ILE A O   
197 C CB  . ILE A 12 ? 0.5023 0.4544 0.4417 0.0181  0.0015  -0.0127 12 ILE A CB  
198 C CG1 . ILE A 12 ? 0.6483 0.6206 0.6184 0.0293  -0.0001 -0.0253 12 ILE A CG1 
199 C CG2 . ILE A 12 ? 0.4990 0.4766 0.4275 0.0131  0.0115  -0.0197 12 ILE A CG2 
200 C CD1 . ILE A 12 ? 0.7771 0.8018 0.7636 0.0205  0.0080  -0.0273 12 ILE A CD1 
212 N N   . GLY A 13 ? 0.3862 0.2872 0.2856 0.0165  -0.0013 -0.0208 13 GLY A N   
213 C CA  . GLY A 13 ? 0.3703 0.2745 0.2626 0.0138  -0.0022 -0.0205 13 GLY A CA  
214 C C   . GLY A 13 ? 0.3645 0.2951 0.2507 0.0120  0.0015  -0.0191 13 GLY A C   
215 O O   . GLY A 13 ? 0.4228 0.3638 0.3025 0.0119  0.0097  -0.0321 13 GLY A O   
219 N N   . LEU A 14 ? 0.3514 0.2907 0.2377 0.0073  -0.0068 -0.0030 14 LEU A N   
220 C CA  . LEU A 14 ? 0.3663 0.3326 0.2388 -0.0034 -0.0072 0.0036  14 LEU A CA  
221 C C   . LEU A 14 ? 0.3896 0.3558 0.2617 -0.0015 -0.0203 0.0082  14 LEU A C   
222 O O   . LEU A 14 ? 0.4089 0.3570 0.2990 0.0090  -0.0327 0.0097  14 LEU A O   
223 C CB  . LEU A 14 ? 0.4370 0.4146 0.3023 -0.0192 -0.0132 0.0245  14 LEU A CB  
224 C CG  . LEU A 14 ? 0.4063 0.4005 0.2787 -0.0224 0.0004  0.0161  14 LEU A CG  
225 C CD1 . LEU A 14 ? 0.5803 0.5918 0.4394 -0.0468 -0.0051 0.0366  14 LEU A CD1 
226 C CD2 . LEU A 14 ? 0.4525 0.4785 0.3286 -0.0206 0.0188  -0.0107 14 LEU A CD2 
238 N N   . MET A 15 ? 0.3930 0.3854 0.2485 -0.0120 -0.0179 0.0066  15 MET A N   
239 C CA  . MET A 15 ? 0.4635 0.4644 0.3213 -0.0105 -0.0324 0.0102  15 MET A CA  
240 C C   . MET A 15 ? 0.5176 0.5211 0.3711 -0.0210 -0.0592 0.0415  15 MET A C   
241 O O   . MET A 15 ? 0.5717 0.5905 0.3990 -0.0450 -0.0597 0.0580  15 MET A O   
242 C CB  . MET A 15 ? 0.5144 0.5418 0.3529 -0.0204 -0.0178 -0.0075 15 MET A CB  
243 C CG  . MET A 15 ? 0.8703 0.8823 0.7093 -0.0131 -0.0003 -0.0340 15 MET A CG  
244 S SD  . MET A 15 ? 1.0316 1.0634 0.8468 -0.0267 0.0121  -0.0555 15 MET A SD  
245 C CE  . MET A 15 ? 1.3437 1.3349 1.1558 -0.0211 0.0243  -0.0777 15 MET A CE  
255 N N   . VAL A 16 ? 0.4410 0.4311 0.3214 -0.0053 -0.0839 0.0477  16 VAL A N   
256 C CA  . VAL A 16 ? 0.4591 0.4398 0.3452 -0.0088 -0.1221 0.0785  16 VAL A CA  
257 C C   . VAL A 16 ? 0.5057 0.5174 0.4051 -0.0015 -0.1300 0.0671  16 VAL A C   
258 O O   . VAL A 16 ? 0.5705 0.5829 0.5127 0.0236  -0.1401 0.0492  16 VAL A O   
259 C CB  . VAL A 16 ? 0.5221 0.4587 0.4423 0.0102  -0.1466 0.0872  16 VAL A CB  
260 C CG1 . VAL A 16 ? 0.6500 0.5661 0.5772 0.0074  -0.1938 0.1216  16 VAL A CG1 
261 C CG2 . VAL A 16 ? 0.6095 0.5224 0.5127 -0.0010 -0.1331 0.0942  16 VAL A CG2 
271 N N   . ORN B 1  ? 0.3269 0.5228 0.4850 0.1450  -0.0055 -0.0451 1  ORN B N   
272 C CA  . ORN B 1  ? 0.3008 0.5114 0.4979 0.1351  -0.0173 -0.0474 1  ORN B CA  
273 C CB  . ORN B 1  ? 0.3870 0.6122 0.6141 0.1238  -0.0065 -0.0421 1  ORN B CB  
274 C CG  . ORN B 1  ? 0.4197 0.6655 0.6724 0.1285  0.0072  -0.0451 1  ORN B CG  
275 C CD  . ORN B 1  ? 0.4117 0.6776 0.7011 0.1303  -0.0070 -0.0508 1  ORN B CD  
276 N NE  . ORN B 1  ? 0.2950 0.5654 0.6035 0.1175  -0.0231 -0.0483 1  ORN B NE  
277 C C   . ORN B 1  ? 0.3318 0.5329 0.5263 0.1297  -0.0314 -0.0436 1  ORN B C   
278 O O   . ORN B 1  ? 0.3342 0.5225 0.5081 0.1302  -0.0287 -0.0364 1  ORN B O   
290 N N   . LYS B 2  ? 0.2391 0.4435 0.4540 0.1265  -0.0433 -0.0469 2  LYS B N   
291 C CA  . LYS B 2  ? 0.2433 0.4357 0.4560 0.1230  -0.0505 -0.0422 2  LYS B CA  
292 C C   . LYS B 2  ? 0.2559 0.4393 0.4641 0.1139  -0.0448 -0.0348 2  LYS B C   
293 O O   . LYS B 2  ? 0.2803 0.4733 0.5010 0.1072  -0.0405 -0.0355 2  LYS B O   
294 C CB  . LYS B 2  ? 0.3968 0.5808 0.6172 0.1195  -0.0568 -0.0436 2  LYS B CB  
295 C CG  . LYS B 2  ? 0.4760 0.6446 0.6925 0.1184  -0.0577 -0.0377 2  LYS B CG  
296 C CD  . LYS B 2  ? 0.6714 0.8306 0.8945 0.1174  -0.0589 -0.0395 2  LYS B CD  
297 C CE  . LYS B 2  ? 0.8119 0.9787 1.0426 0.1173  -0.0628 -0.0467 2  LYS B CE  
298 N NZ  . LYS B 2  ? 0.7781 0.9385 1.0282 0.1153  -0.0635 -0.0495 2  LYS B NZ  
312 N N   . LEU B 3  ? 0.2564 0.4210 0.4495 0.1133  -0.0443 -0.0282 3  LEU B N   
313 C CA  . LEU B 3  ? 0.2931 0.4382 0.4734 0.1041  -0.0393 -0.0230 3  LEU B CA  
314 C C   . LEU B 3  ? 0.3225 0.4475 0.4943 0.1039  -0.0454 -0.0219 3  LEU B C   
315 O O   . LEU B 3  ? 0.3341 0.4523 0.5021 0.1127  -0.0435 -0.0183 3  LEU B O   
316 C CB  . LEU B 3  ? 0.3169 0.4444 0.4727 0.1079  -0.0277 -0.0144 3  LEU B CB  
317 C CG  . LEU B 3  ? 0.4324 0.5564 0.5780 0.1044  -0.0142 -0.0107 3  LEU B CG  
318 C CD1 . LEU B 3  ? 0.4449 0.5437 0.5591 0.1148  -0.0057 -0.0002 3  LEU B CD1 
319 C CD2 . LEU B 3  ? 0.5443 0.6629 0.7016 0.0856  -0.0097 -0.0126 3  LEU B CD2 
331 N N   . VAL B 4  ? 0.2377 0.3522 0.4061 0.0945  -0.0526 -0.0250 4  VAL B N   
332 C CA  . VAL B 4  ? 0.2785 0.3617 0.4224 0.0965  -0.0578 -0.0239 4  VAL B CA  
333 C C   . VAL B 4  ? 0.3211 0.3684 0.4340 0.0880  -0.0542 -0.0224 4  VAL B C   
334 O O   . VAL B 4  ? 0.3465 0.3980 0.4678 0.0736  -0.0582 -0.0270 4  VAL B O   
335 C CB  . VAL B 4  ? 0.3149 0.4061 0.4683 0.0962  -0.0748 -0.0303 4  VAL B CB  
336 C CG1 . VAL B 4  ? 0.4717 0.5233 0.5880 0.1026  -0.0794 -0.0283 4  VAL B CG1 
337 C CG2 . VAL B 4  ? 0.3893 0.5092 0.5705 0.1048  -0.0752 -0.0322 4  VAL B CG2 
347 C C1  . MEA B 5  ? 0.4451 0.4464 0.5176 0.1107  -0.0384 -0.0109 5  MEA B C1  
348 N N   . MEA B 5  ? 0.3655 0.3753 0.4441 0.0962  -0.0453 -0.0165 5  MEA B N   
349 C CA  . MEA B 5  ? 0.3554 0.3213 0.3965 0.0897  -0.0402 -0.0162 5  MEA B CA  
350 C C   . MEA B 5  ? 0.3989 0.3224 0.3990 0.0895  -0.0512 -0.0215 5  MEA B C   
351 O O   . MEA B 5  ? 0.4687 0.3841 0.4572 0.1020  -0.0523 -0.0191 5  MEA B O   
352 C CB  . MEA B 5  ? 0.4628 0.4045 0.4825 0.1013  -0.0191 -0.0055 5  MEA B CB  
353 C CG  . MEA B 5  ? 0.3904 0.3590 0.4322 0.1032  -0.0102 0.0000  5  MEA B CG  
354 C CD1 . MEA B 5  ? 0.5175 0.5247 0.5890 0.1150  -0.0099 0.0038  5  MEA B CD1 
355 C CE1 . MEA B 5  ? 0.5305 0.5548 0.6093 0.1198  -0.0048 0.0083  5  MEA B CE1 
356 C CZ  . MEA B 5  ? 0.4673 0.4683 0.5245 0.1130  0.0051  0.0116  5  MEA B CZ  
357 C CE2 . MEA B 5  ? 0.4683 0.4326 0.5042 0.0976  0.0072  0.0077  5  MEA B CE2 
358 C CD2 . MEA B 5  ? 0.3941 0.3430 0.4217 0.0925  -0.0030 0.0008  5  MEA B CD2 
370 N N   . PHE B 6  ? 0.4391 0.3318 0.4148 0.0746  -0.0598 -0.0292 6  PHE B N   
371 C CA  . PHE B 6  ? 0.4962 0.3397 0.4216 0.0732  -0.0752 -0.0376 6  PHE B CA  
372 C C   . PHE B 6  ? 0.5510 0.3367 0.4295 0.0672  -0.0637 -0.0388 6  PHE B C   
373 O O   . PHE B 6  ? 0.5453 0.3369 0.4417 0.0549  -0.0539 -0.0377 6  PHE B O   
374 C CB  . PHE B 6  ? 0.5013 0.3669 0.4479 0.0567  -0.1091 -0.0519 6  PHE B CB  
375 C CG  . PHE B 6  ? 0.4552 0.3730 0.4453 0.0646  -0.1198 -0.0507 6  PHE B CG  
376 C CD1 . PHE B 6  ? 0.3999 0.3736 0.4494 0.0603  -0.1121 -0.0478 6  PHE B CD1 
377 C CD2 . PHE B 6  ? 0.4757 0.3789 0.4394 0.0792  -0.1344 -0.0514 6  PHE B CD2 
378 C CE1 . PHE B 6  ? 0.3643 0.3792 0.4485 0.0696  -0.1196 -0.0471 6  PHE B CE1 
379 C CE2 . PHE B 6  ? 0.4400 0.3838 0.4393 0.0885  -0.1414 -0.0493 6  PHE B CE2 
380 C CZ  . PHE B 6  ? 0.3838 0.3835 0.4445 0.0834  -0.1344 -0.0479 6  PHE B CZ  
390 N N   . ALA B 7  ? 0.6135 0.3367 0.4263 0.0762  -0.0640 -0.0415 7  ALA B N   
391 C CA  . ALA B 7  ? 0.7021 0.3566 0.4580 0.0714  -0.0546 -0.0455 7  ALA B CA  
392 C C   . ALA B 7  ? 0.7641 0.3710 0.4686 0.0602  -0.0854 -0.0636 7  ALA B C   
393 O O   . ALA B 7  ? 0.8232 0.4109 0.4910 0.0753  -0.0961 -0.0648 7  ALA B O   
394 C CB  . ALA B 7  ? 0.7783 0.3895 0.4908 0.0983  -0.0201 -0.0309 7  ALA B CB  
400 N N   . GLU B 8  ? 1.0843 0.6672 0.7819 0.0343  -0.1001 -0.0779 8  GLU B N   
401 C CA  . GLU B 8  ? 1.3076 0.8253 0.9373 0.0262  -0.1282 -0.0967 8  GLU B CA  
402 C C   . GLU B 8  ? 1.2555 0.7137 0.8531 0.0048  -0.1224 -0.1071 8  GLU B C   
403 O O   . GLU B 8  ? 1.1305 0.6193 0.7834 -0.0203 -0.1200 -0.1091 8  GLU B O   
404 C CB  . GLU B 8  ? 1.4541 1.0160 1.1196 0.0109  -0.1761 -0.1124 8  GLU B CB  
405 C CG  . GLU B 8  ? 1.5866 1.0855 1.1676 0.0202  -0.2090 -0.1270 8  GLU B CG  
406 C CD  . GLU B 8  ? 1.5596 1.0840 1.1360 0.0463  -0.2213 -0.1193 8  GLU B CD  
407 O OE1 . GLU B 8  ? 1.5867 1.0631 1.0984 0.0757  -0.1970 -0.1071 8  GLU B OE1 
408 O OE2 . GLU B 8  ? 1.5890 1.1787 1.2266 0.0387  -0.2529 -0.1246 8  GLU B OE2 
415 N N   . ORN B 9  ? 1.2915 0.4838 0.7265 -0.0031 -0.0045 -0.0946 9  ORN B N   
416 C CA  . ORN B 9  ? 1.1981 0.4934 0.7133 -0.0084 -0.0307 -0.0938 9  ORN B CA  
417 C CB  . ORN B 9  ? 1.1630 0.4714 0.6554 0.0252  -0.0309 -0.0855 9  ORN B CB  
418 C CG  . ORN B 9  ? 1.2733 0.5152 0.6856 0.0268  -0.0567 -0.1040 9  ORN B CG  
419 C CD  . ORN B 9  ? 1.2929 0.5804 0.7435 0.0004  -0.1082 -0.1236 9  ORN B CD  
420 N NE  . ORN B 9  ? 1.2095 0.5724 0.7084 0.0173  -0.1154 -0.1126 9  ORN B NE  
421 C C   . ORN B 9  ? 0.9798 0.3542 0.5786 -0.0095 -0.0119 -0.0757 9  ORN B C   
422 O O   . ORN B 9  ? 1.1095 0.4620 0.7062 -0.0081 0.0175  -0.0643 9  ORN B O   
434 N N   . ALA B 10 ? 0.9319 0.3957 0.6005 -0.0101 -0.0294 -0.0731 10 ALA B N   
435 C CA  . ALA B 10 ? 0.8258 0.3579 0.5628 -0.0090 -0.0129 -0.0579 10 ALA B CA  
436 C C   . ALA B 10 ? 0.7804 0.3857 0.5606 0.0098  -0.0210 -0.0501 10 ALA B C   
437 O O   . ALA B 10 ? 0.7829 0.3982 0.5578 0.0120  -0.0456 -0.0592 10 ALA B O   
438 C CB  . ALA B 10 ? 0.8433 0.4019 0.6333 -0.0461 -0.0231 -0.0675 10 ALA B CB  
444 N N   . ILE B 11 ? 0.6829 0.3333 0.4996 0.0248  -0.0010 -0.0334 11 ILE B N   
445 C CA  . ILE B 11 ? 0.6106 0.3295 0.4722 0.0398  -0.0078 -0.0273 11 ILE B CA  
446 C C   . ILE B 11 ? 0.5650 0.3446 0.4901 0.0207  -0.0174 -0.0309 11 ILE B C   
447 O O   . ILE B 11 ? 0.5758 0.3515 0.5132 0.0072  -0.0033 -0.0279 11 ILE B O   
448 C CB  . ILE B 11 ? 0.5850 0.3150 0.4462 0.0696  0.0169  -0.0088 11 ILE B CB  
449 C CG1 . ILE B 11 ? 0.6682 0.3374 0.4715 0.0899  0.0328  -0.0035 11 ILE B CG1 
450 C CG2 . ILE B 11 ? 0.5176 0.3136 0.4258 0.0805  0.0082  -0.0054 11 ILE B CG2 
451 C CD1 . ILE B 11 ? 0.8725 0.5469 0.6788 0.1165  0.0582  0.0147  11 ILE B CD1 
463 N N   . ILE B 12 ? 0.5204 0.3520 0.4837 0.0213  -0.0378 -0.0362 12 ILE B N   
464 C CA  . ILE B 12 ? 0.4773 0.3692 0.5027 0.0084  -0.0436 -0.0385 12 ILE B CA  
465 C C   . ILE B 12 ? 0.4203 0.3599 0.4711 0.0298  -0.0414 -0.0308 12 ILE B C   
466 O O   . ILE B 12 ? 0.4114 0.3503 0.4493 0.0445  -0.0507 -0.0311 12 ILE B O   
467 C CB  . ILE B 12 ? 0.5727 0.4828 0.6266 -0.0134 -0.0738 -0.0548 12 ILE B CB  
468 C CG1 . ILE B 12 ? 0.8852 0.7493 0.9217 -0.0402 -0.0766 -0.0646 12 ILE B CG1 
469 C CG2 . ILE B 12 ? 0.5193 0.4979 0.6438 -0.0207 -0.0765 -0.0553 12 ILE B CG2 
470 C CD1 . ILE B 12 ? 1.1140 0.9450 1.1186 -0.0490 -0.1097 -0.0814 12 ILE B CD1 
482 N N   . GLY B 13 ? 0.3909 0.3645 0.4720 0.0317  -0.0272 -0.0242 13 GLY B N   
483 C CA  . GLY B 13 ? 0.3445 0.3609 0.4495 0.0486  -0.0280 -0.0204 13 GLY B CA  
484 C C   . GLY B 13 ? 0.3202 0.3830 0.4741 0.0381  -0.0342 -0.0265 13 GLY B C   
485 O O   . GLY B 13 ? 0.3311 0.3997 0.5023 0.0247  -0.0212 -0.0251 13 GLY B O   
489 N N   . LEU B 14 ? 0.2933 0.3863 0.4699 0.0448  -0.0508 -0.0320 14 LEU B N   
490 C CA  . LEU B 14 ? 0.2736 0.4117 0.4997 0.0386  -0.0572 -0.0376 14 LEU B CA  
491 C C   . LEU B 14 ? 0.2427 0.4073 0.4794 0.0568  -0.0507 -0.0349 14 LEU B C   
492 O O   . LEU B 14 ? 0.2336 0.3871 0.4488 0.0709  -0.0539 -0.0330 14 LEU B O   
493 C CB  . LEU B 14 ? 0.2789 0.4267 0.5204 0.0340  -0.0848 -0.0469 14 LEU B CB  
494 C CG  . LEU B 14 ? 0.3224 0.4437 0.5543 0.0129  -0.0969 -0.0538 14 LEU B CG  
495 C CD1 . LEU B 14 ? 0.3580 0.4832 0.5929 0.0125  -0.1309 -0.0640 14 LEU B CD1 
496 C CD2 . LEU B 14 ? 0.3534 0.4964 0.6296 -0.0092 -0.0842 -0.0549 14 LEU B CD2 
508 N N   . MET B 15 ? 0.2949 0.4902 0.5633 0.0556  -0.0391 -0.0349 15 MET B N   
509 C CA  . MET B 15 ? 0.3599 0.5714 0.6287 0.0727  -0.0314 -0.0342 15 MET B CA  
510 C C   . MET B 15 ? 0.3525 0.5910 0.6506 0.0806  -0.0453 -0.0408 15 MET B C   
511 O O   . MET B 15 ? 0.2327 0.4935 0.5660 0.0735  -0.0550 -0.0443 15 MET B O   
512 C CB  . MET B 15 ? 0.3493 0.5695 0.6232 0.0728  -0.0064 -0.0298 15 MET B CB  
513 C CG  . MET B 15 ? 0.6039 0.7912 0.8354 0.0745  0.0088  -0.0211 15 MET B CG  
514 S SD  . MET B 15 ? 0.8760 1.0640 1.1079 0.0732  0.0426  -0.0135 15 MET B SD  
515 C CE  . MET B 15 ? 1.2253 1.3665 1.4172 0.0648  0.0571  -0.0023 15 MET B CE  
525 N N   . VAL B 16 ? 0.3020 0.5371 0.5857 0.0958  -0.0471 -0.0424 16 VAL B N   
526 C CA  . VAL B 16 ? 0.4001 0.6502 0.7013 0.1075  -0.0560 -0.0476 16 VAL B CA  
527 C C   . VAL B 16 ? 0.2753 0.5281 0.5682 0.1181  -0.0412 -0.0495 16 VAL B C   
528 O O   . VAL B 16 ? 0.4521 0.6854 0.7193 0.1236  -0.0433 -0.0510 16 VAL B O   
529 C CB  . VAL B 16 ? 0.2977 0.5197 0.5719 0.1101  -0.0685 -0.0457 16 VAL B CB  
530 C CG1 . VAL B 16 ? 0.4097 0.6281 0.6822 0.1170  -0.0697 -0.0451 16 VAL B CG1 
531 C CG2 . VAL B 16 ? 0.3873 0.6010 0.6608 0.1042  -0.0839 -0.0460 16 VAL B CG2 
541 N N   . ORN C 1  ? 0.4165 0.4644 0.3233 -0.1162 -0.0035 0.0188  1  ORN C N   
542 C CA  . ORN C 1  ? 0.4431 0.4373 0.3294 -0.1122 0.0017  0.0241  1  ORN C CA  
543 C CB  . ORN C 1  ? 0.4346 0.3886 0.3114 -0.1233 -0.0049 0.0093  1  ORN C CB  
544 C CG  . ORN C 1  ? 0.5185 0.4616 0.3942 -0.1521 -0.0085 0.0099  1  ORN C CG  
545 C CD  . ORN C 1  ? 0.5071 0.4015 0.3730 -0.1641 0.0047  0.0205  1  ORN C CD  
546 N NE  . ORN C 1  ? 0.5741 0.4164 0.4221 -0.1537 0.0137  0.0134  1  ORN C NE  
547 C C   . ORN C 1  ? 0.4122 0.4168 0.2958 -0.0890 0.0040  0.0207  1  ORN C C   
548 O O   . ORN C 1  ? 0.3822 0.4214 0.2798 -0.0795 -0.0014 0.0036  1  ORN C O   
560 N N   . LYS C 2  ? 0.4380 0.4091 0.3084 -0.0797 0.0140  0.0368  2  LYS C N   
561 C CA  . LYS C 2  ? 0.4259 0.4089 0.2945 -0.0583 0.0153  0.0364  2  LYS C CA  
562 C C   . LYS C 2  ? 0.4170 0.3660 0.2818 -0.0569 0.0095  0.0167  2  LYS C C   
563 O O   . LYS C 2  ? 0.4390 0.3440 0.2929 -0.0696 0.0097  0.0112  2  LYS C O   
564 C CB  . LYS C 2  ? 0.5274 0.4904 0.3900 -0.0454 0.0298  0.0659  2  LYS C CB  
565 C CG  . LYS C 2  ? 0.7543 0.7696 0.6253 -0.0409 0.0366  0.0956  2  LYS C CG  
566 C CD  . LYS C 2  ? 0.8850 0.9007 0.7599 -0.0211 0.0514  0.1330  2  LYS C CD  
567 C CE  . LYS C 2  ? 0.9799 1.0240 0.8517 -0.0027 0.0461  0.1260  2  LYS C CE  
568 N NZ  . LYS C 2  ? 0.9239 1.0256 0.7963 -0.0071 0.0288  0.0906  2  LYS C NZ  
582 N N   . LEU C 3  ? 0.3917 0.3649 0.2666 -0.0428 0.0050  0.0063  3  LEU C N   
583 C CA  . LEU C 3  ? 0.3826 0.3316 0.2598 -0.0386 0.0012  -0.0053 3  LEU C CA  
584 C C   . LEU C 3  ? 0.4297 0.3649 0.2989 -0.0207 0.0084  0.0056  3  LEU C C   
585 O O   . LEU C 3  ? 0.4308 0.4051 0.3079 -0.0097 0.0092  0.0124  3  LEU C O   
586 C CB  . LEU C 3  ? 0.3473 0.3342 0.2562 -0.0380 -0.0074 -0.0242 3  LEU C CB  
587 C CG  . LEU C 3  ? 0.4579 0.4321 0.3832 -0.0349 -0.0113 -0.0302 3  LEU C CG  
588 C CD1 . LEU C 3  ? 0.4906 0.4357 0.3990 -0.0465 -0.0133 -0.0248 3  LEU C CD1 
589 C CD2 . LEU C 3  ? 0.4162 0.4280 0.3876 -0.0350 -0.0146 -0.0463 3  LEU C CD2 
601 N N   . VAL C 4  ? 0.4200 0.3066 0.2731 -0.0185 0.0144  0.0075  4  VAL C N   
602 C CA  . VAL C 4  ? 0.4300 0.2972 0.2762 0.0004  0.0250  0.0205  4  VAL C CA  
603 C C   . VAL C 4  ? 0.4630 0.3280 0.3149 0.0070  0.0204  0.0107  4  VAL C C   
604 O O   . VAL C 4  ? 0.4655 0.3096 0.3072 -0.0033 0.0181  0.0003  4  VAL C O   
605 C CB  . VAL C 4  ? 0.5394 0.3485 0.3655 0.0001  0.0423  0.0298  4  VAL C CB  
606 C CG1 . VAL C 4  ? 0.6179 0.4118 0.4440 0.0240  0.0567  0.0470  4  VAL C CG1 
607 C CG2 . VAL C 4  ? 0.6218 0.4300 0.4507 -0.0096 0.0484  0.0440  4  VAL C CG2 
617 C C1  . MEA C 5  ? 0.5891 0.5077 0.4631 0.0363  0.0245  0.0341  5  MEA C C1  
618 N N   . MEA C 5  ? 0.4636 0.3550 0.3322 0.0226  0.0195  0.0166  5  MEA C N   
619 C CA  . MEA C 5  ? 0.4392 0.3337 0.3221 0.0284  0.0158  0.0119  5  MEA C CA  
620 C C   . MEA C 5  ? 0.4652 0.3326 0.3336 0.0463  0.0287  0.0254  5  MEA C C   
621 O O   . MEA C 5  ? 0.4592 0.3247 0.3235 0.0602  0.0390  0.0418  5  MEA C O   
622 C CB  . MEA C 5  ? 0.4799 0.4206 0.4016 0.0305  0.0065  0.0053  5  MEA C CB  
623 C CG  . MEA C 5  ? 0.4111 0.3745 0.3591 0.0157  -0.0029 -0.0130 5  MEA C CG  
624 C CD1 . MEA C 5  ? 0.5087 0.5087 0.4680 0.0095  -0.0065 -0.0253 5  MEA C CD1 
625 C CE1 . MEA C 5  ? 0.4896 0.5089 0.4773 -0.0015 -0.0110 -0.0442 5  MEA C CE1 
626 C CZ  . MEA C 5  ? 0.4069 0.4109 0.4166 -0.0050 -0.0121 -0.0436 5  MEA C CZ  
627 C CE2 . MEA C 5  ? 0.3766 0.3525 0.3733 0.0006  -0.0106 -0.0263 5  MEA C CE2 
628 C CD2 . MEA C 5  ? 0.3859 0.3409 0.3500 0.0104  -0.0058 -0.0146 5  MEA C CD2 
640 N N   . PHE C 6  ? 0.4255 0.2799 0.2891 0.0470  0.0297  0.0217  6  PHE C N   
641 C CA  . PHE C 6  ? 0.5029 0.3350 0.3511 0.0639  0.0439  0.0310  6  PHE C CA  
642 C C   . PHE C 6  ? 0.4891 0.3509 0.3627 0.0699  0.0377  0.0366  6  PHE C C   
643 O O   . PHE C 6  ? 0.4445 0.3277 0.3379 0.0583  0.0262  0.0317  6  PHE C O   
644 C CB  . PHE C 6  ? 0.5073 0.2939 0.3160 0.0570  0.0560  0.0183  6  PHE C CB  
645 C CG  . PHE C 6  ? 0.5917 0.3384 0.3832 0.0514  0.0677  0.0149  6  PHE C CG  
646 C CD1 . PHE C 6  ? 0.5530 0.3008 0.3435 0.0302  0.0581  0.0060  6  PHE C CD1 
647 C CD2 . PHE C 6  ? 0.7231 0.4315 0.5060 0.0687  0.0910  0.0240  6  PHE C CD2 
648 C CE1 . PHE C 6  ? 0.5806 0.2922 0.3628 0.0244  0.0706  0.0075  6  PHE C CE1 
649 C CE2 . PHE C 6  ? 0.7763 0.4452 0.5554 0.0646  0.1053  0.0262  6  PHE C CE2 
650 C CZ  . PHE C 6  ? 0.7324 0.4032 0.5115 0.0415  0.0946  0.0187  6  PHE C CZ  
660 N N   . ALA C 7  ? 0.4385 0.3052 0.3187 0.0892  0.0469  0.0515  7  ALA C N   
661 C CA  . ALA C 7  ? 0.4248 0.3178 0.3297 0.0958  0.0445  0.0619  7  ALA C CA  
662 C C   . ALA C 7  ? 0.4903 0.3613 0.3587 0.1063  0.0602  0.0640  7  ALA C C   
663 O O   . ALA C 7  ? 0.5638 0.4074 0.4101 0.1210  0.0772  0.0667  7  ALA C O   
664 C CB  . ALA C 7  ? 0.5648 0.4909 0.5107 0.1076  0.0426  0.0769  7  ALA C CB  
670 N N   . GLU C 8  ? 0.4603 0.3471 0.3234 0.0985  0.0563  0.0624  8  GLU C N   
671 C CA  . GLU C 8  ? 0.6889 0.5659 0.5101 0.1035  0.0703  0.0564  8  GLU C CA  
672 C C   . GLU C 8  ? 0.5984 0.5241 0.4433 0.1130  0.0690  0.0799  8  GLU C C   
673 O O   . GLU C 8  ? 0.5403 0.5017 0.3944 0.1019  0.0590  0.0864  8  GLU C O   
674 C CB  . GLU C 8  ? 0.8600 0.7218 0.6418 0.0802  0.0671  0.0306  8  GLU C CB  
675 C CG  . GLU C 8  ? 1.0153 0.8729 0.7480 0.0792  0.0819  0.0130  8  GLU C CG  
676 C CD  . GLU C 8  ? 1.1109 0.9207 0.8200 0.0975  0.1082  0.0025  8  GLU C CD  
677 O OE1 . GLU C 8  ? 0.9952 0.7592 0.7087 0.0994  0.1151  -0.0018 8  GLU C OE1 
678 O OE2 . GLU C 8  ? 1.1504 0.9724 0.8409 0.1118  0.1237  0.0020  8  GLU C OE2 
685 N N   . ORN C 9  ? 0.5843 0.6886 0.6558 0.1353  0.0540  0.2039  9  ORN C N   
686 C CA  . ORN C 9  ? 0.5470 0.6047 0.5626 0.1237  0.0501  0.1646  9  ORN C CA  
687 C CB  . ORN C 9  ? 0.6027 0.6259 0.6097 0.1309  0.0542  0.1499  9  ORN C CB  
688 C CG  . ORN C 9  ? 0.6558 0.6658 0.6181 0.1503  0.0720  0.1517  9  ORN C CG  
689 C CD  . ORN C 9  ? 0.7408 0.7231 0.6297 0.1468  0.0819  0.1269  9  ORN C CD  
690 N NE  . ORN C 9  ? 0.6914 0.6250 0.5523 0.1356  0.0805  0.0989  9  ORN C NE  
691 C C   . ORN C 9  ? 0.4746 0.5285 0.5188 0.1052  0.0366  0.1538  9  ORN C C   
692 O O   . ORN C 9  ? 0.5150 0.5933 0.6283 0.1028  0.0322  0.1720  9  ORN C O   
704 N N   . ALA C 10 ? 0.4604 0.4813 0.4541 0.0924  0.0327  0.1234  10 ALA C N   
705 C CA  . ALA C 10 ? 0.3802 0.3978 0.3929 0.0751  0.0212  0.1108  10 ALA C CA  
706 C C   . ALA C 10 ? 0.4042 0.3826 0.3913 0.0689  0.0194  0.0826  10 ALA C C   
707 O O   . ALA C 10 ? 0.4166 0.3673 0.3618 0.0760  0.0276  0.0737  10 ALA C O   
708 C CB  . ALA C 10 ? 0.4043 0.4400 0.3872 0.0627  0.0167  0.1109  10 ALA C CB  
714 N N   . ILE C 11 ? 0.3679 0.3475 0.3833 0.0568  0.0108  0.0711  11 ILE C N   
715 C CA  . ILE C 11 ? 0.3213 0.2759 0.3122 0.0489  0.0084  0.0478  11 ILE C CA  
716 C C   . ILE C 11 ? 0.3748 0.3209 0.3331 0.0330  0.0040  0.0379  11 ILE C C   
717 O O   . ILE C 11 ? 0.3944 0.3655 0.3772 0.0253  -0.0017 0.0460  11 ILE C O   
718 C CB  . ILE C 11 ? 0.3509 0.3221 0.3942 0.0447  0.0029  0.0373  11 ILE C CB  
719 C CG1 . ILE C 11 ? 0.4636 0.4495 0.5419 0.0557  0.0060  0.0448  11 ILE C CG1 
720 C CG2 . ILE C 11 ? 0.4670 0.4280 0.4849 0.0357  -0.0002 0.0168  11 ILE C CG2 
721 C CD1 . ILE C 11 ? 0.7203 0.7283 0.8589 0.0474  0.0018  0.0285  11 ILE C CD1 
733 N N   . ILE C 12 ? 0.3730 0.2867 0.2824 0.0280  0.0080  0.0240  12 ILE C N   
734 C CA  . ILE C 12 ? 0.3838 0.2871 0.2631 0.0092  0.0044  0.0120  12 ILE C CA  
735 C C   . ILE C 12 ? 0.5107 0.3970 0.3860 0.0029  0.0037  0.0012  12 ILE C C   
736 O O   . ILE C 12 ? 0.4944 0.3575 0.3544 0.0122  0.0124  0.0013  12 ILE C O   
737 C CB  . ILE C 12 ? 0.4650 0.3440 0.2923 0.0055  0.0134  0.0033  12 ILE C CB  
738 C CG1 . ILE C 12 ? 0.5818 0.4901 0.4125 0.0158  0.0156  0.0173  12 ILE C CG1 
739 C CG2 . ILE C 12 ? 0.5299 0.4074 0.3314 -0.0199 0.0076  -0.0116 12 ILE C CG2 
740 C CD1 . ILE C 12 ? 0.7519 0.6414 0.5292 0.0142  0.0282  0.0023  12 ILE C CD1 
752 N N   . GLY C 13 ? 0.3934 0.2977 0.2855 -0.0110 -0.0049 -0.0036 13 GLY C N   
753 C CA  . GLY C 13 ? 0.3980 0.2950 0.2840 -0.0179 -0.0050 -0.0113 13 GLY C CA  
754 C C   . GLY C 13 ? 0.4481 0.3276 0.3037 -0.0375 -0.0056 -0.0173 13 GLY C C   
755 O O   . GLY C 13 ? 0.4634 0.3635 0.3239 -0.0505 -0.0134 -0.0172 13 GLY C O   
759 N N   . LEU C 14 ? 0.4301 0.2743 0.2589 -0.0403 0.0037  -0.0200 14 LEU C N   
760 C CA  . LEU C 14 ? 0.4664 0.2864 0.2703 -0.0622 0.0058  -0.0292 14 LEU C CA  
761 C C   . LEU C 14 ? 0.5497 0.3704 0.3622 -0.0688 0.0071  -0.0234 14 LEU C C   
762 O O   . LEU C 14 ? 0.4812 0.3130 0.3064 -0.0534 0.0110  -0.0125 14 LEU C O   
763 C CB  . LEU C 14 ? 0.5167 0.2867 0.2890 -0.0610 0.0215  -0.0383 14 LEU C CB  
764 C CG  . LEU C 14 ? 0.5626 0.3407 0.3225 -0.0533 0.0219  -0.0434 14 LEU C CG  
765 C CD1 . LEU C 14 ? 0.6743 0.4029 0.4058 -0.0469 0.0422  -0.0553 14 LEU C CD1 
766 C CD2 . LEU C 14 ? 0.5207 0.3353 0.2735 -0.0753 0.0083  -0.0517 14 LEU C CD2 
778 N N   . MET C 15 ? 0.5295 0.3488 0.3367 -0.0926 0.0035  -0.0289 15 MET C N   
779 C CA  . MET C 15 ? 0.5136 0.3468 0.3345 -0.0993 0.0036  -0.0193 15 MET C CA  
780 C C   . MET C 15 ? 0.6549 0.4445 0.4650 -0.1126 0.0170  -0.0156 15 MET C C   
781 O O   . MET C 15 ? 0.6575 0.4049 0.4497 -0.1259 0.0242  -0.0301 15 MET C O   
782 C CB  . MET C 15 ? 0.5067 0.3835 0.3444 -0.1152 -0.0103 -0.0218 15 MET C CB  
783 C CG  . MET C 15 ? 0.6025 0.5237 0.4696 -0.1000 -0.0185 -0.0210 15 MET C CG  
784 S SD  . MET C 15 ? 0.6533 0.6252 0.5506 -0.1149 -0.0290 -0.0178 15 MET C SD  
785 C CE  . MET C 15 ? 0.8412 0.8425 0.7799 -0.0935 -0.0309 -0.0170 15 MET C CE  
795 N N   . VAL C 16 ? 0.5934 0.3964 0.4182 -0.1091 0.0222  0.0035  16 VAL C N   
796 C CA  . VAL C 16 ? 0.6844 0.4616 0.5164 -0.1192 0.0360  0.0196  16 VAL C CA  
797 C C   . VAL C 16 ? 0.6095 0.4404 0.4580 -0.1295 0.0262  0.0293  16 VAL C C   
798 O O   . VAL C 16 ? 0.5710 0.4408 0.4320 -0.1163 0.0293  0.0504  16 VAL C O   
799 C CB  . VAL C 16 ? 0.6471 0.4076 0.4864 -0.0955 0.0540  0.0453  16 VAL C CB  
800 C CG1 . VAL C 16 ? 0.8286 0.5488 0.6836 -0.1072 0.0730  0.0640  16 VAL C CG1 
801 C CG2 . VAL C 16 ? 0.6770 0.4003 0.5021 -0.0790 0.0617  0.0349  16 VAL C CG2 
# 
loop_
_pdbx_poly_seq_scheme.asym_id 
_pdbx_poly_seq_scheme.entity_id 
_pdbx_poly_seq_scheme.seq_id 
_pdbx_poly_seq_scheme.mon_id 
_pdbx_poly_seq_scheme.ndb_seq_num 
_pdbx_poly_seq_scheme.pdb_seq_num 
_pdbx_poly_seq_scheme.auth_seq_num 
_pdbx_poly_seq_scheme.pdb_mon_id 
_pdbx_poly_seq_scheme.auth_mon_id 
_pdbx_poly_seq_scheme.pdb_strand_id 
_pdbx_poly_seq_scheme.pdb_ins_code 
_pdbx_poly_seq_scheme.hetero 
A 1 1  ORN 1  1  1  ORN ORN A . n 
A 1 2  LYS 2  2  2  LYS LYS A . n 
A 1 3  LEU 3  3  3  LEU LEU A . n 
A 1 4  VAL 4  4  4  VAL VAL A . n 
A 1 5  MEA 5  5  5  MEA MEA A . n 
A 1 6  PHE 6  6  6  PHE PHE A . n 
A 1 7  ALA 7  7  7  ALA ALA A . n 
A 1 8  GLU 8  8  8  GLU GLU A . n 
A 1 9  ORN 9  9  9  ORN ORN A . n 
A 1 10 ALA 10 10 10 ALA ALA A . n 
A 1 11 ILE 11 11 11 ILE ILE A . n 
A 1 12 ILE 12 12 12 ILE ILE A . n 
A 1 13 GLY 13 13 13 GLY GLY A . n 
A 1 14 LEU 14 14 14 LEU LEU A . n 
A 1 15 MET 15 15 15 MET MET A . n 
A 1 16 VAL 16 16 16 VAL VAL A . n 
B 1 1  ORN 1  1  1  ORN ORN B . n 
B 1 2  LYS 2  2  2  LYS LYS B . n 
B 1 3  LEU 3  3  3  LEU LEU B . n 
B 1 4  VAL 4  4  4  VAL VAL B . n 
B 1 5  MEA 5  5  5  MEA MEA B . n 
B 1 6  PHE 6  6  6  PHE PHE B . n 
B 1 7  ALA 7  7  7  ALA ALA B . n 
B 1 8  GLU 8  8  8  GLU GLU B . n 
B 1 9  ORN 9  9  9  ORN ORN B . n 
B 1 10 ALA 10 10 10 ALA ALA B . n 
B 1 11 ILE 11 11 11 ILE ILE B . n 
B 1 12 ILE 12 12 12 ILE ILE B . n 
B 1 13 GLY 13 13 13 GLY GLY B . n 
B 1 14 LEU 14 14 14 LEU LEU B . n 
B 1 15 MET 15 15 15 MET MET B . n 
B 1 16 VAL 16 16 16 VAL VAL B . n 
C 1 1  ORN 1  1  1  ORN ORN C . n 
C 1 2  LYS 2  2  2  LYS LYS C . n 
C 1 3  LEU 3  3  3  LEU LEU C . n 
C 1 4  VAL 4  4  4  VAL VAL C . n 
C 1 5  MEA 5  5  5  MEA MEA C . n 
C 1 6  PHE 6  6  6  PHE PHE C . n 
C 1 7  ALA 7  7  7  ALA ALA C . n 
C 1 8  GLU 8  8  8  GLU GLU C . n 
C 1 9  ORN 9  9  9  ORN ORN C . n 
C 1 10 ALA 10 10 10 ALA ALA C . n 
C 1 11 ILE 11 11 11 ILE ILE C . n 
C 1 12 ILE 12 12 12 ILE ILE C . n 
C 1 13 GLY 13 13 13 GLY GLY C . n 
C 1 14 LEU 14 14 14 LEU LEU C . n 
C 1 15 MET 15 15 15 MET MET C . n 
C 1 16 VAL 16 16 16 VAL VAL C . n 
# 
loop_
_pdbx_nonpoly_scheme.asym_id 
_pdbx_nonpoly_scheme.entity_id 
_pdbx_nonpoly_scheme.mon_id 
_pdbx_nonpoly_scheme.ndb_seq_num 
_pdbx_nonpoly_scheme.pdb_seq_num 
_pdbx_nonpoly_scheme.auth_seq_num 
_pdbx_nonpoly_scheme.pdb_mon_id 
_pdbx_nonpoly_scheme.auth_mon_id 
_pdbx_nonpoly_scheme.pdb_strand_id 
_pdbx_nonpoly_scheme.pdb_ins_code 
D 2 HOH 1  101 23 HOH HOH A . 
D 2 HOH 2  102 2  HOH HOH A . 
D 2 HOH 3  103 33 HOH HOH A . 
D 2 HOH 4  104 16 HOH HOH A . 
D 2 HOH 5  105 3  HOH HOH A . 
D 2 HOH 6  106 11 HOH HOH A . 
D 2 HOH 7  107 14 HOH HOH A . 
D 2 HOH 8  108 19 HOH HOH A . 
D 2 HOH 9  109 31 HOH HOH A . 
D 2 HOH 10 110 4  HOH HOH A . 
D 2 HOH 11 111 27 HOH HOH A . 
E 2 HOH 1  101 1  HOH HOH B . 
E 2 HOH 2  102 17 HOH HOH B . 
E 2 HOH 3  103 20 HOH HOH B . 
E 2 HOH 4  104 5  HOH HOH B . 
E 2 HOH 5  105 29 HOH HOH B . 
E 2 HOH 6  106 9  HOH HOH B . 
E 2 HOH 7  107 8  HOH HOH B . 
E 2 HOH 8  108 26 HOH HOH B . 
E 2 HOH 9  109 21 HOH HOH B . 
E 2 HOH 10 110 30 HOH HOH B . 
F 2 HOH 1  101 28 HOH HOH C . 
F 2 HOH 2  102 7  HOH HOH C . 
F 2 HOH 3  103 34 HOH HOH C . 
F 2 HOH 4  104 15 HOH HOH C . 
F 2 HOH 5  105 22 HOH HOH C . 
F 2 HOH 6  106 13 HOH HOH C . 
F 2 HOH 7  107 12 HOH HOH C . 
F 2 HOH 8  108 25 HOH HOH C . 
F 2 HOH 9  109 32 HOH HOH C . 
F 2 HOH 10 110 24 HOH HOH C . 
F 2 HOH 11 111 18 HOH HOH C . 
F 2 HOH 12 112 10 HOH HOH C . 
# 
loop_
_pdbx_struct_assembly.id 
_pdbx_struct_assembly.details 
_pdbx_struct_assembly.method_details 
_pdbx_struct_assembly.oligomeric_details 
_pdbx_struct_assembly.oligomeric_count 
1 author_and_software_defined_assembly PISA hexameric 6  
2 software_defined_assembly            PISA 72-meric  72 
# 
loop_
_pdbx_struct_assembly_gen.assembly_id 
_pdbx_struct_assembly_gen.oper_expression 
_pdbx_struct_assembly_gen.asym_id_list 
1 1,13                                                           A,B,C,D,E,F 
2 1,2,3,4,5,6,7,8,9,10,11,12,13,14,15,16,17,18,19,20,21,22,23,24 A,B,C,D,E,F 
# 
loop_
_pdbx_struct_assembly_prop.biol_id 
_pdbx_struct_assembly_prop.type 
_pdbx_struct_assembly_prop.value 
_pdbx_struct_assembly_prop.details 
1 'ABSA (A^2)' 5010  ? 
1 MORE         -28   ? 
1 'SSA (A^2)'  5360  ? 
2 'ABSA (A^2)' 84180 ? 
2 MORE         -539  ? 
2 'SSA (A^2)'  40200 ? 
# 
loop_
_pdbx_struct_oper_list.id 
_pdbx_struct_oper_list.type 
_pdbx_struct_oper_list.name 
_pdbx_struct_oper_list.symmetry_operation 
_pdbx_struct_oper_list.matrix[1][1] 
_pdbx_struct_oper_list.matrix[1][2] 
_pdbx_struct_oper_list.matrix[1][3] 
_pdbx_struct_oper_list.vector[1] 
_pdbx_struct_oper_list.matrix[2][1] 
_pdbx_struct_oper_list.matrix[2][2] 
_pdbx_struct_oper_list.matrix[2][3] 
_pdbx_struct_oper_list.vector[2] 
_pdbx_struct_oper_list.matrix[3][1] 
_pdbx_struct_oper_list.matrix[3][2] 
_pdbx_struct_oper_list.matrix[3][3] 
_pdbx_struct_oper_list.vector[3] 
1  'identity operation'         1_555  x,y,z          1.0000000000  0.0000000000  0.0000000000  0.0000000000   0.0000000000  1.0000000000  0.0000000000  0.0000000000   0.0000000000  0.0000000000  1.0000000000  0.0000000000   
2  'crystal symmetry operation' 2_665  -x+1,-y+1,z    -0.7692497671 -0.1911333959 -0.6096907583 -53.1790575256 -0.1911333959 -0.8416817414 0.5050147236  -6.0893914586  -0.6096907583 0.5050147236  0.6109315085  -18.2177500475 
3  'crystal symmetry operation' 3_656  -x+1,y,-z+1    -0.4341914780 0.8982907145  -0.0674651961 -35.9665169318 0.8982907145  0.4261471441  -0.1071093079 21.1229551648  -0.0674651961 -0.1071093079 -0.9919556661 -20.3898807109 
4  'crystal symmetry operation' 4_566  x,-y+1,-z+1    0.2034412451  -0.7071573186 0.6771559544  -17.1176030726 -0.7071573186 -0.5844654026 -0.3979054158 -27.2909845974 0.6771559544  -0.3979054158 -0.6189758424 1.9212857191   
5  'crystal symmetry operation' 5_555  z,x,y          0.8567378777  -0.1738599795 -0.4855645337 -8.7920378262  0.3505611224  -0.4942466238 0.7955043522  12.0300690360  -0.3782950018 -0.8517587583 -0.3624912539 -25.1560046978 
6  'crystal symmetry operation' 6_566  z,-x+1,-y+1    -0.3297707558 -0.2626336885 -0.9067936890 -44.4479559265 -0.6602136779 0.7507358318  0.0226629753  -18.0950793377 0.6748104535  0.6061511829  -0.4209650760 6.7518345322   
7  'crystal symmetry operation' 7_665  -z+1,-x+1,y    -0.4954063841 0.7475182277  0.4424805237  -33.3777488428 -0.6498566617 0.0190780933  -0.7598173106 -27.2385816279 -0.5764189741 -0.6639672625 0.4763282908  -22.1505597467 
8  'crystal symmetry operation' 8_656  -z+1,x,-y+1    -0.0315607378 -0.3110245597 0.9498776990  -19.6454349345 0.9595092172  -0.2755673014 -0.0583500169 21.0461710384  0.2799035224  0.9095748379  0.3071280392  3.8683848729   
9  'crystal symmetry operation' 9_555  y,z,x          0.8567378777  0.3505611224  -0.3782950018 -6.2011935185  -0.1738599795 -0.4942466238 -0.8517587583 -17.0096098382 -0.4855645337 0.7955043522  -0.3624912539 -22.9579057102 
10 'crystal symmetry operation' 10_656 -y+1,z,-x+1    -0.4954063841 -0.6498566617 -0.5764189741 -47.0047265178 0.7475182277  0.0190780933  -0.6639672625 10.7628893446  0.4424805237  -0.7598173106 0.4763282908  4.6235962133   
11 'crystal symmetry operation' 11_566 y,-z+1,-x+1    -0.0315607378 0.9595092172  0.2799035224  -21.8967940719 -0.3110245597 -0.2755673014 0.9095748379  -3.8291617372  0.9498776990  -0.0583500169 0.3071280392  18.7007155059  
12 'crystal symmetry operation' 12_665 -y+1,-z+1,x    -0.3297707558 -0.6602136779 0.6748104535  -31.1604634218 -0.2626336885 0.7507358318  0.6061511829  -2.1815386604  -0.9067936890 0.0226629753  -0.4209650760 -37.0527510483 
13 'crystal symmetry operation' 13_556 y,x,-z+1       0.7098020234  0.5081595981  0.4878062221  -1.6782014128  0.5081595981  -0.8489730544 0.1449778456  9.1634299788   0.4878062221  0.1449778456  -0.8608289690 -3.6635299908  
14 'crystal symmetry operation' 14_666 -y+1,-x+1,-z+1 -0.9405522564 -0.3170262022 0.1218845362  -51.4059185916 -0.3170262022 0.6906547958  -0.6499925693 -15.3314594115 0.1218845362  -0.6499925693 -0.7501025395 -14.8050650010 
15 'crystal symmetry operation' 15_565 y,-x+1,z       0.1153751165  0.8019107415  -0.5861977015 -26.4197861777 -0.9930441374 0.0791591293  -0.0871617661 -30.0022015542 -0.0234930568 0.5921764897  0.8054657543  -0.5936602135  
16 'crystal symmetry operation' 16_655 -y+1,x,z       0.1153751165  -0.9930441374 -0.0234930568 -26.7592713480 0.8019107415  0.0791591293  0.5921764897  23.9128100956  -0.5861977015 -0.0871617661 0.8054657543  -17.6240898340 
17 'crystal symmetry operation' 17_556 x,z,-y+1       0.6017206225  -0.7900555530 -0.1172370057 -14.0768682200 0.0828982345  0.2077672987  -0.9746592391 -9.1645962496  0.7943929602  0.5767538233  0.1905120788  15.4467703333  
18 'crystal symmetry operation' 18_655 -x+1,z,y       -0.2403891290 0.4907600137  -0.8374769702 -39.1290518164 0.4907600137  -0.6829358291 -0.5410667817 2.9178757559   -0.8374769702 -0.5410667817 -0.0766750419 -33.7810798303 
19 'crystal symmetry operation' 19_666 -x+1,-z+1,-y+1 -0.9630521161 0.2163973049  0.1603210158  -50.0165226411 0.2163973049  0.2674012317  0.9389721975  12.1156879502  0.1603210158  0.9389721975  -0.3043491156 -4.8265509282  
20 'crystal symmetry operation' 20_565 x,-z+1,y       0.6017206225  0.0828982345  0.7943929602  -3.0407348526  -0.7900555530 0.2077672987  0.5767538233  -18.1263883479 -0.1172370057 -0.9746592391 0.1905120788  -13.5254846142 
21 'crystal symmetry operation' 21_556 z,y,-x+1       0.2829042610  0.3857248010  -0.8781694352 -25.9224268721 0.5125659135  0.7130735720  0.4783327975  17.1245466808  0.8107042392  -0.5854421054 0.0040221670  10.6083029410  
22 'crystal symmetry operation' 22_565 z,-y+1,x       0.2440628609  -0.8222184690 -0.5141887875 -27.3175668806 -0.8222184690 -0.4565843640 0.3398345300  -23.1895569826 -0.5141887875 0.3398345300  -0.7874784969 -29.0124731066 
23 'crystal symmetry operation' 23_655 -z+1,y,x       0.2829042610  0.5125659135  0.8107042392  -10.0440900597 0.3857248010  0.7130735720  -0.5854421054 3.9984084839   -0.8781694352 0.4783327975  0.0040221670  -30.9981836520 
24 'crystal symmetry operation' 24_666 -z+1,-y+1,-x+1 -0.8098713829 -0.0760722455 0.5816539835  -42.9790937176 -0.0760722455 -0.9695627800 -0.2327252221 -10.1908190734 0.5816539835  -0.2327252221 0.7794341630  12.7160087782 
# 
loop_
_pdbx_struct_special_symmetry.id 
_pdbx_struct_special_symmetry.PDB_model_num 
_pdbx_struct_special_symmetry.auth_asym_id 
_pdbx_struct_special_symmetry.auth_comp_id 
_pdbx_struct_special_symmetry.auth_seq_id 
_pdbx_struct_special_symmetry.PDB_ins_code 
_pdbx_struct_special_symmetry.label_asym_id 
_pdbx_struct_special_symmetry.label_comp_id 
_pdbx_struct_special_symmetry.label_seq_id 
1 1 A HOH 110 ? D HOH . 
2 1 B HOH 108 ? E HOH . 
3 1 C HOH 112 ? F HOH . 
# 
loop_
_pdbx_audit_revision_history.ordinal 
_pdbx_audit_revision_history.data_content_type 
_pdbx_audit_revision_history.major_revision 
_pdbx_audit_revision_history.minor_revision 
_pdbx_audit_revision_history.revision_date 
1 'Structure model' 1 0 2017-11-22 
2 'Structure model' 1 1 2017-11-29 
3 'Structure model' 1 2 2020-01-01 
4 'Structure model' 1 3 2023-10-04 
# 
_pdbx_audit_revision_details.ordinal             1 
_pdbx_audit_revision_details.revision_ordinal    1 
_pdbx_audit_revision_details.data_content_type   'Structure model' 
_pdbx_audit_revision_details.provider            repository 
_pdbx_audit_revision_details.type                'Initial release' 
_pdbx_audit_revision_details.description         ? 
_pdbx_audit_revision_details.details             ? 
# 
loop_
_pdbx_audit_revision_group.ordinal 
_pdbx_audit_revision_group.revision_ordinal 
_pdbx_audit_revision_group.data_content_type 
_pdbx_audit_revision_group.group 
1 2 'Structure model' 'Database references'        
2 3 'Structure model' 'Author supporting evidence' 
3 4 'Structure model' 'Data collection'            
4 4 'Structure model' 'Database references'        
5 4 'Structure model' 'Derived calculations'       
6 4 'Structure model' 'Refinement description'     
# 
loop_
_pdbx_audit_revision_category.ordinal 
_pdbx_audit_revision_category.revision_ordinal 
_pdbx_audit_revision_category.data_content_type 
_pdbx_audit_revision_category.category 
1 2 'Structure model' citation                      
2 3 'Structure model' pdbx_audit_support            
3 4 'Structure model' chem_comp_atom                
4 4 'Structure model' chem_comp_bond                
5 4 'Structure model' database_2                    
6 4 'Structure model' pdbx_initial_refinement_model 
7 4 'Structure model' struct_conn                   
# 
loop_
_pdbx_audit_revision_item.ordinal 
_pdbx_audit_revision_item.revision_ordinal 
_pdbx_audit_revision_item.data_content_type 
_pdbx_audit_revision_item.item 
1  2 'Structure model' '_citation.journal_volume'                 
2  2 'Structure model' '_citation.page_first'                     
3  2 'Structure model' '_citation.page_last'                      
4  3 'Structure model' '_pdbx_audit_support.funding_organization' 
5  4 'Structure model' '_database_2.pdbx_DOI'                     
6  4 'Structure model' '_database_2.pdbx_database_accession'      
7  4 'Structure model' '_struct_conn.pdbx_dist_value'             
8  4 'Structure model' '_struct_conn.ptnr1_label_atom_id'         
9  4 'Structure model' '_struct_conn.ptnr2_auth_comp_id'          
10 4 'Structure model' '_struct_conn.ptnr2_auth_seq_id'           
11 4 'Structure model' '_struct_conn.ptnr2_label_atom_id'         
12 4 'Structure model' '_struct_conn.ptnr2_label_comp_id'         
13 4 'Structure model' '_struct_conn.ptnr2_label_seq_id'          
# 
loop_
_pdbx_refine_tls.pdbx_refine_id 
_pdbx_refine_tls.id 
_pdbx_refine_tls.details 
_pdbx_refine_tls.method 
_pdbx_refine_tls.origin_x 
_pdbx_refine_tls.origin_y 
_pdbx_refine_tls.origin_z 
_pdbx_refine_tls.T[1][1] 
_pdbx_refine_tls.T[2][2] 
_pdbx_refine_tls.T[3][3] 
_pdbx_refine_tls.T[1][2] 
_pdbx_refine_tls.T[1][3] 
_pdbx_refine_tls.T[2][3] 
_pdbx_refine_tls.L[1][1] 
_pdbx_refine_tls.L[2][2] 
_pdbx_refine_tls.L[3][3] 
_pdbx_refine_tls.L[1][2] 
_pdbx_refine_tls.L[1][3] 
_pdbx_refine_tls.L[2][3] 
_pdbx_refine_tls.S[1][1] 
_pdbx_refine_tls.S[1][2] 
_pdbx_refine_tls.S[1][3] 
_pdbx_refine_tls.S[2][1] 
_pdbx_refine_tls.S[2][2] 
_pdbx_refine_tls.S[2][3] 
_pdbx_refine_tls.S[3][1] 
_pdbx_refine_tls.S[3][2] 
_pdbx_refine_tls.S[3][3] 
'X-RAY DIFFRACTION' 1 ? refined -4.9047 0.5787  5.1829  0.3126 0.2124 0.2180 0.0107  -0.0126 0.0012  6.5560 3.6528 6.2432 4.6595  2.6191  2.3169  0.1590  -0.5459 -0.3404 0.1078  0.1072  0.0466  0.1204  -0.0643 -0.1292 
'X-RAY DIFFRACTION' 2 ? refined 6.9129  1.4154  1.5509  0.3420 0.3530 0.4355 0.0572  -0.0562 -0.0292 2.2926 6.7711 4.3306 -1.6480 -1.1677 -0.2043 0.1515  0.0410  0.1841  0.5729  0.1300  -0.5598 -0.7601 0.4639  -0.1719 
'X-RAY DIFFRACTION' 3 ? refined -1.8505 -3.1582 -6.3432 0.4118 0.2597 0.2573 -0.0029 0.0126  -0.0060 9.5732 1.8062 3.4802 0.3357  -2.3954 -1.7395 -0.2066 0.0227  -0.1040 -0.3006 -0.0954 -0.0883 0.8646  -0.1237 0.1825 
# 
loop_
_pdbx_refine_tls_group.pdbx_refine_id 
_pdbx_refine_tls_group.id 
_pdbx_refine_tls_group.refine_tls_id 
_pdbx_refine_tls_group.beg_auth_asym_id 
_pdbx_refine_tls_group.beg_auth_seq_id 
_pdbx_refine_tls_group.beg_label_asym_id 
_pdbx_refine_tls_group.beg_label_seq_id 
_pdbx_refine_tls_group.end_auth_asym_id 
_pdbx_refine_tls_group.end_auth_seq_id 
_pdbx_refine_tls_group.end_label_asym_id 
_pdbx_refine_tls_group.end_label_seq_id 
_pdbx_refine_tls_group.selection 
_pdbx_refine_tls_group.selection_details 
'X-RAY DIFFRACTION' 1 1 ? ? ? ? ? ? ? ? ? 
;chain 'A' and (resid 1 through 16 )
;
'X-RAY DIFFRACTION' 2 2 ? ? ? ? ? ? ? ? ? 
;chain 'B' and (resid 1 through 16 )
;
'X-RAY DIFFRACTION' 3 3 ? ? ? ? ? ? ? ? ? 
;chain 'C' and (resid 1 through 16 )
;
# 
loop_
_software.citation_id 
_software.classification 
_software.compiler_name 
_software.compiler_version 
_software.contact_author 
_software.contact_author_email 
_software.date 
_software.description 
_software.dependencies 
_software.hardware 
_software.language 
_software.location 
_software.mods 
_software.name 
_software.os 
_software.os_version 
_software.type 
_software.version 
_software.pdbx_ordinal 
? refinement       ? ? ? ? ? ? ? ? ? ? ? PHENIX  ? ? ? 1.11.1-2575 1 
? 'data reduction' ? ? ? ? ? ? ? ? ? ? ? XDS     ? ? ? .           2 
? 'data scaling'   ? ? ? ? ? ? ? ? ? ? ? Aimless ? ? ? .           3 
? phasing          ? ? ? ? ? ? ? ? ? ? ? PHASER  ? ? ? .           4 
# 
loop_
_pdbx_validate_close_contact.id 
_pdbx_validate_close_contact.PDB_model_num 
_pdbx_validate_close_contact.auth_atom_id_1 
_pdbx_validate_close_contact.auth_asym_id_1 
_pdbx_validate_close_contact.auth_comp_id_1 
_pdbx_validate_close_contact.auth_seq_id_1 
_pdbx_validate_close_contact.PDB_ins_code_1 
_pdbx_validate_close_contact.label_alt_id_1 
_pdbx_validate_close_contact.auth_atom_id_2 
_pdbx_validate_close_contact.auth_asym_id_2 
_pdbx_validate_close_contact.auth_comp_id_2 
_pdbx_validate_close_contact.auth_seq_id_2 
_pdbx_validate_close_contact.PDB_ins_code_2 
_pdbx_validate_close_contact.label_alt_id_2 
_pdbx_validate_close_contact.dist 
1 1 H1 B ORN 1   ? ? O B HOH 103 ? ? 1.53 
2 1 O  C HOH 103 ? ? O C HOH 104 ? ? 1.85 
3 1 O  B ORN 9   ? ? O B HOH 101 ? ? 2.09 
4 1 O  A HOH 103 ? ? O A HOH 106 ? ? 2.11 
5 1 O  A HOH 106 ? ? O A HOH 109 ? ? 2.14 
6 1 O  C HOH 104 ? ? O C HOH 110 ? ? 2.18 
# 
loop_
_pdbx_validate_symm_contact.id 
_pdbx_validate_symm_contact.PDB_model_num 
_pdbx_validate_symm_contact.auth_atom_id_1 
_pdbx_validate_symm_contact.auth_asym_id_1 
_pdbx_validate_symm_contact.auth_comp_id_1 
_pdbx_validate_symm_contact.auth_seq_id_1 
_pdbx_validate_symm_contact.PDB_ins_code_1 
_pdbx_validate_symm_contact.label_alt_id_1 
_pdbx_validate_symm_contact.site_symmetry_1 
_pdbx_validate_symm_contact.auth_atom_id_2 
_pdbx_validate_symm_contact.auth_asym_id_2 
_pdbx_validate_symm_contact.auth_comp_id_2 
_pdbx_validate_symm_contact.auth_seq_id_2 
_pdbx_validate_symm_contact.PDB_ins_code_2 
_pdbx_validate_symm_contact.label_alt_id_2 
_pdbx_validate_symm_contact.site_symmetry_2 
_pdbx_validate_symm_contact.dist 
1 1 O A HOH 103 ? ? 1_555 O A HOH 103 ? ? 3_556 1.64 
2 1 O C HOH 105 ? ? 1_555 O C HOH 108 ? ? 5_555 2.11 
# 
loop_
_chem_comp_atom.comp_id 
_chem_comp_atom.atom_id 
_chem_comp_atom.type_symbol 
_chem_comp_atom.pdbx_aromatic_flag 
_chem_comp_atom.pdbx_stereo_config 
_chem_comp_atom.pdbx_ordinal 
ALA N    N N N 1   
ALA CA   C N S 2   
ALA C    C N N 3   
ALA O    O N N 4   
ALA CB   C N N 5   
ALA OXT  O N N 6   
ALA H    H N N 7   
ALA H2   H N N 8   
ALA HA   H N N 9   
ALA HB1  H N N 10  
ALA HB2  H N N 11  
ALA HB3  H N N 12  
ALA HXT  H N N 13  
GLU N    N N N 14  
GLU CA   C N S 15  
GLU C    C N N 16  
GLU O    O N N 17  
GLU CB   C N N 18  
GLU CG   C N N 19  
GLU CD   C N N 20  
GLU OE1  O N N 21  
GLU OE2  O N N 22  
GLU OXT  O N N 23  
GLU H    H N N 24  
GLU H2   H N N 25  
GLU HA   H N N 26  
GLU HB2  H N N 27  
GLU HB3  H N N 28  
GLU HG2  H N N 29  
GLU HG3  H N N 30  
GLU HE2  H N N 31  
GLU HXT  H N N 32  
GLY N    N N N 33  
GLY CA   C N N 34  
GLY C    C N N 35  
GLY O    O N N 36  
GLY OXT  O N N 37  
GLY H    H N N 38  
GLY H2   H N N 39  
GLY HA2  H N N 40  
GLY HA3  H N N 41  
GLY HXT  H N N 42  
HOH O    O N N 43  
HOH H1   H N N 44  
HOH H2   H N N 45  
ILE N    N N N 46  
ILE CA   C N S 47  
ILE C    C N N 48  
ILE O    O N N 49  
ILE CB   C N S 50  
ILE CG1  C N N 51  
ILE CG2  C N N 52  
ILE CD1  C N N 53  
ILE OXT  O N N 54  
ILE H    H N N 55  
ILE H2   H N N 56  
ILE HA   H N N 57  
ILE HB   H N N 58  
ILE HG12 H N N 59  
ILE HG13 H N N 60  
ILE HG21 H N N 61  
ILE HG22 H N N 62  
ILE HG23 H N N 63  
ILE HD11 H N N 64  
ILE HD12 H N N 65  
ILE HD13 H N N 66  
ILE HXT  H N N 67  
LEU N    N N N 68  
LEU CA   C N S 69  
LEU C    C N N 70  
LEU O    O N N 71  
LEU CB   C N N 72  
LEU CG   C N N 73  
LEU CD1  C N N 74  
LEU CD2  C N N 75  
LEU OXT  O N N 76  
LEU H    H N N 77  
LEU H2   H N N 78  
LEU HA   H N N 79  
LEU HB2  H N N 80  
LEU HB3  H N N 81  
LEU HG   H N N 82  
LEU HD11 H N N 83  
LEU HD12 H N N 84  
LEU HD13 H N N 85  
LEU HD21 H N N 86  
LEU HD22 H N N 87  
LEU HD23 H N N 88  
LEU HXT  H N N 89  
LYS N    N N N 90  
LYS CA   C N S 91  
LYS C    C N N 92  
LYS O    O N N 93  
LYS CB   C N N 94  
LYS CG   C N N 95  
LYS CD   C N N 96  
LYS CE   C N N 97  
LYS NZ   N N N 98  
LYS OXT  O N N 99  
LYS H    H N N 100 
LYS H2   H N N 101 
LYS HA   H N N 102 
LYS HB2  H N N 103 
LYS HB3  H N N 104 
LYS HG2  H N N 105 
LYS HG3  H N N 106 
LYS HD2  H N N 107 
LYS HD3  H N N 108 
LYS HE2  H N N 109 
LYS HE3  H N N 110 
LYS HZ1  H N N 111 
LYS HZ2  H N N 112 
LYS HZ3  H N N 113 
LYS HXT  H N N 114 
MEA C1   C N N 115 
MEA N    N N N 116 
MEA CA   C N S 117 
MEA C    C N N 118 
MEA O    O N N 119 
MEA CB   C N N 120 
MEA CG   C Y N 121 
MEA CD1  C Y N 122 
MEA CE1  C Y N 123 
MEA CZ   C Y N 124 
MEA CE2  C Y N 125 
MEA CD2  C Y N 126 
MEA OXT  O N N 127 
MEA HC1  H N N 128 
MEA HC2  H N N 129 
MEA HC3  H N N 130 
MEA H    H N N 131 
MEA HA   H N N 132 
MEA HB1  H N N 133 
MEA HB2  H N N 134 
MEA HD1  H N N 135 
MEA HE1  H N N 136 
MEA HZ   H N N 137 
MEA HE2  H N N 138 
MEA HD2  H N N 139 
MEA HXT  H N N 140 
MET N    N N N 141 
MET CA   C N S 142 
MET C    C N N 143 
MET O    O N N 144 
MET CB   C N N 145 
MET CG   C N N 146 
MET SD   S N N 147 
MET CE   C N N 148 
MET OXT  O N N 149 
MET H    H N N 150 
MET H2   H N N 151 
MET HA   H N N 152 
MET HB2  H N N 153 
MET HB3  H N N 154 
MET HG2  H N N 155 
MET HG3  H N N 156 
MET HE1  H N N 157 
MET HE2  H N N 158 
MET HE3  H N N 159 
MET HXT  H N N 160 
ORN N    N N N 161 
ORN CA   C N S 162 
ORN CB   C N N 163 
ORN CG   C N N 164 
ORN CD   C N N 165 
ORN NE   N N N 166 
ORN C    C N N 167 
ORN O    O N N 168 
ORN OXT  O N N 169 
ORN H    H N N 170 
ORN H2   H N N 171 
ORN HA   H N N 172 
ORN HB2  H N N 173 
ORN HB3  H N N 174 
ORN HG2  H N N 175 
ORN HG3  H N N 176 
ORN HD2  H N N 177 
ORN HD3  H N N 178 
ORN HE1  H N N 179 
ORN HE2  H N N 180 
ORN HXT  H N N 181 
PHE N    N N N 182 
PHE CA   C N S 183 
PHE C    C N N 184 
PHE O    O N N 185 
PHE CB   C N N 186 
PHE CG   C Y N 187 
PHE CD1  C Y N 188 
PHE CD2  C Y N 189 
PHE CE1  C Y N 190 
PHE CE2  C Y N 191 
PHE CZ   C Y N 192 
PHE OXT  O N N 193 
PHE H    H N N 194 
PHE H2   H N N 195 
PHE HA   H N N 196 
PHE HB2  H N N 197 
PHE HB3  H N N 198 
PHE HD1  H N N 199 
PHE HD2  H N N 200 
PHE HE1  H N N 201 
PHE HE2  H N N 202 
PHE HZ   H N N 203 
PHE HXT  H N N 204 
VAL N    N N N 205 
VAL CA   C N S 206 
VAL C    C N N 207 
VAL O    O N N 208 
VAL CB   C N N 209 
VAL CG1  C N N 210 
VAL CG2  C N N 211 
VAL OXT  O N N 212 
VAL H    H N N 213 
VAL H2   H N N 214 
VAL HA   H N N 215 
VAL HB   H N N 216 
VAL HG11 H N N 217 
VAL HG12 H N N 218 
VAL HG13 H N N 219 
VAL HG21 H N N 220 
VAL HG22 H N N 221 
VAL HG23 H N N 222 
VAL HXT  H N N 223 
# 
loop_
_chem_comp_bond.comp_id 
_chem_comp_bond.atom_id_1 
_chem_comp_bond.atom_id_2 
_chem_comp_bond.value_order 
_chem_comp_bond.pdbx_aromatic_flag 
_chem_comp_bond.pdbx_stereo_config 
_chem_comp_bond.pdbx_ordinal 
ALA N   CA   sing N N 1   
ALA N   H    sing N N 2   
ALA N   H2   sing N N 3   
ALA CA  C    sing N N 4   
ALA CA  CB   sing N N 5   
ALA CA  HA   sing N N 6   
ALA C   O    doub N N 7   
ALA C   OXT  sing N N 8   
ALA CB  HB1  sing N N 9   
ALA CB  HB2  sing N N 10  
ALA CB  HB3  sing N N 11  
ALA OXT HXT  sing N N 12  
GLU N   CA   sing N N 13  
GLU N   H    sing N N 14  
GLU N   H2   sing N N 15  
GLU CA  C    sing N N 16  
GLU CA  CB   sing N N 17  
GLU CA  HA   sing N N 18  
GLU C   O    doub N N 19  
GLU C   OXT  sing N N 20  
GLU CB  CG   sing N N 21  
GLU CB  HB2  sing N N 22  
GLU CB  HB3  sing N N 23  
GLU CG  CD   sing N N 24  
GLU CG  HG2  sing N N 25  
GLU CG  HG3  sing N N 26  
GLU CD  OE1  doub N N 27  
GLU CD  OE2  sing N N 28  
GLU OE2 HE2  sing N N 29  
GLU OXT HXT  sing N N 30  
GLY N   CA   sing N N 31  
GLY N   H    sing N N 32  
GLY N   H2   sing N N 33  
GLY CA  C    sing N N 34  
GLY CA  HA2  sing N N 35  
GLY CA  HA3  sing N N 36  
GLY C   O    doub N N 37  
GLY C   OXT  sing N N 38  
GLY OXT HXT  sing N N 39  
HOH O   H1   sing N N 40  
HOH O   H2   sing N N 41  
ILE N   CA   sing N N 42  
ILE N   H    sing N N 43  
ILE N   H2   sing N N 44  
ILE CA  C    sing N N 45  
ILE CA  CB   sing N N 46  
ILE CA  HA   sing N N 47  
ILE C   O    doub N N 48  
ILE C   OXT  sing N N 49  
ILE CB  CG1  sing N N 50  
ILE CB  CG2  sing N N 51  
ILE CB  HB   sing N N 52  
ILE CG1 CD1  sing N N 53  
ILE CG1 HG12 sing N N 54  
ILE CG1 HG13 sing N N 55  
ILE CG2 HG21 sing N N 56  
ILE CG2 HG22 sing N N 57  
ILE CG2 HG23 sing N N 58  
ILE CD1 HD11 sing N N 59  
ILE CD1 HD12 sing N N 60  
ILE CD1 HD13 sing N N 61  
ILE OXT HXT  sing N N 62  
LEU N   CA   sing N N 63  
LEU N   H    sing N N 64  
LEU N   H2   sing N N 65  
LEU CA  C    sing N N 66  
LEU CA  CB   sing N N 67  
LEU CA  HA   sing N N 68  
LEU C   O    doub N N 69  
LEU C   OXT  sing N N 70  
LEU CB  CG   sing N N 71  
LEU CB  HB2  sing N N 72  
LEU CB  HB3  sing N N 73  
LEU CG  CD1  sing N N 74  
LEU CG  CD2  sing N N 75  
LEU CG  HG   sing N N 76  
LEU CD1 HD11 sing N N 77  
LEU CD1 HD12 sing N N 78  
LEU CD1 HD13 sing N N 79  
LEU CD2 HD21 sing N N 80  
LEU CD2 HD22 sing N N 81  
LEU CD2 HD23 sing N N 82  
LEU OXT HXT  sing N N 83  
LYS N   CA   sing N N 84  
LYS N   H    sing N N 85  
LYS N   H2   sing N N 86  
LYS CA  C    sing N N 87  
LYS CA  CB   sing N N 88  
LYS CA  HA   sing N N 89  
LYS C   O    doub N N 90  
LYS C   OXT  sing N N 91  
LYS CB  CG   sing N N 92  
LYS CB  HB2  sing N N 93  
LYS CB  HB3  sing N N 94  
LYS CG  CD   sing N N 95  
LYS CG  HG2  sing N N 96  
LYS CG  HG3  sing N N 97  
LYS CD  CE   sing N N 98  
LYS CD  HD2  sing N N 99  
LYS CD  HD3  sing N N 100 
LYS CE  NZ   sing N N 101 
LYS CE  HE2  sing N N 102 
LYS CE  HE3  sing N N 103 
LYS NZ  HZ1  sing N N 104 
LYS NZ  HZ2  sing N N 105 
LYS NZ  HZ3  sing N N 106 
LYS OXT HXT  sing N N 107 
MEA C1  N    sing N N 108 
MEA C1  HC1  sing N N 109 
MEA C1  HC2  sing N N 110 
MEA C1  HC3  sing N N 111 
MEA N   CA   sing N N 112 
MEA N   H    sing N N 113 
MEA CA  C    sing N N 114 
MEA CA  CB   sing N N 115 
MEA CA  HA   sing N N 116 
MEA C   O    doub N N 117 
MEA C   OXT  sing N N 118 
MEA CB  CG   sing N N 119 
MEA CB  HB1  sing N N 120 
MEA CB  HB2  sing N N 121 
MEA CG  CD1  doub Y N 122 
MEA CG  CD2  sing Y N 123 
MEA CD1 CE1  sing Y N 124 
MEA CD1 HD1  sing N N 125 
MEA CE1 CZ   doub Y N 126 
MEA CE1 HE1  sing N N 127 
MEA CZ  CE2  sing Y N 128 
MEA CZ  HZ   sing N N 129 
MEA CE2 CD2  doub Y N 130 
MEA CE2 HE2  sing N N 131 
MEA CD2 HD2  sing N N 132 
MEA OXT HXT  sing N N 133 
MET N   CA   sing N N 134 
MET N   H    sing N N 135 
MET N   H2   sing N N 136 
MET CA  C    sing N N 137 
MET CA  CB   sing N N 138 
MET CA  HA   sing N N 139 
MET C   O    doub N N 140 
MET C   OXT  sing N N 141 
MET CB  CG   sing N N 142 
MET CB  HB2  sing N N 143 
MET CB  HB3  sing N N 144 
MET CG  SD   sing N N 145 
MET CG  HG2  sing N N 146 
MET CG  HG3  sing N N 147 
MET SD  CE   sing N N 148 
MET CE  HE1  sing N N 149 
MET CE  HE2  sing N N 150 
MET CE  HE3  sing N N 151 
MET OXT HXT  sing N N 152 
ORN N   CA   sing N N 153 
ORN N   H    sing N N 154 
ORN N   H2   sing N N 155 
ORN CA  CB   sing N N 156 
ORN CA  C    sing N N 157 
ORN CA  HA   sing N N 158 
ORN CB  CG   sing N N 159 
ORN CB  HB2  sing N N 160 
ORN CB  HB3  sing N N 161 
ORN CG  CD   sing N N 162 
ORN CG  HG2  sing N N 163 
ORN CG  HG3  sing N N 164 
ORN CD  NE   sing N N 165 
ORN CD  HD2  sing N N 166 
ORN CD  HD3  sing N N 167 
ORN NE  HE1  sing N N 168 
ORN NE  HE2  sing N N 169 
ORN C   O    doub N N 170 
ORN C   OXT  sing N N 171 
ORN OXT HXT  sing N N 172 
PHE N   CA   sing N N 173 
PHE N   H    sing N N 174 
PHE N   H2   sing N N 175 
PHE CA  C    sing N N 176 
PHE CA  CB   sing N N 177 
PHE CA  HA   sing N N 178 
PHE C   O    doub N N 179 
PHE C   OXT  sing N N 180 
PHE CB  CG   sing N N 181 
PHE CB  HB2  sing N N 182 
PHE CB  HB3  sing N N 183 
PHE CG  CD1  doub Y N 184 
PHE CG  CD2  sing Y N 185 
PHE CD1 CE1  sing Y N 186 
PHE CD1 HD1  sing N N 187 
PHE CD2 CE2  doub Y N 188 
PHE CD2 HD2  sing N N 189 
PHE CE1 CZ   doub Y N 190 
PHE CE1 HE1  sing N N 191 
PHE CE2 CZ   sing Y N 192 
PHE CE2 HE2  sing N N 193 
PHE CZ  HZ   sing N N 194 
PHE OXT HXT  sing N N 195 
VAL N   CA   sing N N 196 
VAL N   H    sing N N 197 
VAL N   H2   sing N N 198 
VAL CA  C    sing N N 199 
VAL CA  CB   sing N N 200 
VAL CA  HA   sing N N 201 
VAL C   O    doub N N 202 
VAL C   OXT  sing N N 203 
VAL CB  CG1  sing N N 204 
VAL CB  CG2  sing N N 205 
VAL CB  HB   sing N N 206 
VAL CG1 HG11 sing N N 207 
VAL CG1 HG12 sing N N 208 
VAL CG1 HG13 sing N N 209 
VAL CG2 HG21 sing N N 210 
VAL CG2 HG22 sing N N 211 
VAL CG2 HG23 sing N N 212 
VAL OXT HXT  sing N N 213 
# 
_pdbx_audit_support.funding_organization   
'National Institutes of Health/National Institute of General Medical Sciences (NIH/NIGMS)' 
_pdbx_audit_support.country                'United States' 
_pdbx_audit_support.grant_number           GM097562 
_pdbx_audit_support.ordinal                1 
# 
_pdbx_entity_nonpoly.entity_id   2 
_pdbx_entity_nonpoly.name        water 
_pdbx_entity_nonpoly.comp_id     HOH 
# 
_pdbx_initial_refinement_model.id               1 
_pdbx_initial_refinement_model.entity_id_list   ? 
_pdbx_initial_refinement_model.type             'experimental model' 
_pdbx_initial_refinement_model.source_name      PDB 
_pdbx_initial_refinement_model.accession_code   5W4I 
_pdbx_initial_refinement_model.details          ? 
# 
_pdbx_struct_assembly_auth_evidence.id                     1 
_pdbx_struct_assembly_auth_evidence.assembly_id            1 
_pdbx_struct_assembly_auth_evidence.experimental_support   none 
_pdbx_struct_assembly_auth_evidence.details                'The peptide migrates as a hexamer in SDS-PAGE' 
# 
